data_1CPQ
# 
_entry.id   1CPQ 
# 
_audit_conform.dict_name       mmcif_pdbx.dic 
_audit_conform.dict_version    5.397 
_audit_conform.dict_location   http://mmcif.pdb.org/dictionaries/ascii/mmcif_pdbx.dic 
# 
loop_
_database_2.database_id 
_database_2.database_code 
_database_2.pdbx_database_accession 
_database_2.pdbx_DOI 
PDB   1CPQ         pdb_00001cpq 10.2210/pdb1cpq/pdb 
WWPDB D_1000172464 ?            ?                   
# 
loop_
_pdbx_audit_revision_history.ordinal 
_pdbx_audit_revision_history.data_content_type 
_pdbx_audit_revision_history.major_revision 
_pdbx_audit_revision_history.minor_revision 
_pdbx_audit_revision_history.revision_date 
1 'Structure model' 1 0 1996-12-07 
2 'Structure model' 1 1 2008-03-03 
3 'Structure model' 1 2 2011-07-13 
4 'Structure model' 1 3 2024-04-03 
5 'Structure model' 1 4 2024-10-23 
# 
_pdbx_audit_revision_details.ordinal             1 
_pdbx_audit_revision_details.revision_ordinal    1 
_pdbx_audit_revision_details.data_content_type   'Structure model' 
_pdbx_audit_revision_details.provider            repository 
_pdbx_audit_revision_details.type                'Initial release' 
_pdbx_audit_revision_details.description         ? 
_pdbx_audit_revision_details.details             ? 
# 
loop_
_pdbx_audit_revision_group.ordinal 
_pdbx_audit_revision_group.revision_ordinal 
_pdbx_audit_revision_group.data_content_type 
_pdbx_audit_revision_group.group 
1 2 'Structure model' 'Version format compliance' 
2 3 'Structure model' 'Version format compliance' 
3 4 'Structure model' 'Data collection'           
4 4 'Structure model' 'Database references'       
5 4 'Structure model' 'Derived calculations'      
6 4 'Structure model' Other                       
7 4 'Structure model' 'Refinement description'    
8 5 'Structure model' 'Structure summary'         
# 
loop_
_pdbx_audit_revision_category.ordinal 
_pdbx_audit_revision_category.revision_ordinal 
_pdbx_audit_revision_category.data_content_type 
_pdbx_audit_revision_category.category 
1  4 'Structure model' chem_comp_atom                
2  4 'Structure model' chem_comp_bond                
3  4 'Structure model' database_2                    
4  4 'Structure model' pdbx_database_status          
5  4 'Structure model' pdbx_initial_refinement_model 
6  4 'Structure model' struct_conn                   
7  4 'Structure model' struct_conn_type              
8  4 'Structure model' struct_ref_seq_dif            
9  4 'Structure model' struct_site                   
10 5 'Structure model' pdbx_entry_details            
11 5 'Structure model' pdbx_modification_feature     
# 
loop_
_pdbx_audit_revision_item.ordinal 
_pdbx_audit_revision_item.revision_ordinal 
_pdbx_audit_revision_item.data_content_type 
_pdbx_audit_revision_item.item 
1  4 'Structure model' '_database_2.pdbx_DOI'                
2  4 'Structure model' '_database_2.pdbx_database_accession' 
3  4 'Structure model' '_pdbx_database_status.process_site'  
4  4 'Structure model' '_struct_conn.conn_type_id'           
5  4 'Structure model' '_struct_conn.id'                     
6  4 'Structure model' '_struct_conn.pdbx_dist_value'        
7  4 'Structure model' '_struct_conn.pdbx_leaving_atom_flag' 
8  4 'Structure model' '_struct_conn.ptnr1_auth_comp_id'     
9  4 'Structure model' '_struct_conn.ptnr1_auth_seq_id'      
10 4 'Structure model' '_struct_conn.ptnr1_label_asym_id'    
11 4 'Structure model' '_struct_conn.ptnr1_label_atom_id'    
12 4 'Structure model' '_struct_conn.ptnr1_label_comp_id'    
13 4 'Structure model' '_struct_conn.ptnr1_label_seq_id'     
14 4 'Structure model' '_struct_conn.ptnr2_auth_comp_id'     
15 4 'Structure model' '_struct_conn.ptnr2_auth_seq_id'      
16 4 'Structure model' '_struct_conn.ptnr2_label_asym_id'    
17 4 'Structure model' '_struct_conn.ptnr2_label_atom_id'    
18 4 'Structure model' '_struct_conn.ptnr2_label_comp_id'    
19 4 'Structure model' '_struct_conn.ptnr2_label_seq_id'     
20 4 'Structure model' '_struct_conn_type.id'                
21 4 'Structure model' '_struct_ref_seq_dif.details'         
22 4 'Structure model' '_struct_site.pdbx_auth_asym_id'      
23 4 'Structure model' '_struct_site.pdbx_auth_comp_id'      
24 4 'Structure model' '_struct_site.pdbx_auth_seq_id'       
# 
_pdbx_database_status.status_code                     REL 
_pdbx_database_status.entry_id                        1CPQ 
_pdbx_database_status.recvd_initial_deposition_date   1995-08-14 
_pdbx_database_status.deposit_site                    ? 
_pdbx_database_status.process_site                    BNL 
_pdbx_database_status.status_code_sf                  REL 
_pdbx_database_status.status_code_mr                  ? 
_pdbx_database_status.SG_entry                        ? 
_pdbx_database_status.pdb_format_compatible           Y 
_pdbx_database_status.status_code_cs                  ? 
_pdbx_database_status.status_code_nmr_data            ? 
_pdbx_database_status.methods_development_category    ? 
# 
loop_
_audit_author.name 
_audit_author.pdbx_ordinal 
'Tahirov, T.H.'    1 
'Misaki, S.'       2 
'Meyer, T.E.'      3 
'Cusanovich, M.A.' 4 
'Higuchi, Y.'      5 
'Yasuoka, N.'      6 
# 
_citation.id                        primary 
_citation.title                     
;High-resolution crystal structures of two polymorphs of cytochrome c' from the purple phototrophic bacterium rhodobacter capsulatus.
;
_citation.journal_abbrev            J.Mol.Biol. 
_citation.journal_volume            259 
_citation.page_first                467 
_citation.page_last                 479 
_citation.year                      1996 
_citation.journal_id_ASTM           JMOBAK 
_citation.country                   UK 
_citation.journal_id_ISSN           0022-2836 
_citation.journal_id_CSD            0070 
_citation.book_publisher            ? 
_citation.pdbx_database_id_PubMed   8676382 
_citation.pdbx_database_id_DOI      10.1006/jmbi.1996.0333 
# 
loop_
_citation_author.citation_id 
_citation_author.name 
_citation_author.ordinal 
_citation_author.identifier_ORCID 
primary 'Tahirov, T.H.'    1 ? 
primary 'Misaki, S.'       2 ? 
primary 'Meyer, T.E.'      3 ? 
primary 'Cusanovich, M.A.' 4 ? 
primary 'Higuchi, Y.'      5 ? 
primary 'Yasuoka, N.'      6 ? 
# 
loop_
_entity.id 
_entity.type 
_entity.src_method 
_entity.pdbx_description 
_entity.formula_weight 
_entity.pdbx_number_of_molecules 
_entity.pdbx_ec 
_entity.pdbx_mutation 
_entity.pdbx_fragment 
_entity.details 
1 polymer     nat 
;CYTOCHROME C'
;
13154.733 1   ? ? ? ? 
2 non-polymer syn 'PROTOPORPHYRIN IX CONTAINING FE' 616.487   1   ? ? ? ? 
3 water       nat water                             18.015    116 ? ? ? ? 
# 
_entity_poly.entity_id                      1 
_entity_poly.type                           'polypeptide(L)' 
_entity_poly.nstd_linkage                   no 
_entity_poly.nstd_monomer                   no 
_entity_poly.pdbx_seq_one_letter_code       
;ADTKEVLEAREAYFKSLGGSMKAMTGVAKAFDAEAAKVEAAKLEKILATDVAPLFPAGTSSTDLPGQTEAKAAIWANMDD
FGAKGKAMHEAGGAVIAAANAGDGAAFGAALQKLGGTCKACHDDYREED
;
_entity_poly.pdbx_seq_one_letter_code_can   
;ADTKEVLEAREAYFKSLGGSMKAMTGVAKAFDAEAAKVEAAKLEKILATDVAPLFPAGTSSTDLPGQTEAKAAIWANMDD
FGAKGKAMHEAGGAVIAAANAGDGAAFGAALQKLGGTCKACHDDYREED
;
_entity_poly.pdbx_strand_id                 A 
_entity_poly.pdbx_target_identifier         ? 
# 
loop_
_pdbx_entity_nonpoly.entity_id 
_pdbx_entity_nonpoly.name 
_pdbx_entity_nonpoly.comp_id 
2 'PROTOPORPHYRIN IX CONTAINING FE' HEM 
3 water                             HOH 
# 
loop_
_entity_poly_seq.entity_id 
_entity_poly_seq.num 
_entity_poly_seq.mon_id 
_entity_poly_seq.hetero 
1 1   ALA n 
1 2   ASP n 
1 3   THR n 
1 4   LYS n 
1 5   GLU n 
1 6   VAL n 
1 7   LEU n 
1 8   GLU n 
1 9   ALA n 
1 10  ARG n 
1 11  GLU n 
1 12  ALA n 
1 13  TYR n 
1 14  PHE n 
1 15  LYS n 
1 16  SER n 
1 17  LEU n 
1 18  GLY n 
1 19  GLY n 
1 20  SER n 
1 21  MET n 
1 22  LYS n 
1 23  ALA n 
1 24  MET n 
1 25  THR n 
1 26  GLY n 
1 27  VAL n 
1 28  ALA n 
1 29  LYS n 
1 30  ALA n 
1 31  PHE n 
1 32  ASP n 
1 33  ALA n 
1 34  GLU n 
1 35  ALA n 
1 36  ALA n 
1 37  LYS n 
1 38  VAL n 
1 39  GLU n 
1 40  ALA n 
1 41  ALA n 
1 42  LYS n 
1 43  LEU n 
1 44  GLU n 
1 45  LYS n 
1 46  ILE n 
1 47  LEU n 
1 48  ALA n 
1 49  THR n 
1 50  ASP n 
1 51  VAL n 
1 52  ALA n 
1 53  PRO n 
1 54  LEU n 
1 55  PHE n 
1 56  PRO n 
1 57  ALA n 
1 58  GLY n 
1 59  THR n 
1 60  SER n 
1 61  SER n 
1 62  THR n 
1 63  ASP n 
1 64  LEU n 
1 65  PRO n 
1 66  GLY n 
1 67  GLN n 
1 68  THR n 
1 69  GLU n 
1 70  ALA n 
1 71  LYS n 
1 72  ALA n 
1 73  ALA n 
1 74  ILE n 
1 75  TRP n 
1 76  ALA n 
1 77  ASN n 
1 78  MET n 
1 79  ASP n 
1 80  ASP n 
1 81  PHE n 
1 82  GLY n 
1 83  ALA n 
1 84  LYS n 
1 85  GLY n 
1 86  LYS n 
1 87  ALA n 
1 88  MET n 
1 89  HIS n 
1 90  GLU n 
1 91  ALA n 
1 92  GLY n 
1 93  GLY n 
1 94  ALA n 
1 95  VAL n 
1 96  ILE n 
1 97  ALA n 
1 98  ALA n 
1 99  ALA n 
1 100 ASN n 
1 101 ALA n 
1 102 GLY n 
1 103 ASP n 
1 104 GLY n 
1 105 ALA n 
1 106 ALA n 
1 107 PHE n 
1 108 GLY n 
1 109 ALA n 
1 110 ALA n 
1 111 LEU n 
1 112 GLN n 
1 113 LYS n 
1 114 LEU n 
1 115 GLY n 
1 116 GLY n 
1 117 THR n 
1 118 CYS n 
1 119 LYS n 
1 120 ALA n 
1 121 CYS n 
1 122 HIS n 
1 123 ASP n 
1 124 ASP n 
1 125 TYR n 
1 126 ARG n 
1 127 GLU n 
1 128 GLU n 
1 129 ASP n 
# 
_entity_src_nat.entity_id                  1 
_entity_src_nat.pdbx_src_id                1 
_entity_src_nat.pdbx_alt_source_flag       sample 
_entity_src_nat.pdbx_beg_seq_num           ? 
_entity_src_nat.pdbx_end_seq_num           ? 
_entity_src_nat.common_name                ? 
_entity_src_nat.pdbx_organism_scientific   'Rhodobacter capsulatus' 
_entity_src_nat.pdbx_ncbi_taxonomy_id      1061 
_entity_src_nat.genus                      Rhodobacter 
_entity_src_nat.species                    ? 
_entity_src_nat.strain                     M110 
_entity_src_nat.tissue                     ? 
_entity_src_nat.tissue_fraction            ? 
_entity_src_nat.pdbx_secretion             ? 
_entity_src_nat.pdbx_fragment              ? 
_entity_src_nat.pdbx_variant               ? 
_entity_src_nat.pdbx_cell_line             ? 
_entity_src_nat.pdbx_atcc                  ? 
_entity_src_nat.pdbx_cellular_location     ? 
_entity_src_nat.pdbx_organ                 ? 
_entity_src_nat.pdbx_organelle             ? 
_entity_src_nat.pdbx_cell                  ? 
_entity_src_nat.pdbx_plasmid_name          ? 
_entity_src_nat.pdbx_plasmid_details       ? 
_entity_src_nat.details                    
'STRAIN M110 WAS DERIVED FROM THE WILD TYPE GENETIC STRAIN ST. LOUIS. STRAIN M110 DIFFERS FROM STRAIN SP7 IN 12 RESIDUES.' 
# 
loop_
_chem_comp.id 
_chem_comp.type 
_chem_comp.mon_nstd_flag 
_chem_comp.name 
_chem_comp.pdbx_synonyms 
_chem_comp.formula 
_chem_comp.formula_weight 
ALA 'L-peptide linking' y ALANINE                           ?    'C3 H7 N O2'       89.093  
ARG 'L-peptide linking' y ARGININE                          ?    'C6 H15 N4 O2 1'   175.209 
ASN 'L-peptide linking' y ASPARAGINE                        ?    'C4 H8 N2 O3'      132.118 
ASP 'L-peptide linking' y 'ASPARTIC ACID'                   ?    'C4 H7 N O4'       133.103 
CYS 'L-peptide linking' y CYSTEINE                          ?    'C3 H7 N O2 S'     121.158 
GLN 'L-peptide linking' y GLUTAMINE                         ?    'C5 H10 N2 O3'     146.144 
GLU 'L-peptide linking' y 'GLUTAMIC ACID'                   ?    'C5 H9 N O4'       147.129 
GLY 'peptide linking'   y GLYCINE                           ?    'C2 H5 N O2'       75.067  
HEM non-polymer         . 'PROTOPORPHYRIN IX CONTAINING FE' HEME 'C34 H32 Fe N4 O4' 616.487 
HIS 'L-peptide linking' y HISTIDINE                         ?    'C6 H10 N3 O2 1'   156.162 
HOH non-polymer         . WATER                             ?    'H2 O'             18.015  
ILE 'L-peptide linking' y ISOLEUCINE                        ?    'C6 H13 N O2'      131.173 
LEU 'L-peptide linking' y LEUCINE                           ?    'C6 H13 N O2'      131.173 
LYS 'L-peptide linking' y LYSINE                            ?    'C6 H15 N2 O2 1'   147.195 
MET 'L-peptide linking' y METHIONINE                        ?    'C5 H11 N O2 S'    149.211 
PHE 'L-peptide linking' y PHENYLALANINE                     ?    'C9 H11 N O2'      165.189 
PRO 'L-peptide linking' y PROLINE                           ?    'C5 H9 N O2'       115.130 
SER 'L-peptide linking' y SERINE                            ?    'C3 H7 N O3'       105.093 
THR 'L-peptide linking' y THREONINE                         ?    'C4 H9 N O3'       119.119 
TRP 'L-peptide linking' y TRYPTOPHAN                        ?    'C11 H12 N2 O2'    204.225 
TYR 'L-peptide linking' y TYROSINE                          ?    'C9 H11 N O3'      181.189 
VAL 'L-peptide linking' y VALINE                            ?    'C5 H11 N O2'      117.146 
# 
loop_
_pdbx_poly_seq_scheme.asym_id 
_pdbx_poly_seq_scheme.entity_id 
_pdbx_poly_seq_scheme.seq_id 
_pdbx_poly_seq_scheme.mon_id 
_pdbx_poly_seq_scheme.ndb_seq_num 
_pdbx_poly_seq_scheme.pdb_seq_num 
_pdbx_poly_seq_scheme.auth_seq_num 
_pdbx_poly_seq_scheme.pdb_mon_id 
_pdbx_poly_seq_scheme.auth_mon_id 
_pdbx_poly_seq_scheme.pdb_strand_id 
_pdbx_poly_seq_scheme.pdb_ins_code 
_pdbx_poly_seq_scheme.hetero 
A 1 1   ALA 1   1   1   ALA ALA A . n 
A 1 2   ASP 2   2   2   ASP ASP A . n 
A 1 3   THR 3   3   3   THR THR A . n 
A 1 4   LYS 4   4   4   LYS LYS A . n 
A 1 5   GLU 5   5   5   GLU GLU A . n 
A 1 6   VAL 6   6   6   VAL VAL A . n 
A 1 7   LEU 7   7   7   LEU LEU A . n 
A 1 8   GLU 8   8   8   GLU GLU A . n 
A 1 9   ALA 9   9   9   ALA ALA A . n 
A 1 10  ARG 10  10  10  ARG ARG A . n 
A 1 11  GLU 11  11  11  GLU GLU A . n 
A 1 12  ALA 12  12  12  ALA ALA A . n 
A 1 13  TYR 13  13  13  TYR TYR A . n 
A 1 14  PHE 14  14  14  PHE PHE A . n 
A 1 15  LYS 15  15  15  LYS LYS A . n 
A 1 16  SER 16  16  16  SER SER A . n 
A 1 17  LEU 17  17  17  LEU LEU A . n 
A 1 18  GLY 18  18  18  GLY GLY A . n 
A 1 19  GLY 19  19  19  GLY GLY A . n 
A 1 20  SER 20  20  20  SER SER A . n 
A 1 21  MET 21  21  21  MET MET A . n 
A 1 22  LYS 22  22  22  LYS LYS A . n 
A 1 23  ALA 23  23  23  ALA ALA A . n 
A 1 24  MET 24  24  24  MET MET A . n 
A 1 25  THR 25  25  25  THR THR A . n 
A 1 26  GLY 26  26  26  GLY GLY A . n 
A 1 27  VAL 27  27  27  VAL VAL A . n 
A 1 28  ALA 28  28  28  ALA ALA A . n 
A 1 29  LYS 29  29  29  LYS LYS A . n 
A 1 30  ALA 30  30  30  ALA ALA A . n 
A 1 31  PHE 31  31  31  PHE PHE A . n 
A 1 32  ASP 32  32  32  ASP ASP A . n 
A 1 33  ALA 33  33  33  ALA ALA A . n 
A 1 34  GLU 34  34  34  GLU GLU A . n 
A 1 35  ALA 35  35  35  ALA ALA A . n 
A 1 36  ALA 36  36  36  ALA ALA A . n 
A 1 37  LYS 37  37  37  LYS LYS A . n 
A 1 38  VAL 38  38  38  VAL VAL A . n 
A 1 39  GLU 39  39  39  GLU GLU A . n 
A 1 40  ALA 40  40  40  ALA ALA A . n 
A 1 41  ALA 41  41  41  ALA ALA A . n 
A 1 42  LYS 42  42  42  LYS LYS A . n 
A 1 43  LEU 43  43  43  LEU LEU A . n 
A 1 44  GLU 44  44  44  GLU GLU A . n 
A 1 45  LYS 45  45  45  LYS LYS A . n 
A 1 46  ILE 46  46  46  ILE ILE A . n 
A 1 47  LEU 47  47  47  LEU LEU A . n 
A 1 48  ALA 48  48  48  ALA ALA A . n 
A 1 49  THR 49  49  49  THR THR A . n 
A 1 50  ASP 50  50  50  ASP ASP A . n 
A 1 51  VAL 51  51  51  VAL VAL A . n 
A 1 52  ALA 52  52  52  ALA ALA A . n 
A 1 53  PRO 53  53  53  PRO PRO A . n 
A 1 54  LEU 54  54  54  LEU LEU A . n 
A 1 55  PHE 55  55  55  PHE PHE A . n 
A 1 56  PRO 56  56  56  PRO PRO A . n 
A 1 57  ALA 57  57  57  ALA ALA A . n 
A 1 58  GLY 58  58  58  GLY GLY A . n 
A 1 59  THR 59  59  59  THR THR A . n 
A 1 60  SER 60  60  60  SER SER A . n 
A 1 61  SER 61  61  61  SER SER A . n 
A 1 62  THR 62  62  62  THR THR A . n 
A 1 63  ASP 63  63  63  ASP ASP A . n 
A 1 64  LEU 64  64  64  LEU LEU A . n 
A 1 65  PRO 65  65  65  PRO PRO A . n 
A 1 66  GLY 66  66  66  GLY GLY A . n 
A 1 67  GLN 67  67  67  GLN GLN A . n 
A 1 68  THR 68  68  68  THR THR A . n 
A 1 69  GLU 69  69  69  GLU GLU A . n 
A 1 70  ALA 70  70  70  ALA ALA A . n 
A 1 71  LYS 71  71  71  LYS LYS A . n 
A 1 72  ALA 72  72  72  ALA ALA A . n 
A 1 73  ALA 73  73  73  ALA ALA A . n 
A 1 74  ILE 74  74  74  ILE ILE A . n 
A 1 75  TRP 75  75  75  TRP TRP A . n 
A 1 76  ALA 76  76  76  ALA ALA A . n 
A 1 77  ASN 77  77  77  ASN ASN A . n 
A 1 78  MET 78  78  78  MET MET A . n 
A 1 79  ASP 79  79  79  ASP ASP A . n 
A 1 80  ASP 80  80  80  ASP ASP A . n 
A 1 81  PHE 81  81  81  PHE PHE A . n 
A 1 82  GLY 82  82  82  GLY GLY A . n 
A 1 83  ALA 83  83  83  ALA ALA A . n 
A 1 84  LYS 84  84  84  LYS LYS A . n 
A 1 85  GLY 85  85  85  GLY GLY A . n 
A 1 86  LYS 86  86  86  LYS LYS A . n 
A 1 87  ALA 87  87  87  ALA ALA A . n 
A 1 88  MET 88  88  88  MET MET A . n 
A 1 89  HIS 89  89  89  HIS HIS A . n 
A 1 90  GLU 90  90  90  GLU GLU A . n 
A 1 91  ALA 91  91  91  ALA ALA A . n 
A 1 92  GLY 92  92  92  GLY GLY A . n 
A 1 93  GLY 93  93  93  GLY GLY A . n 
A 1 94  ALA 94  94  94  ALA ALA A . n 
A 1 95  VAL 95  95  95  VAL VAL A . n 
A 1 96  ILE 96  96  96  ILE ILE A . n 
A 1 97  ALA 97  97  97  ALA ALA A . n 
A 1 98  ALA 98  98  98  ALA ALA A . n 
A 1 99  ALA 99  99  99  ALA ALA A . n 
A 1 100 ASN 100 100 100 ASN ASN A . n 
A 1 101 ALA 101 101 101 ALA ALA A . n 
A 1 102 GLY 102 102 102 GLY GLY A . n 
A 1 103 ASP 103 103 103 ASP ASP A . n 
A 1 104 GLY 104 104 104 GLY GLY A . n 
A 1 105 ALA 105 105 105 ALA ALA A . n 
A 1 106 ALA 106 106 106 ALA ALA A . n 
A 1 107 PHE 107 107 107 PHE PHE A . n 
A 1 108 GLY 108 108 108 GLY GLY A . n 
A 1 109 ALA 109 109 109 ALA ALA A . n 
A 1 110 ALA 110 110 110 ALA ALA A . n 
A 1 111 LEU 111 111 111 LEU LEU A . n 
A 1 112 GLN 112 112 112 GLN GLN A . n 
A 1 113 LYS 113 113 113 LYS LYS A . n 
A 1 114 LEU 114 114 114 LEU LEU A . n 
A 1 115 GLY 115 115 115 GLY GLY A . n 
A 1 116 GLY 116 116 116 GLY GLY A . n 
A 1 117 THR 117 117 117 THR THR A . n 
A 1 118 CYS 118 118 118 CYS CYS A . n 
A 1 119 LYS 119 119 119 LYS LYS A . n 
A 1 120 ALA 120 120 120 ALA ALA A . n 
A 1 121 CYS 121 121 121 CYS CYS A . n 
A 1 122 HIS 122 122 122 HIS HIS A . n 
A 1 123 ASP 123 123 123 ASP ASP A . n 
A 1 124 ASP 124 124 124 ASP ASP A . n 
A 1 125 TYR 125 125 125 TYR TYR A . n 
A 1 126 ARG 126 126 126 ARG ARG A . n 
A 1 127 GLU 127 127 127 GLU GLU A . n 
A 1 128 GLU 128 128 128 GLU GLU A . n 
A 1 129 ASP 129 129 129 ASP ASP A . n 
# 
loop_
_pdbx_nonpoly_scheme.asym_id 
_pdbx_nonpoly_scheme.entity_id 
_pdbx_nonpoly_scheme.mon_id 
_pdbx_nonpoly_scheme.ndb_seq_num 
_pdbx_nonpoly_scheme.pdb_seq_num 
_pdbx_nonpoly_scheme.auth_seq_num 
_pdbx_nonpoly_scheme.pdb_mon_id 
_pdbx_nonpoly_scheme.auth_mon_id 
_pdbx_nonpoly_scheme.pdb_strand_id 
_pdbx_nonpoly_scheme.pdb_ins_code 
B 2 HEM 1   130 1   HEM HEM A . 
C 3 HOH 1   131 1   HOH HOH A . 
C 3 HOH 2   132 2   HOH HOH A . 
C 3 HOH 3   133 3   HOH HOH A . 
C 3 HOH 4   134 4   HOH HOH A . 
C 3 HOH 5   135 5   HOH HOH A . 
C 3 HOH 6   136 6   HOH HOH A . 
C 3 HOH 7   137 7   HOH HOH A . 
C 3 HOH 8   138 8   HOH HOH A . 
C 3 HOH 9   139 9   HOH HOH A . 
C 3 HOH 10  140 10  HOH HOH A . 
C 3 HOH 11  141 11  HOH HOH A . 
C 3 HOH 12  142 12  HOH HOH A . 
C 3 HOH 13  143 13  HOH HOH A . 
C 3 HOH 14  144 14  HOH HOH A . 
C 3 HOH 15  145 15  HOH HOH A . 
C 3 HOH 16  146 16  HOH HOH A . 
C 3 HOH 17  147 17  HOH HOH A . 
C 3 HOH 18  148 18  HOH HOH A . 
C 3 HOH 19  149 19  HOH HOH A . 
C 3 HOH 20  150 20  HOH HOH A . 
C 3 HOH 21  151 21  HOH HOH A . 
C 3 HOH 22  152 22  HOH HOH A . 
C 3 HOH 23  153 23  HOH HOH A . 
C 3 HOH 24  154 24  HOH HOH A . 
C 3 HOH 25  155 25  HOH HOH A . 
C 3 HOH 26  156 26  HOH HOH A . 
C 3 HOH 27  157 27  HOH HOH A . 
C 3 HOH 28  158 28  HOH HOH A . 
C 3 HOH 29  159 29  HOH HOH A . 
C 3 HOH 30  160 30  HOH HOH A . 
C 3 HOH 31  161 31  HOH HOH A . 
C 3 HOH 32  162 32  HOH HOH A . 
C 3 HOH 33  163 33  HOH HOH A . 
C 3 HOH 34  164 34  HOH HOH A . 
C 3 HOH 35  165 35  HOH HOH A . 
C 3 HOH 36  166 36  HOH HOH A . 
C 3 HOH 37  167 37  HOH HOH A . 
C 3 HOH 38  168 38  HOH HOH A . 
C 3 HOH 39  169 39  HOH HOH A . 
C 3 HOH 40  170 40  HOH HOH A . 
C 3 HOH 41  171 41  HOH HOH A . 
C 3 HOH 42  172 42  HOH HOH A . 
C 3 HOH 43  173 43  HOH HOH A . 
C 3 HOH 44  174 44  HOH HOH A . 
C 3 HOH 45  175 45  HOH HOH A . 
C 3 HOH 46  176 46  HOH HOH A . 
C 3 HOH 47  177 47  HOH HOH A . 
C 3 HOH 48  178 48  HOH HOH A . 
C 3 HOH 49  179 49  HOH HOH A . 
C 3 HOH 50  180 50  HOH HOH A . 
C 3 HOH 51  181 51  HOH HOH A . 
C 3 HOH 52  182 52  HOH HOH A . 
C 3 HOH 53  183 53  HOH HOH A . 
C 3 HOH 54  184 54  HOH HOH A . 
C 3 HOH 55  185 55  HOH HOH A . 
C 3 HOH 56  186 56  HOH HOH A . 
C 3 HOH 57  187 57  HOH HOH A . 
C 3 HOH 58  188 58  HOH HOH A . 
C 3 HOH 59  189 59  HOH HOH A . 
C 3 HOH 60  190 60  HOH HOH A . 
C 3 HOH 61  191 61  HOH HOH A . 
C 3 HOH 62  192 62  HOH HOH A . 
C 3 HOH 63  193 63  HOH HOH A . 
C 3 HOH 64  194 64  HOH HOH A . 
C 3 HOH 65  195 65  HOH HOH A . 
C 3 HOH 66  196 66  HOH HOH A . 
C 3 HOH 67  197 67  HOH HOH A . 
C 3 HOH 68  198 68  HOH HOH A . 
C 3 HOH 69  199 69  HOH HOH A . 
C 3 HOH 70  200 70  HOH HOH A . 
C 3 HOH 71  201 71  HOH HOH A . 
C 3 HOH 72  202 72  HOH HOH A . 
C 3 HOH 73  203 73  HOH HOH A . 
C 3 HOH 74  204 74  HOH HOH A . 
C 3 HOH 75  205 75  HOH HOH A . 
C 3 HOH 76  206 76  HOH HOH A . 
C 3 HOH 77  207 77  HOH HOH A . 
C 3 HOH 78  208 78  HOH HOH A . 
C 3 HOH 79  209 79  HOH HOH A . 
C 3 HOH 80  210 80  HOH HOH A . 
C 3 HOH 81  211 81  HOH HOH A . 
C 3 HOH 82  212 82  HOH HOH A . 
C 3 HOH 83  213 83  HOH HOH A . 
C 3 HOH 84  214 84  HOH HOH A . 
C 3 HOH 85  215 85  HOH HOH A . 
C 3 HOH 86  216 86  HOH HOH A . 
C 3 HOH 87  217 87  HOH HOH A . 
C 3 HOH 88  218 88  HOH HOH A . 
C 3 HOH 89  219 89  HOH HOH A . 
C 3 HOH 90  220 90  HOH HOH A . 
C 3 HOH 91  221 91  HOH HOH A . 
C 3 HOH 92  222 92  HOH HOH A . 
C 3 HOH 93  223 93  HOH HOH A . 
C 3 HOH 94  224 94  HOH HOH A . 
C 3 HOH 95  225 95  HOH HOH A . 
C 3 HOH 96  226 96  HOH HOH A . 
C 3 HOH 97  227 97  HOH HOH A . 
C 3 HOH 98  228 98  HOH HOH A . 
C 3 HOH 99  229 99  HOH HOH A . 
C 3 HOH 100 230 100 HOH HOH A . 
C 3 HOH 101 231 101 HOH HOH A . 
C 3 HOH 102 232 102 HOH HOH A . 
C 3 HOH 103 233 103 HOH HOH A . 
C 3 HOH 104 234 104 HOH HOH A . 
C 3 HOH 105 235 105 HOH HOH A . 
C 3 HOH 106 236 106 HOH HOH A . 
C 3 HOH 107 237 107 HOH HOH A . 
C 3 HOH 108 238 108 HOH HOH A . 
C 3 HOH 109 239 109 HOH HOH A . 
C 3 HOH 110 240 110 HOH HOH A . 
C 3 HOH 111 241 111 HOH HOH A . 
C 3 HOH 112 242 112 HOH HOH A . 
C 3 HOH 113 243 113 HOH HOH A . 
C 3 HOH 114 244 114 HOH HOH A . 
C 3 HOH 115 245 115 HOH HOH A . 
C 3 HOH 116 246 116 HOH HOH A . 
# 
loop_
_software.name 
_software.classification 
_software.version 
_software.citation_id 
_software.pdbx_ordinal 
X-PLOR    refinement       . ? 1 
DENZO     'data reduction' . ? 2 
SCALEPACK 'data scaling'   . ? 3 
# 
_cell.entry_id           1CPQ 
_cell.length_a           47.820 
_cell.length_b           72.590 
_cell.length_c           34.320 
_cell.angle_alpha        90.00 
_cell.angle_beta         90.00 
_cell.angle_gamma        90.00 
_cell.Z_PDB              4 
_cell.pdbx_unique_axis   ? 
# 
_symmetry.entry_id                         1CPQ 
_symmetry.space_group_name_H-M             'P 21 21 2' 
_symmetry.pdbx_full_space_group_name_H-M   ? 
_symmetry.cell_setting                     ? 
_symmetry.Int_Tables_number                18 
# 
_exptl.entry_id          1CPQ 
_exptl.method            'X-RAY DIFFRACTION' 
_exptl.crystals_number   1 
# 
_exptl_crystal.id                    1 
_exptl_crystal.density_meas          ? 
_exptl_crystal.density_Matthews      2.26 
_exptl_crystal.density_percent_sol   42. 
_exptl_crystal.description           ? 
# 
_diffrn.id                     1 
_diffrn.ambient_temp           283 
_diffrn.ambient_temp_details   ? 
_diffrn.crystal_id             1 
# 
_diffrn_detector.diffrn_id              1 
_diffrn_detector.detector               'IMAGE PLATE' 
_diffrn_detector.type                   FUJI 
_diffrn_detector.pdbx_collection_date   1994-04-26 
_diffrn_detector.details                ? 
# 
_diffrn_radiation.diffrn_id                        1 
_diffrn_radiation.wavelength_id                    1 
_diffrn_radiation.pdbx_monochromatic_or_laue_m_l   M 
_diffrn_radiation.monochromator                    Y 
_diffrn_radiation.pdbx_diffrn_protocol             ? 
_diffrn_radiation.pdbx_scattering_type             x-ray 
# 
_diffrn_radiation_wavelength.id           1 
_diffrn_radiation_wavelength.wavelength   1.0 
_diffrn_radiation_wavelength.wt           1.0 
# 
_diffrn_source.diffrn_id                   1 
_diffrn_source.source                      SYNCHROTRON 
_diffrn_source.type                        'PHOTON FACTORY BEAMLINE BL-6A' 
_diffrn_source.pdbx_synchrotron_site       'Photon Factory' 
_diffrn_source.pdbx_synchrotron_beamline   BL-6A 
_diffrn_source.pdbx_wavelength             1.0 
_diffrn_source.pdbx_wavelength_list        ? 
# 
_reflns.entry_id                     1CPQ 
_reflns.observed_criterion_sigma_I   -3. 
_reflns.observed_criterion_sigma_F   ? 
_reflns.d_resolution_low             30. 
_reflns.d_resolution_high            1.7 
_reflns.number_obs                   11127 
_reflns.number_all                   ? 
_reflns.percent_possible_obs         80.2 
_reflns.pdbx_Rmerge_I_obs            0.0710000 
_reflns.pdbx_Rsym_value              ? 
_reflns.pdbx_netI_over_sigmaI        12.4 
_reflns.B_iso_Wilson_estimate        ? 
_reflns.pdbx_redundancy              3.95 
_reflns.pdbx_diffrn_id               1 
_reflns.pdbx_ordinal                 1 
# 
_refine.entry_id                                 1CPQ 
_refine.ls_number_reflns_obs                     8479 
_refine.ls_number_reflns_all                     ? 
_refine.pdbx_ls_sigma_I                          ? 
_refine.pdbx_ls_sigma_F                          2. 
_refine.pdbx_data_cutoff_high_absF               ? 
_refine.pdbx_data_cutoff_low_absF                ? 
_refine.pdbx_data_cutoff_high_rms_absF           ? 
_refine.ls_d_res_low                             6. 
_refine.ls_d_res_high                            1.72 
_refine.ls_percent_reflns_obs                    ? 
_refine.ls_R_factor_obs                          0.1500000 
_refine.ls_R_factor_all                          ? 
_refine.ls_R_factor_R_work                       0.1500000 
_refine.ls_R_factor_R_free                       ? 
_refine.ls_R_factor_R_free_error                 ? 
_refine.ls_R_factor_R_free_error_details         ? 
_refine.ls_percent_reflns_R_free                 ? 
_refine.ls_number_reflns_R_free                  ? 
_refine.ls_number_parameters                     ? 
_refine.ls_number_restraints                     ? 
_refine.occupancy_min                            ? 
_refine.occupancy_max                            ? 
_refine.B_iso_mean                               27.46 
_refine.aniso_B[1][1]                            ? 
_refine.aniso_B[2][2]                            ? 
_refine.aniso_B[3][3]                            ? 
_refine.aniso_B[1][2]                            ? 
_refine.aniso_B[1][3]                            ? 
_refine.aniso_B[2][3]                            ? 
_refine.solvent_model_details                    ? 
_refine.solvent_model_param_ksol                 ? 
_refine.solvent_model_param_bsol                 ? 
_refine.pdbx_ls_cross_valid_method               ? 
_refine.details                                  ? 
_refine.pdbx_starting_model                      'RHODOSPIRILLUM RUBRUM CYTOCHROME C' 
_refine.pdbx_method_to_determine_struct          MOLECULAR 
_refine.pdbx_isotropic_thermal_model             ? 
_refine.pdbx_stereochemistry_target_values       ? 
_refine.pdbx_stereochem_target_val_spec_case     ? 
_refine.pdbx_R_Free_selection_details            ? 
_refine.pdbx_overall_ESU_R                       ? 
_refine.pdbx_overall_ESU_R_Free                  ? 
_refine.overall_SU_ML                            ? 
_refine.overall_SU_B                             ? 
_refine.pdbx_refine_id                           'X-RAY DIFFRACTION' 
_refine.pdbx_diffrn_id                           1 
_refine.pdbx_TLS_residual_ADP_flag               ? 
_refine.correlation_coeff_Fo_to_Fc               ? 
_refine.correlation_coeff_Fo_to_Fc_free          ? 
_refine.pdbx_solvent_vdw_probe_radii             ? 
_refine.pdbx_solvent_ion_probe_radii             ? 
_refine.pdbx_solvent_shrinkage_radii             ? 
_refine.pdbx_overall_phase_error                 ? 
_refine.overall_SU_R_Cruickshank_DPI             ? 
_refine.pdbx_overall_SU_R_free_Cruickshank_DPI   ? 
_refine.pdbx_overall_SU_R_Blow_DPI               ? 
_refine.pdbx_overall_SU_R_free_Blow_DPI          ? 
# 
_refine_analyze.entry_id                        1CPQ 
_refine_analyze.Luzzati_coordinate_error_obs    0.15 
_refine_analyze.Luzzati_sigma_a_obs             ? 
_refine_analyze.Luzzati_d_res_low_obs           ? 
_refine_analyze.Luzzati_coordinate_error_free   ? 
_refine_analyze.Luzzati_sigma_a_free            ? 
_refine_analyze.Luzzati_d_res_low_free          ? 
_refine_analyze.number_disordered_residues      ? 
_refine_analyze.occupancy_sum_hydrogen          ? 
_refine_analyze.occupancy_sum_non_hydrogen      ? 
_refine_analyze.pdbx_refine_id                  'X-RAY DIFFRACTION' 
# 
_refine_hist.pdbx_refine_id                   'X-RAY DIFFRACTION' 
_refine_hist.cycle_id                         LAST 
_refine_hist.pdbx_number_atoms_protein        1907 
_refine_hist.pdbx_number_atoms_nucleic_acid   0 
_refine_hist.pdbx_number_atoms_ligand         43 
_refine_hist.number_atoms_solvent             116 
_refine_hist.number_atoms_total               2066 
_refine_hist.d_res_high                       1.72 
_refine_hist.d_res_low                        6. 
# 
loop_
_refine_ls_restr.type 
_refine_ls_restr.dev_ideal 
_refine_ls_restr.dev_ideal_target 
_refine_ls_restr.weight 
_refine_ls_restr.number 
_refine_ls_restr.pdbx_refine_id 
_refine_ls_restr.pdbx_restraint_function 
x_bond_d                0.01  ? ? ? 'X-RAY DIFFRACTION' ? 
x_bond_d_na             ?     ? ? ? 'X-RAY DIFFRACTION' ? 
x_bond_d_prot           ?     ? ? ? 'X-RAY DIFFRACTION' ? 
x_angle_d               ?     ? ? ? 'X-RAY DIFFRACTION' ? 
x_angle_d_na            ?     ? ? ? 'X-RAY DIFFRACTION' ? 
x_angle_d_prot          ?     ? ? ? 'X-RAY DIFFRACTION' ? 
x_angle_deg             1.34  ? ? ? 'X-RAY DIFFRACTION' ? 
x_angle_deg_na          ?     ? ? ? 'X-RAY DIFFRACTION' ? 
x_angle_deg_prot        ?     ? ? ? 'X-RAY DIFFRACTION' ? 
x_dihedral_angle_d      19.40 ? ? ? 'X-RAY DIFFRACTION' ? 
x_dihedral_angle_d_na   ?     ? ? ? 'X-RAY DIFFRACTION' ? 
x_dihedral_angle_d_prot ?     ? ? ? 'X-RAY DIFFRACTION' ? 
x_improper_angle_d      1.37  ? ? ? 'X-RAY DIFFRACTION' ? 
x_improper_angle_d_na   ?     ? ? ? 'X-RAY DIFFRACTION' ? 
x_improper_angle_d_prot ?     ? ? ? 'X-RAY DIFFRACTION' ? 
x_mcbond_it             ?     ? ? ? 'X-RAY DIFFRACTION' ? 
x_mcangle_it            ?     ? ? ? 'X-RAY DIFFRACTION' ? 
x_scbond_it             ?     ? ? ? 'X-RAY DIFFRACTION' ? 
x_scangle_it            ?     ? ? ? 'X-RAY DIFFRACTION' ? 
# 
_struct.entry_id                  1CPQ 
_struct.title                     
;CYTOCHROME C' FROM RHODOPSEUDOMONAS CAPSULATA
;
_struct.pdbx_model_details        ? 
_struct.pdbx_CASP_flag            ? 
_struct.pdbx_model_type_details   ? 
# 
_struct_keywords.entry_id        1CPQ 
_struct_keywords.pdbx_keywords   'ELECTRON TRANSPORT' 
_struct_keywords.text            'ELECTRON TRANSPORT, CYTOCHROME' 
# 
loop_
_struct_asym.id 
_struct_asym.pdbx_blank_PDB_chainid_flag 
_struct_asym.pdbx_modified 
_struct_asym.entity_id 
_struct_asym.details 
A N N 1 ? 
B N N 2 ? 
C N N 3 ? 
# 
_struct_ref.id                         1 
_struct_ref.db_name                    UNP 
_struct_ref.db_code                    CYCP_RHOCA 
_struct_ref.entity_id                  1 
_struct_ref.pdbx_db_accession          P00147 
_struct_ref.pdbx_align_begin           1 
_struct_ref.pdbx_seq_one_letter_code   
;MRKILLALPVAALVLGSAAYAADTKEVLEAREAYFKSLGGSMKAMTGVAKAFDAEAAKVEAAKLEKILATDVAPLFPAGT
SSTDLPGQTEAKAAIWANMDDFGAKGKAMHDAGGAVIAAANAGDGAAFGAALQKLGGTCKACHDDYREED
;
_struct_ref.pdbx_db_isoform            ? 
# 
_struct_ref_seq.align_id                      1 
_struct_ref_seq.ref_id                        1 
_struct_ref_seq.pdbx_PDB_id_code              1CPQ 
_struct_ref_seq.pdbx_strand_id                A 
_struct_ref_seq.seq_align_beg                 1 
_struct_ref_seq.pdbx_seq_align_beg_ins_code   ? 
_struct_ref_seq.seq_align_end                 129 
_struct_ref_seq.pdbx_seq_align_end_ins_code   ? 
_struct_ref_seq.pdbx_db_accession             P00147 
_struct_ref_seq.db_align_beg                  22 
_struct_ref_seq.pdbx_db_align_beg_ins_code    ? 
_struct_ref_seq.db_align_end                  150 
_struct_ref_seq.pdbx_db_align_end_ins_code    ? 
_struct_ref_seq.pdbx_auth_seq_align_beg       1 
_struct_ref_seq.pdbx_auth_seq_align_end       129 
# 
_struct_ref_seq_dif.align_id                     1 
_struct_ref_seq_dif.pdbx_pdb_id_code             1CPQ 
_struct_ref_seq_dif.mon_id                       GLU 
_struct_ref_seq_dif.pdbx_pdb_strand_id           A 
_struct_ref_seq_dif.seq_num                      90 
_struct_ref_seq_dif.pdbx_pdb_ins_code            ? 
_struct_ref_seq_dif.pdbx_seq_db_name             UNP 
_struct_ref_seq_dif.pdbx_seq_db_accession_code   P00147 
_struct_ref_seq_dif.db_mon_id                    ASP 
_struct_ref_seq_dif.pdbx_seq_db_seq_num          111 
_struct_ref_seq_dif.details                      variant 
_struct_ref_seq_dif.pdbx_auth_seq_num            90 
_struct_ref_seq_dif.pdbx_ordinal                 1 
# 
_pdbx_struct_assembly.id                   1 
_pdbx_struct_assembly.details              author_defined_assembly 
_pdbx_struct_assembly.method_details       ? 
_pdbx_struct_assembly.oligomeric_details   monomeric 
_pdbx_struct_assembly.oligomeric_count     1 
# 
_pdbx_struct_assembly_gen.assembly_id       1 
_pdbx_struct_assembly_gen.oper_expression   1 
_pdbx_struct_assembly_gen.asym_id_list      A,B,C 
# 
_pdbx_struct_oper_list.id                   1 
_pdbx_struct_oper_list.type                 'identity operation' 
_pdbx_struct_oper_list.name                 1_555 
_pdbx_struct_oper_list.symmetry_operation   x,y,z 
_pdbx_struct_oper_list.matrix[1][1]         1.0000000000 
_pdbx_struct_oper_list.matrix[1][2]         0.0000000000 
_pdbx_struct_oper_list.matrix[1][3]         0.0000000000 
_pdbx_struct_oper_list.vector[1]            0.0000000000 
_pdbx_struct_oper_list.matrix[2][1]         0.0000000000 
_pdbx_struct_oper_list.matrix[2][2]         1.0000000000 
_pdbx_struct_oper_list.matrix[2][3]         0.0000000000 
_pdbx_struct_oper_list.vector[2]            0.0000000000 
_pdbx_struct_oper_list.matrix[3][1]         0.0000000000 
_pdbx_struct_oper_list.matrix[3][2]         0.0000000000 
_pdbx_struct_oper_list.matrix[3][3]         1.0000000000 
_pdbx_struct_oper_list.vector[3]            0.0000000000 
# 
_struct_biol.id   1 
# 
loop_
_struct_conf.conf_type_id 
_struct_conf.id 
_struct_conf.pdbx_PDB_helix_id 
_struct_conf.beg_label_comp_id 
_struct_conf.beg_label_asym_id 
_struct_conf.beg_label_seq_id 
_struct_conf.pdbx_beg_PDB_ins_code 
_struct_conf.end_label_comp_id 
_struct_conf.end_label_asym_id 
_struct_conf.end_label_seq_id 
_struct_conf.pdbx_end_PDB_ins_code 
_struct_conf.beg_auth_comp_id 
_struct_conf.beg_auth_asym_id 
_struct_conf.beg_auth_seq_id 
_struct_conf.end_auth_comp_id 
_struct_conf.end_auth_asym_id 
_struct_conf.end_auth_seq_id 
_struct_conf.pdbx_PDB_helix_class 
_struct_conf.details 
_struct_conf.pdbx_PDB_helix_length 
HELX_P HELX_P1 1 THR A 3   ? LYS A 29  ? THR A 3   LYS A 29  1 ? 27 
HELX_P HELX_P2 2 ALA A 33  ? ILE A 46  ? ALA A 33  ILE A 46  1 ? 14 
HELX_P HELX_P3 3 ALA A 73  ? ALA A 76  ? ALA A 73  ALA A 76  5 ? 4  
HELX_P HELX_P4 4 MET A 78  ? ALA A 101 ? MET A 78  ALA A 101 1 ? 24 
HELX_P HELX_P5 5 GLY A 104 ? TYR A 125 ? GLY A 104 TYR A 125 1 ? 22 
# 
_struct_conf_type.id          HELX_P 
_struct_conf_type.criteria    ? 
_struct_conf_type.reference   ? 
# 
loop_
_struct_conn.id 
_struct_conn.conn_type_id 
_struct_conn.pdbx_leaving_atom_flag 
_struct_conn.pdbx_PDB_id 
_struct_conn.ptnr1_label_asym_id 
_struct_conn.ptnr1_label_comp_id 
_struct_conn.ptnr1_label_seq_id 
_struct_conn.ptnr1_label_atom_id 
_struct_conn.pdbx_ptnr1_label_alt_id 
_struct_conn.pdbx_ptnr1_PDB_ins_code 
_struct_conn.pdbx_ptnr1_standard_comp_id 
_struct_conn.ptnr1_symmetry 
_struct_conn.ptnr2_label_asym_id 
_struct_conn.ptnr2_label_comp_id 
_struct_conn.ptnr2_label_seq_id 
_struct_conn.ptnr2_label_atom_id 
_struct_conn.pdbx_ptnr2_label_alt_id 
_struct_conn.pdbx_ptnr2_PDB_ins_code 
_struct_conn.ptnr1_auth_asym_id 
_struct_conn.ptnr1_auth_comp_id 
_struct_conn.ptnr1_auth_seq_id 
_struct_conn.ptnr2_auth_asym_id 
_struct_conn.ptnr2_auth_comp_id 
_struct_conn.ptnr2_auth_seq_id 
_struct_conn.ptnr2_symmetry 
_struct_conn.pdbx_ptnr3_label_atom_id 
_struct_conn.pdbx_ptnr3_label_seq_id 
_struct_conn.pdbx_ptnr3_label_comp_id 
_struct_conn.pdbx_ptnr3_label_asym_id 
_struct_conn.pdbx_ptnr3_label_alt_id 
_struct_conn.pdbx_ptnr3_PDB_ins_code 
_struct_conn.details 
_struct_conn.pdbx_dist_value 
_struct_conn.pdbx_value_order 
_struct_conn.pdbx_role 
covale1 covale none ? A CYS 118 SG  ? ? ? 1_555 B HEM . CAB ? ? A CYS 118 A HEM 130 1_555 ? ? ? ? ? ? ? 1.814 ? ? 
covale2 covale none ? A CYS 121 SG  ? ? ? 1_555 B HEM . CAC ? ? A CYS 121 A HEM 130 1_555 ? ? ? ? ? ? ? 1.811 ? ? 
metalc1 metalc ?    ? A HIS 122 NE2 ? ? ? 1_555 B HEM . FE  ? ? A HIS 122 A HEM 130 1_555 ? ? ? ? ? ? ? 2.009 ? ? 
# 
loop_
_struct_conn_type.id 
_struct_conn_type.criteria 
_struct_conn_type.reference 
covale ? ? 
metalc ? ? 
# 
loop_
_pdbx_struct_conn_angle.id 
_pdbx_struct_conn_angle.ptnr1_label_atom_id 
_pdbx_struct_conn_angle.ptnr1_label_alt_id 
_pdbx_struct_conn_angle.ptnr1_label_asym_id 
_pdbx_struct_conn_angle.ptnr1_label_comp_id 
_pdbx_struct_conn_angle.ptnr1_label_seq_id 
_pdbx_struct_conn_angle.ptnr1_auth_atom_id 
_pdbx_struct_conn_angle.ptnr1_auth_asym_id 
_pdbx_struct_conn_angle.ptnr1_auth_comp_id 
_pdbx_struct_conn_angle.ptnr1_auth_seq_id 
_pdbx_struct_conn_angle.ptnr1_PDB_ins_code 
_pdbx_struct_conn_angle.ptnr1_symmetry 
_pdbx_struct_conn_angle.ptnr2_label_atom_id 
_pdbx_struct_conn_angle.ptnr2_label_alt_id 
_pdbx_struct_conn_angle.ptnr2_label_asym_id 
_pdbx_struct_conn_angle.ptnr2_label_comp_id 
_pdbx_struct_conn_angle.ptnr2_label_seq_id 
_pdbx_struct_conn_angle.ptnr2_auth_atom_id 
_pdbx_struct_conn_angle.ptnr2_auth_asym_id 
_pdbx_struct_conn_angle.ptnr2_auth_comp_id 
_pdbx_struct_conn_angle.ptnr2_auth_seq_id 
_pdbx_struct_conn_angle.ptnr2_PDB_ins_code 
_pdbx_struct_conn_angle.ptnr2_symmetry 
_pdbx_struct_conn_angle.ptnr3_label_atom_id 
_pdbx_struct_conn_angle.ptnr3_label_alt_id 
_pdbx_struct_conn_angle.ptnr3_label_asym_id 
_pdbx_struct_conn_angle.ptnr3_label_comp_id 
_pdbx_struct_conn_angle.ptnr3_label_seq_id 
_pdbx_struct_conn_angle.ptnr3_auth_atom_id 
_pdbx_struct_conn_angle.ptnr3_auth_asym_id 
_pdbx_struct_conn_angle.ptnr3_auth_comp_id 
_pdbx_struct_conn_angle.ptnr3_auth_seq_id 
_pdbx_struct_conn_angle.ptnr3_PDB_ins_code 
_pdbx_struct_conn_angle.ptnr3_symmetry 
_pdbx_struct_conn_angle.value 
_pdbx_struct_conn_angle.value_esd 
1  NE2 ? A HIS 122 ? A HIS 122 ? 1_555 FE ? B HEM . ? A HEM 130 ? 1_555 NA ? B HEM . ? A HEM 130 ? 1_555 96.0  ? 
2  NE2 ? A HIS 122 ? A HIS 122 ? 1_555 FE ? B HEM . ? A HEM 130 ? 1_555 NB ? B HEM . ? A HEM 130 ? 1_555 91.8  ? 
3  NA  ? B HEM .   ? A HEM 130 ? 1_555 FE ? B HEM . ? A HEM 130 ? 1_555 NB ? B HEM . ? A HEM 130 ? 1_555 87.5  ? 
4  NE2 ? A HIS 122 ? A HIS 122 ? 1_555 FE ? B HEM . ? A HEM 130 ? 1_555 NC ? B HEM . ? A HEM 130 ? 1_555 95.1  ? 
5  NA  ? B HEM .   ? A HEM 130 ? 1_555 FE ? B HEM . ? A HEM 130 ? 1_555 NC ? B HEM . ? A HEM 130 ? 1_555 168.7 ? 
6  NB  ? B HEM .   ? A HEM 130 ? 1_555 FE ? B HEM . ? A HEM 130 ? 1_555 NC ? B HEM . ? A HEM 130 ? 1_555 90.1  ? 
7  NE2 ? A HIS 122 ? A HIS 122 ? 1_555 FE ? B HEM . ? A HEM 130 ? 1_555 ND ? B HEM . ? A HEM 130 ? 1_555 99.8  ? 
8  NA  ? B HEM .   ? A HEM 130 ? 1_555 FE ? B HEM . ? A HEM 130 ? 1_555 ND ? B HEM . ? A HEM 130 ? 1_555 91.7  ? 
9  NB  ? B HEM .   ? A HEM 130 ? 1_555 FE ? B HEM . ? A HEM 130 ? 1_555 ND ? B HEM . ? A HEM 130 ? 1_555 168.4 ? 
10 NC  ? B HEM .   ? A HEM 130 ? 1_555 FE ? B HEM . ? A HEM 130 ? 1_555 ND ? B HEM . ? A HEM 130 ? 1_555 88.3  ? 
# 
loop_
_pdbx_modification_feature.ordinal 
_pdbx_modification_feature.label_comp_id 
_pdbx_modification_feature.label_asym_id 
_pdbx_modification_feature.label_seq_id 
_pdbx_modification_feature.label_alt_id 
_pdbx_modification_feature.modified_residue_label_comp_id 
_pdbx_modification_feature.modified_residue_label_asym_id 
_pdbx_modification_feature.modified_residue_label_seq_id 
_pdbx_modification_feature.modified_residue_label_alt_id 
_pdbx_modification_feature.auth_comp_id 
_pdbx_modification_feature.auth_asym_id 
_pdbx_modification_feature.auth_seq_id 
_pdbx_modification_feature.PDB_ins_code 
_pdbx_modification_feature.symmetry 
_pdbx_modification_feature.modified_residue_auth_comp_id 
_pdbx_modification_feature.modified_residue_auth_asym_id 
_pdbx_modification_feature.modified_residue_auth_seq_id 
_pdbx_modification_feature.modified_residue_PDB_ins_code 
_pdbx_modification_feature.modified_residue_symmetry 
_pdbx_modification_feature.comp_id_linking_atom 
_pdbx_modification_feature.modified_residue_id_linking_atom 
_pdbx_modification_feature.modified_residue_id 
_pdbx_modification_feature.ref_pcm_id 
_pdbx_modification_feature.ref_comp_id 
_pdbx_modification_feature.type 
_pdbx_modification_feature.category 
1 HEM B . ? CYS A 118 ? HEM A 130 ? 1_555 CYS A 118 ? 1_555 CAB SG CYS 2 HEM None Heme/heme-like 
2 HEM B . ? CYS A 121 ? HEM A 130 ? 1_555 CYS A 121 ? 1_555 CAC SG CYS 3 HEM None Heme/heme-like 
# 
_struct_site.id                   AC1 
_struct_site.pdbx_evidence_code   Software 
_struct_site.pdbx_auth_asym_id    A 
_struct_site.pdbx_auth_comp_id    HEM 
_struct_site.pdbx_auth_seq_id     130 
_struct_site.pdbx_auth_ins_code   ? 
_struct_site.pdbx_num_residues    15 
_struct_site.details              'BINDING SITE FOR RESIDUE HEM A 130' 
# 
loop_
_struct_site_gen.id 
_struct_site_gen.site_id 
_struct_site_gen.pdbx_num_res 
_struct_site_gen.label_comp_id 
_struct_site_gen.label_asym_id 
_struct_site_gen.label_seq_id 
_struct_site_gen.pdbx_auth_ins_code 
_struct_site_gen.auth_comp_id 
_struct_site_gen.auth_asym_id 
_struct_site_gen.auth_seq_id 
_struct_site_gen.label_atom_id 
_struct_site_gen.label_alt_id 
_struct_site_gen.symmetry 
_struct_site_gen.details 
1  AC1 15 ARG A 10  ? ARG A 10  . ? 1_555 ? 
2  AC1 15 GLU A 11  ? GLU A 11  . ? 1_555 ? 
3  AC1 15 PHE A 14  ? PHE A 14  . ? 1_555 ? 
4  AC1 15 LYS A 15  ? LYS A 15  . ? 1_555 ? 
5  AC1 15 THR A 68  ? THR A 68  . ? 1_555 ? 
6  AC1 15 GLU A 69  ? GLU A 69  . ? 1_555 ? 
7  AC1 15 ILE A 74  ? ILE A 74  . ? 1_555 ? 
8  AC1 15 PHE A 81  ? PHE A 81  . ? 1_555 ? 
9  AC1 15 GLY A 85  ? GLY A 85  . ? 1_555 ? 
10 AC1 15 THR A 117 ? THR A 117 . ? 1_555 ? 
11 AC1 15 CYS A 118 ? CYS A 118 . ? 1_555 ? 
12 AC1 15 CYS A 121 ? CYS A 121 . ? 1_555 ? 
13 AC1 15 HIS A 122 ? HIS A 122 . ? 1_555 ? 
14 AC1 15 ARG A 126 ? ARG A 126 . ? 1_555 ? 
15 AC1 15 HOH C .   ? HOH A 143 . ? 1_555 ? 
# 
_pdbx_entry_details.entry_id                   1CPQ 
_pdbx_entry_details.compound_details           ? 
_pdbx_entry_details.source_details             ? 
_pdbx_entry_details.nonpolymer_details         ? 
_pdbx_entry_details.sequence_details           ? 
_pdbx_entry_details.has_ligand_of_interest     ? 
_pdbx_entry_details.has_protein_modification   Y 
# 
_pdbx_validate_symm_contact.id                1 
_pdbx_validate_symm_contact.PDB_model_num     1 
_pdbx_validate_symm_contact.auth_atom_id_1    HZ2 
_pdbx_validate_symm_contact.auth_asym_id_1    A 
_pdbx_validate_symm_contact.auth_comp_id_1    LYS 
_pdbx_validate_symm_contact.auth_seq_id_1     119 
_pdbx_validate_symm_contact.PDB_ins_code_1    ? 
_pdbx_validate_symm_contact.label_alt_id_1    ? 
_pdbx_validate_symm_contact.site_symmetry_1   1_555 
_pdbx_validate_symm_contact.auth_atom_id_2    H2 
_pdbx_validate_symm_contact.auth_asym_id_2    A 
_pdbx_validate_symm_contact.auth_comp_id_2    HOH 
_pdbx_validate_symm_contact.auth_seq_id_2     190 
_pdbx_validate_symm_contact.PDB_ins_code_2    ? 
_pdbx_validate_symm_contact.label_alt_id_2    ? 
_pdbx_validate_symm_contact.site_symmetry_2   4_556 
_pdbx_validate_symm_contact.dist              1.32 
# 
loop_
_pdbx_validate_torsion.id 
_pdbx_validate_torsion.PDB_model_num 
_pdbx_validate_torsion.auth_comp_id 
_pdbx_validate_torsion.auth_asym_id 
_pdbx_validate_torsion.auth_seq_id 
_pdbx_validate_torsion.PDB_ins_code 
_pdbx_validate_torsion.label_alt_id 
_pdbx_validate_torsion.phi 
_pdbx_validate_torsion.psi 
1 1 THR A 3   ? ? -26.62  -52.19 
2 1 PHE A 55  ? ? -118.26 56.31  
3 1 GLU A 128 ? ? -115.92 54.50  
# 
loop_
_chem_comp_atom.comp_id 
_chem_comp_atom.atom_id 
_chem_comp_atom.type_symbol 
_chem_comp_atom.pdbx_aromatic_flag 
_chem_comp_atom.pdbx_stereo_config 
_chem_comp_atom.pdbx_ordinal 
ALA N    N  N N 1   
ALA CA   C  N S 2   
ALA C    C  N N 3   
ALA O    O  N N 4   
ALA CB   C  N N 5   
ALA OXT  O  N N 6   
ALA H    H  N N 7   
ALA H2   H  N N 8   
ALA HA   H  N N 9   
ALA HB1  H  N N 10  
ALA HB2  H  N N 11  
ALA HB3  H  N N 12  
ALA HXT  H  N N 13  
ARG N    N  N N 14  
ARG CA   C  N S 15  
ARG C    C  N N 16  
ARG O    O  N N 17  
ARG CB   C  N N 18  
ARG CG   C  N N 19  
ARG CD   C  N N 20  
ARG NE   N  N N 21  
ARG CZ   C  N N 22  
ARG NH1  N  N N 23  
ARG NH2  N  N N 24  
ARG OXT  O  N N 25  
ARG H    H  N N 26  
ARG H2   H  N N 27  
ARG HA   H  N N 28  
ARG HB2  H  N N 29  
ARG HB3  H  N N 30  
ARG HG2  H  N N 31  
ARG HG3  H  N N 32  
ARG HD2  H  N N 33  
ARG HD3  H  N N 34  
ARG HE   H  N N 35  
ARG HH11 H  N N 36  
ARG HH12 H  N N 37  
ARG HH21 H  N N 38  
ARG HH22 H  N N 39  
ARG HXT  H  N N 40  
ASN N    N  N N 41  
ASN CA   C  N S 42  
ASN C    C  N N 43  
ASN O    O  N N 44  
ASN CB   C  N N 45  
ASN CG   C  N N 46  
ASN OD1  O  N N 47  
ASN ND2  N  N N 48  
ASN OXT  O  N N 49  
ASN H    H  N N 50  
ASN H2   H  N N 51  
ASN HA   H  N N 52  
ASN HB2  H  N N 53  
ASN HB3  H  N N 54  
ASN HD21 H  N N 55  
ASN HD22 H  N N 56  
ASN HXT  H  N N 57  
ASP N    N  N N 58  
ASP CA   C  N S 59  
ASP C    C  N N 60  
ASP O    O  N N 61  
ASP CB   C  N N 62  
ASP CG   C  N N 63  
ASP OD1  O  N N 64  
ASP OD2  O  N N 65  
ASP OXT  O  N N 66  
ASP H    H  N N 67  
ASP H2   H  N N 68  
ASP HA   H  N N 69  
ASP HB2  H  N N 70  
ASP HB3  H  N N 71  
ASP HD2  H  N N 72  
ASP HXT  H  N N 73  
CYS N    N  N N 74  
CYS CA   C  N R 75  
CYS C    C  N N 76  
CYS O    O  N N 77  
CYS CB   C  N N 78  
CYS SG   S  N N 79  
CYS OXT  O  N N 80  
CYS H    H  N N 81  
CYS H2   H  N N 82  
CYS HA   H  N N 83  
CYS HB2  H  N N 84  
CYS HB3  H  N N 85  
CYS HG   H  N N 86  
CYS HXT  H  N N 87  
GLN N    N  N N 88  
GLN CA   C  N S 89  
GLN C    C  N N 90  
GLN O    O  N N 91  
GLN CB   C  N N 92  
GLN CG   C  N N 93  
GLN CD   C  N N 94  
GLN OE1  O  N N 95  
GLN NE2  N  N N 96  
GLN OXT  O  N N 97  
GLN H    H  N N 98  
GLN H2   H  N N 99  
GLN HA   H  N N 100 
GLN HB2  H  N N 101 
GLN HB3  H  N N 102 
GLN HG2  H  N N 103 
GLN HG3  H  N N 104 
GLN HE21 H  N N 105 
GLN HE22 H  N N 106 
GLN HXT  H  N N 107 
GLU N    N  N N 108 
GLU CA   C  N S 109 
GLU C    C  N N 110 
GLU O    O  N N 111 
GLU CB   C  N N 112 
GLU CG   C  N N 113 
GLU CD   C  N N 114 
GLU OE1  O  N N 115 
GLU OE2  O  N N 116 
GLU OXT  O  N N 117 
GLU H    H  N N 118 
GLU H2   H  N N 119 
GLU HA   H  N N 120 
GLU HB2  H  N N 121 
GLU HB3  H  N N 122 
GLU HG2  H  N N 123 
GLU HG3  H  N N 124 
GLU HE2  H  N N 125 
GLU HXT  H  N N 126 
GLY N    N  N N 127 
GLY CA   C  N N 128 
GLY C    C  N N 129 
GLY O    O  N N 130 
GLY OXT  O  N N 131 
GLY H    H  N N 132 
GLY H2   H  N N 133 
GLY HA2  H  N N 134 
GLY HA3  H  N N 135 
GLY HXT  H  N N 136 
HEM CHA  C  N N 137 
HEM CHB  C  N N 138 
HEM CHC  C  N N 139 
HEM CHD  C  N N 140 
HEM C1A  C  Y N 141 
HEM C2A  C  Y N 142 
HEM C3A  C  Y N 143 
HEM C4A  C  Y N 144 
HEM CMA  C  N N 145 
HEM CAA  C  N N 146 
HEM CBA  C  N N 147 
HEM CGA  C  N N 148 
HEM O1A  O  N N 149 
HEM O2A  O  N N 150 
HEM C1B  C  N N 151 
HEM C2B  C  N N 152 
HEM C3B  C  N N 153 
HEM C4B  C  N N 154 
HEM CMB  C  N N 155 
HEM CAB  C  N N 156 
HEM CBB  C  N N 157 
HEM C1C  C  Y N 158 
HEM C2C  C  Y N 159 
HEM C3C  C  Y N 160 
HEM C4C  C  Y N 161 
HEM CMC  C  N N 162 
HEM CAC  C  N N 163 
HEM CBC  C  N N 164 
HEM C1D  C  N N 165 
HEM C2D  C  N N 166 
HEM C3D  C  N N 167 
HEM C4D  C  N N 168 
HEM CMD  C  N N 169 
HEM CAD  C  N N 170 
HEM CBD  C  N N 171 
HEM CGD  C  N N 172 
HEM O1D  O  N N 173 
HEM O2D  O  N N 174 
HEM NA   N  Y N 175 
HEM NB   N  N N 176 
HEM NC   N  Y N 177 
HEM ND   N  N N 178 
HEM FE   FE N N 179 
HEM HHB  H  N N 180 
HEM HHC  H  N N 181 
HEM HHD  H  N N 182 
HEM HMA  H  N N 183 
HEM HMAA H  N N 184 
HEM HMAB H  N N 185 
HEM HAA  H  N N 186 
HEM HAAA H  N N 187 
HEM HBA  H  N N 188 
HEM HBAA H  N N 189 
HEM HMB  H  N N 190 
HEM HMBA H  N N 191 
HEM HMBB H  N N 192 
HEM HAB  H  N N 193 
HEM HBB  H  N N 194 
HEM HBBA H  N N 195 
HEM HMC  H  N N 196 
HEM HMCA H  N N 197 
HEM HMCB H  N N 198 
HEM HAC  H  N N 199 
HEM HBC  H  N N 200 
HEM HBCA H  N N 201 
HEM HMD  H  N N 202 
HEM HMDA H  N N 203 
HEM HMDB H  N N 204 
HEM HAD  H  N N 205 
HEM HADA H  N N 206 
HEM HBD  H  N N 207 
HEM HBDA H  N N 208 
HEM H2A  H  N N 209 
HEM H2D  H  N N 210 
HEM HHA  H  N N 211 
HIS N    N  N N 212 
HIS CA   C  N S 213 
HIS C    C  N N 214 
HIS O    O  N N 215 
HIS CB   C  N N 216 
HIS CG   C  Y N 217 
HIS ND1  N  Y N 218 
HIS CD2  C  Y N 219 
HIS CE1  C  Y N 220 
HIS NE2  N  Y N 221 
HIS OXT  O  N N 222 
HIS H    H  N N 223 
HIS H2   H  N N 224 
HIS HA   H  N N 225 
HIS HB2  H  N N 226 
HIS HB3  H  N N 227 
HIS HD1  H  N N 228 
HIS HD2  H  N N 229 
HIS HE1  H  N N 230 
HIS HE2  H  N N 231 
HIS HXT  H  N N 232 
HOH O    O  N N 233 
HOH H1   H  N N 234 
HOH H2   H  N N 235 
ILE N    N  N N 236 
ILE CA   C  N S 237 
ILE C    C  N N 238 
ILE O    O  N N 239 
ILE CB   C  N S 240 
ILE CG1  C  N N 241 
ILE CG2  C  N N 242 
ILE CD1  C  N N 243 
ILE OXT  O  N N 244 
ILE H    H  N N 245 
ILE H2   H  N N 246 
ILE HA   H  N N 247 
ILE HB   H  N N 248 
ILE HG12 H  N N 249 
ILE HG13 H  N N 250 
ILE HG21 H  N N 251 
ILE HG22 H  N N 252 
ILE HG23 H  N N 253 
ILE HD11 H  N N 254 
ILE HD12 H  N N 255 
ILE HD13 H  N N 256 
ILE HXT  H  N N 257 
LEU N    N  N N 258 
LEU CA   C  N S 259 
LEU C    C  N N 260 
LEU O    O  N N 261 
LEU CB   C  N N 262 
LEU CG   C  N N 263 
LEU CD1  C  N N 264 
LEU CD2  C  N N 265 
LEU OXT  O  N N 266 
LEU H    H  N N 267 
LEU H2   H  N N 268 
LEU HA   H  N N 269 
LEU HB2  H  N N 270 
LEU HB3  H  N N 271 
LEU HG   H  N N 272 
LEU HD11 H  N N 273 
LEU HD12 H  N N 274 
LEU HD13 H  N N 275 
LEU HD21 H  N N 276 
LEU HD22 H  N N 277 
LEU HD23 H  N N 278 
LEU HXT  H  N N 279 
LYS N    N  N N 280 
LYS CA   C  N S 281 
LYS C    C  N N 282 
LYS O    O  N N 283 
LYS CB   C  N N 284 
LYS CG   C  N N 285 
LYS CD   C  N N 286 
LYS CE   C  N N 287 
LYS NZ   N  N N 288 
LYS OXT  O  N N 289 
LYS H    H  N N 290 
LYS H2   H  N N 291 
LYS HA   H  N N 292 
LYS HB2  H  N N 293 
LYS HB3  H  N N 294 
LYS HG2  H  N N 295 
LYS HG3  H  N N 296 
LYS HD2  H  N N 297 
LYS HD3  H  N N 298 
LYS HE2  H  N N 299 
LYS HE3  H  N N 300 
LYS HZ1  H  N N 301 
LYS HZ2  H  N N 302 
LYS HZ3  H  N N 303 
LYS HXT  H  N N 304 
MET N    N  N N 305 
MET CA   C  N S 306 
MET C    C  N N 307 
MET O    O  N N 308 
MET CB   C  N N 309 
MET CG   C  N N 310 
MET SD   S  N N 311 
MET CE   C  N N 312 
MET OXT  O  N N 313 
MET H    H  N N 314 
MET H2   H  N N 315 
MET HA   H  N N 316 
MET HB2  H  N N 317 
MET HB3  H  N N 318 
MET HG2  H  N N 319 
MET HG3  H  N N 320 
MET HE1  H  N N 321 
MET HE2  H  N N 322 
MET HE3  H  N N 323 
MET HXT  H  N N 324 
PHE N    N  N N 325 
PHE CA   C  N S 326 
PHE C    C  N N 327 
PHE O    O  N N 328 
PHE CB   C  N N 329 
PHE CG   C  Y N 330 
PHE CD1  C  Y N 331 
PHE CD2  C  Y N 332 
PHE CE1  C  Y N 333 
PHE CE2  C  Y N 334 
PHE CZ   C  Y N 335 
PHE OXT  O  N N 336 
PHE H    H  N N 337 
PHE H2   H  N N 338 
PHE HA   H  N N 339 
PHE HB2  H  N N 340 
PHE HB3  H  N N 341 
PHE HD1  H  N N 342 
PHE HD2  H  N N 343 
PHE HE1  H  N N 344 
PHE HE2  H  N N 345 
PHE HZ   H  N N 346 
PHE HXT  H  N N 347 
PRO N    N  N N 348 
PRO CA   C  N S 349 
PRO C    C  N N 350 
PRO O    O  N N 351 
PRO CB   C  N N 352 
PRO CG   C  N N 353 
PRO CD   C  N N 354 
PRO OXT  O  N N 355 
PRO H    H  N N 356 
PRO HA   H  N N 357 
PRO HB2  H  N N 358 
PRO HB3  H  N N 359 
PRO HG2  H  N N 360 
PRO HG3  H  N N 361 
PRO HD2  H  N N 362 
PRO HD3  H  N N 363 
PRO HXT  H  N N 364 
SER N    N  N N 365 
SER CA   C  N S 366 
SER C    C  N N 367 
SER O    O  N N 368 
SER CB   C  N N 369 
SER OG   O  N N 370 
SER OXT  O  N N 371 
SER H    H  N N 372 
SER H2   H  N N 373 
SER HA   H  N N 374 
SER HB2  H  N N 375 
SER HB3  H  N N 376 
SER HG   H  N N 377 
SER HXT  H  N N 378 
THR N    N  N N 379 
THR CA   C  N S 380 
THR C    C  N N 381 
THR O    O  N N 382 
THR CB   C  N R 383 
THR OG1  O  N N 384 
THR CG2  C  N N 385 
THR OXT  O  N N 386 
THR H    H  N N 387 
THR H2   H  N N 388 
THR HA   H  N N 389 
THR HB   H  N N 390 
THR HG1  H  N N 391 
THR HG21 H  N N 392 
THR HG22 H  N N 393 
THR HG23 H  N N 394 
THR HXT  H  N N 395 
TRP N    N  N N 396 
TRP CA   C  N S 397 
TRP C    C  N N 398 
TRP O    O  N N 399 
TRP CB   C  N N 400 
TRP CG   C  Y N 401 
TRP CD1  C  Y N 402 
TRP CD2  C  Y N 403 
TRP NE1  N  Y N 404 
TRP CE2  C  Y N 405 
TRP CE3  C  Y N 406 
TRP CZ2  C  Y N 407 
TRP CZ3  C  Y N 408 
TRP CH2  C  Y N 409 
TRP OXT  O  N N 410 
TRP H    H  N N 411 
TRP H2   H  N N 412 
TRP HA   H  N N 413 
TRP HB2  H  N N 414 
TRP HB3  H  N N 415 
TRP HD1  H  N N 416 
TRP HE1  H  N N 417 
TRP HE3  H  N N 418 
TRP HZ2  H  N N 419 
TRP HZ3  H  N N 420 
TRP HH2  H  N N 421 
TRP HXT  H  N N 422 
TYR N    N  N N 423 
TYR CA   C  N S 424 
TYR C    C  N N 425 
TYR O    O  N N 426 
TYR CB   C  N N 427 
TYR CG   C  Y N 428 
TYR CD1  C  Y N 429 
TYR CD2  C  Y N 430 
TYR CE1  C  Y N 431 
TYR CE2  C  Y N 432 
TYR CZ   C  Y N 433 
TYR OH   O  N N 434 
TYR OXT  O  N N 435 
TYR H    H  N N 436 
TYR H2   H  N N 437 
TYR HA   H  N N 438 
TYR HB2  H  N N 439 
TYR HB3  H  N N 440 
TYR HD1  H  N N 441 
TYR HD2  H  N N 442 
TYR HE1  H  N N 443 
TYR HE2  H  N N 444 
TYR HH   H  N N 445 
TYR HXT  H  N N 446 
VAL N    N  N N 447 
VAL CA   C  N S 448 
VAL C    C  N N 449 
VAL O    O  N N 450 
VAL CB   C  N N 451 
VAL CG1  C  N N 452 
VAL CG2  C  N N 453 
VAL OXT  O  N N 454 
VAL H    H  N N 455 
VAL H2   H  N N 456 
VAL HA   H  N N 457 
VAL HB   H  N N 458 
VAL HG11 H  N N 459 
VAL HG12 H  N N 460 
VAL HG13 H  N N 461 
VAL HG21 H  N N 462 
VAL HG22 H  N N 463 
VAL HG23 H  N N 464 
VAL HXT  H  N N 465 
# 
loop_
_chem_comp_bond.comp_id 
_chem_comp_bond.atom_id_1 
_chem_comp_bond.atom_id_2 
_chem_comp_bond.value_order 
_chem_comp_bond.pdbx_aromatic_flag 
_chem_comp_bond.pdbx_stereo_config 
_chem_comp_bond.pdbx_ordinal 
ALA N   CA   sing N N 1   
ALA N   H    sing N N 2   
ALA N   H2   sing N N 3   
ALA CA  C    sing N N 4   
ALA CA  CB   sing N N 5   
ALA CA  HA   sing N N 6   
ALA C   O    doub N N 7   
ALA C   OXT  sing N N 8   
ALA CB  HB1  sing N N 9   
ALA CB  HB2  sing N N 10  
ALA CB  HB3  sing N N 11  
ALA OXT HXT  sing N N 12  
ARG N   CA   sing N N 13  
ARG N   H    sing N N 14  
ARG N   H2   sing N N 15  
ARG CA  C    sing N N 16  
ARG CA  CB   sing N N 17  
ARG CA  HA   sing N N 18  
ARG C   O    doub N N 19  
ARG C   OXT  sing N N 20  
ARG CB  CG   sing N N 21  
ARG CB  HB2  sing N N 22  
ARG CB  HB3  sing N N 23  
ARG CG  CD   sing N N 24  
ARG CG  HG2  sing N N 25  
ARG CG  HG3  sing N N 26  
ARG CD  NE   sing N N 27  
ARG CD  HD2  sing N N 28  
ARG CD  HD3  sing N N 29  
ARG NE  CZ   sing N N 30  
ARG NE  HE   sing N N 31  
ARG CZ  NH1  sing N N 32  
ARG CZ  NH2  doub N N 33  
ARG NH1 HH11 sing N N 34  
ARG NH1 HH12 sing N N 35  
ARG NH2 HH21 sing N N 36  
ARG NH2 HH22 sing N N 37  
ARG OXT HXT  sing N N 38  
ASN N   CA   sing N N 39  
ASN N   H    sing N N 40  
ASN N   H2   sing N N 41  
ASN CA  C    sing N N 42  
ASN CA  CB   sing N N 43  
ASN CA  HA   sing N N 44  
ASN C   O    doub N N 45  
ASN C   OXT  sing N N 46  
ASN CB  CG   sing N N 47  
ASN CB  HB2  sing N N 48  
ASN CB  HB3  sing N N 49  
ASN CG  OD1  doub N N 50  
ASN CG  ND2  sing N N 51  
ASN ND2 HD21 sing N N 52  
ASN ND2 HD22 sing N N 53  
ASN OXT HXT  sing N N 54  
ASP N   CA   sing N N 55  
ASP N   H    sing N N 56  
ASP N   H2   sing N N 57  
ASP CA  C    sing N N 58  
ASP CA  CB   sing N N 59  
ASP CA  HA   sing N N 60  
ASP C   O    doub N N 61  
ASP C   OXT  sing N N 62  
ASP CB  CG   sing N N 63  
ASP CB  HB2  sing N N 64  
ASP CB  HB3  sing N N 65  
ASP CG  OD1  doub N N 66  
ASP CG  OD2  sing N N 67  
ASP OD2 HD2  sing N N 68  
ASP OXT HXT  sing N N 69  
CYS N   CA   sing N N 70  
CYS N   H    sing N N 71  
CYS N   H2   sing N N 72  
CYS CA  C    sing N N 73  
CYS CA  CB   sing N N 74  
CYS CA  HA   sing N N 75  
CYS C   O    doub N N 76  
CYS C   OXT  sing N N 77  
CYS CB  SG   sing N N 78  
CYS CB  HB2  sing N N 79  
CYS CB  HB3  sing N N 80  
CYS SG  HG   sing N N 81  
CYS OXT HXT  sing N N 82  
GLN N   CA   sing N N 83  
GLN N   H    sing N N 84  
GLN N   H2   sing N N 85  
GLN CA  C    sing N N 86  
GLN CA  CB   sing N N 87  
GLN CA  HA   sing N N 88  
GLN C   O    doub N N 89  
GLN C   OXT  sing N N 90  
GLN CB  CG   sing N N 91  
GLN CB  HB2  sing N N 92  
GLN CB  HB3  sing N N 93  
GLN CG  CD   sing N N 94  
GLN CG  HG2  sing N N 95  
GLN CG  HG3  sing N N 96  
GLN CD  OE1  doub N N 97  
GLN CD  NE2  sing N N 98  
GLN NE2 HE21 sing N N 99  
GLN NE2 HE22 sing N N 100 
GLN OXT HXT  sing N N 101 
GLU N   CA   sing N N 102 
GLU N   H    sing N N 103 
GLU N   H2   sing N N 104 
GLU CA  C    sing N N 105 
GLU CA  CB   sing N N 106 
GLU CA  HA   sing N N 107 
GLU C   O    doub N N 108 
GLU C   OXT  sing N N 109 
GLU CB  CG   sing N N 110 
GLU CB  HB2  sing N N 111 
GLU CB  HB3  sing N N 112 
GLU CG  CD   sing N N 113 
GLU CG  HG2  sing N N 114 
GLU CG  HG3  sing N N 115 
GLU CD  OE1  doub N N 116 
GLU CD  OE2  sing N N 117 
GLU OE2 HE2  sing N N 118 
GLU OXT HXT  sing N N 119 
GLY N   CA   sing N N 120 
GLY N   H    sing N N 121 
GLY N   H2   sing N N 122 
GLY CA  C    sing N N 123 
GLY CA  HA2  sing N N 124 
GLY CA  HA3  sing N N 125 
GLY C   O    doub N N 126 
GLY C   OXT  sing N N 127 
GLY OXT HXT  sing N N 128 
HEM CHA C1A  sing N N 129 
HEM CHA C4D  doub N N 130 
HEM CHA HHA  sing N N 131 
HEM CHB C4A  sing N N 132 
HEM CHB C1B  doub N N 133 
HEM CHB HHB  sing N N 134 
HEM CHC C4B  sing N N 135 
HEM CHC C1C  doub N N 136 
HEM CHC HHC  sing N N 137 
HEM CHD C4C  doub N N 138 
HEM CHD C1D  sing N N 139 
HEM CHD HHD  sing N N 140 
HEM C1A C2A  doub Y N 141 
HEM C1A NA   sing Y N 142 
HEM C2A C3A  sing Y N 143 
HEM C2A CAA  sing N N 144 
HEM C3A C4A  doub Y N 145 
HEM C3A CMA  sing N N 146 
HEM C4A NA   sing Y N 147 
HEM CMA HMA  sing N N 148 
HEM CMA HMAA sing N N 149 
HEM CMA HMAB sing N N 150 
HEM CAA CBA  sing N N 151 
HEM CAA HAA  sing N N 152 
HEM CAA HAAA sing N N 153 
HEM CBA CGA  sing N N 154 
HEM CBA HBA  sing N N 155 
HEM CBA HBAA sing N N 156 
HEM CGA O1A  doub N N 157 
HEM CGA O2A  sing N N 158 
HEM C1B C2B  sing N N 159 
HEM C1B NB   sing N N 160 
HEM C2B C3B  doub N N 161 
HEM C2B CMB  sing N N 162 
HEM C3B C4B  sing N N 163 
HEM C3B CAB  sing N N 164 
HEM C4B NB   doub N N 165 
HEM CMB HMB  sing N N 166 
HEM CMB HMBA sing N N 167 
HEM CMB HMBB sing N N 168 
HEM CAB CBB  doub N N 169 
HEM CAB HAB  sing N N 170 
HEM CBB HBB  sing N N 171 
HEM CBB HBBA sing N N 172 
HEM C1C C2C  sing Y N 173 
HEM C1C NC   sing Y N 174 
HEM C2C C3C  doub Y N 175 
HEM C2C CMC  sing N N 176 
HEM C3C C4C  sing Y N 177 
HEM C3C CAC  sing N N 178 
HEM C4C NC   sing Y N 179 
HEM CMC HMC  sing N N 180 
HEM CMC HMCA sing N N 181 
HEM CMC HMCB sing N N 182 
HEM CAC CBC  doub N N 183 
HEM CAC HAC  sing N N 184 
HEM CBC HBC  sing N N 185 
HEM CBC HBCA sing N N 186 
HEM C1D C2D  sing N N 187 
HEM C1D ND   doub N N 188 
HEM C2D C3D  doub N N 189 
HEM C2D CMD  sing N N 190 
HEM C3D C4D  sing N N 191 
HEM C3D CAD  sing N N 192 
HEM C4D ND   sing N N 193 
HEM CMD HMD  sing N N 194 
HEM CMD HMDA sing N N 195 
HEM CMD HMDB sing N N 196 
HEM CAD CBD  sing N N 197 
HEM CAD HAD  sing N N 198 
HEM CAD HADA sing N N 199 
HEM CBD CGD  sing N N 200 
HEM CBD HBD  sing N N 201 
HEM CBD HBDA sing N N 202 
HEM CGD O1D  doub N N 203 
HEM CGD O2D  sing N N 204 
HEM O2A H2A  sing N N 205 
HEM O2D H2D  sing N N 206 
HEM FE  NA   sing N N 207 
HEM FE  NB   sing N N 208 
HEM FE  NC   sing N N 209 
HEM FE  ND   sing N N 210 
HIS N   CA   sing N N 211 
HIS N   H    sing N N 212 
HIS N   H2   sing N N 213 
HIS CA  C    sing N N 214 
HIS CA  CB   sing N N 215 
HIS CA  HA   sing N N 216 
HIS C   O    doub N N 217 
HIS C   OXT  sing N N 218 
HIS CB  CG   sing N N 219 
HIS CB  HB2  sing N N 220 
HIS CB  HB3  sing N N 221 
HIS CG  ND1  sing Y N 222 
HIS CG  CD2  doub Y N 223 
HIS ND1 CE1  doub Y N 224 
HIS ND1 HD1  sing N N 225 
HIS CD2 NE2  sing Y N 226 
HIS CD2 HD2  sing N N 227 
HIS CE1 NE2  sing Y N 228 
HIS CE1 HE1  sing N N 229 
HIS NE2 HE2  sing N N 230 
HIS OXT HXT  sing N N 231 
HOH O   H1   sing N N 232 
HOH O   H2   sing N N 233 
ILE N   CA   sing N N 234 
ILE N   H    sing N N 235 
ILE N   H2   sing N N 236 
ILE CA  C    sing N N 237 
ILE CA  CB   sing N N 238 
ILE CA  HA   sing N N 239 
ILE C   O    doub N N 240 
ILE C   OXT  sing N N 241 
ILE CB  CG1  sing N N 242 
ILE CB  CG2  sing N N 243 
ILE CB  HB   sing N N 244 
ILE CG1 CD1  sing N N 245 
ILE CG1 HG12 sing N N 246 
ILE CG1 HG13 sing N N 247 
ILE CG2 HG21 sing N N 248 
ILE CG2 HG22 sing N N 249 
ILE CG2 HG23 sing N N 250 
ILE CD1 HD11 sing N N 251 
ILE CD1 HD12 sing N N 252 
ILE CD1 HD13 sing N N 253 
ILE OXT HXT  sing N N 254 
LEU N   CA   sing N N 255 
LEU N   H    sing N N 256 
LEU N   H2   sing N N 257 
LEU CA  C    sing N N 258 
LEU CA  CB   sing N N 259 
LEU CA  HA   sing N N 260 
LEU C   O    doub N N 261 
LEU C   OXT  sing N N 262 
LEU CB  CG   sing N N 263 
LEU CB  HB2  sing N N 264 
LEU CB  HB3  sing N N 265 
LEU CG  CD1  sing N N 266 
LEU CG  CD2  sing N N 267 
LEU CG  HG   sing N N 268 
LEU CD1 HD11 sing N N 269 
LEU CD1 HD12 sing N N 270 
LEU CD1 HD13 sing N N 271 
LEU CD2 HD21 sing N N 272 
LEU CD2 HD22 sing N N 273 
LEU CD2 HD23 sing N N 274 
LEU OXT HXT  sing N N 275 
LYS N   CA   sing N N 276 
LYS N   H    sing N N 277 
LYS N   H2   sing N N 278 
LYS CA  C    sing N N 279 
LYS CA  CB   sing N N 280 
LYS CA  HA   sing N N 281 
LYS C   O    doub N N 282 
LYS C   OXT  sing N N 283 
LYS CB  CG   sing N N 284 
LYS CB  HB2  sing N N 285 
LYS CB  HB3  sing N N 286 
LYS CG  CD   sing N N 287 
LYS CG  HG2  sing N N 288 
LYS CG  HG3  sing N N 289 
LYS CD  CE   sing N N 290 
LYS CD  HD2  sing N N 291 
LYS CD  HD3  sing N N 292 
LYS CE  NZ   sing N N 293 
LYS CE  HE2  sing N N 294 
LYS CE  HE3  sing N N 295 
LYS NZ  HZ1  sing N N 296 
LYS NZ  HZ2  sing N N 297 
LYS NZ  HZ3  sing N N 298 
LYS OXT HXT  sing N N 299 
MET N   CA   sing N N 300 
MET N   H    sing N N 301 
MET N   H2   sing N N 302 
MET CA  C    sing N N 303 
MET CA  CB   sing N N 304 
MET CA  HA   sing N N 305 
MET C   O    doub N N 306 
MET C   OXT  sing N N 307 
MET CB  CG   sing N N 308 
MET CB  HB2  sing N N 309 
MET CB  HB3  sing N N 310 
MET CG  SD   sing N N 311 
MET CG  HG2  sing N N 312 
MET CG  HG3  sing N N 313 
MET SD  CE   sing N N 314 
MET CE  HE1  sing N N 315 
MET CE  HE2  sing N N 316 
MET CE  HE3  sing N N 317 
MET OXT HXT  sing N N 318 
PHE N   CA   sing N N 319 
PHE N   H    sing N N 320 
PHE N   H2   sing N N 321 
PHE CA  C    sing N N 322 
PHE CA  CB   sing N N 323 
PHE CA  HA   sing N N 324 
PHE C   O    doub N N 325 
PHE C   OXT  sing N N 326 
PHE CB  CG   sing N N 327 
PHE CB  HB2  sing N N 328 
PHE CB  HB3  sing N N 329 
PHE CG  CD1  doub Y N 330 
PHE CG  CD2  sing Y N 331 
PHE CD1 CE1  sing Y N 332 
PHE CD1 HD1  sing N N 333 
PHE CD2 CE2  doub Y N 334 
PHE CD2 HD2  sing N N 335 
PHE CE1 CZ   doub Y N 336 
PHE CE1 HE1  sing N N 337 
PHE CE2 CZ   sing Y N 338 
PHE CE2 HE2  sing N N 339 
PHE CZ  HZ   sing N N 340 
PHE OXT HXT  sing N N 341 
PRO N   CA   sing N N 342 
PRO N   CD   sing N N 343 
PRO N   H    sing N N 344 
PRO CA  C    sing N N 345 
PRO CA  CB   sing N N 346 
PRO CA  HA   sing N N 347 
PRO C   O    doub N N 348 
PRO C   OXT  sing N N 349 
PRO CB  CG   sing N N 350 
PRO CB  HB2  sing N N 351 
PRO CB  HB3  sing N N 352 
PRO CG  CD   sing N N 353 
PRO CG  HG2  sing N N 354 
PRO CG  HG3  sing N N 355 
PRO CD  HD2  sing N N 356 
PRO CD  HD3  sing N N 357 
PRO OXT HXT  sing N N 358 
SER N   CA   sing N N 359 
SER N   H    sing N N 360 
SER N   H2   sing N N 361 
SER CA  C    sing N N 362 
SER CA  CB   sing N N 363 
SER CA  HA   sing N N 364 
SER C   O    doub N N 365 
SER C   OXT  sing N N 366 
SER CB  OG   sing N N 367 
SER CB  HB2  sing N N 368 
SER CB  HB3  sing N N 369 
SER OG  HG   sing N N 370 
SER OXT HXT  sing N N 371 
THR N   CA   sing N N 372 
THR N   H    sing N N 373 
THR N   H2   sing N N 374 
THR CA  C    sing N N 375 
THR CA  CB   sing N N 376 
THR CA  HA   sing N N 377 
THR C   O    doub N N 378 
THR C   OXT  sing N N 379 
THR CB  OG1  sing N N 380 
THR CB  CG2  sing N N 381 
THR CB  HB   sing N N 382 
THR OG1 HG1  sing N N 383 
THR CG2 HG21 sing N N 384 
THR CG2 HG22 sing N N 385 
THR CG2 HG23 sing N N 386 
THR OXT HXT  sing N N 387 
TRP N   CA   sing N N 388 
TRP N   H    sing N N 389 
TRP N   H2   sing N N 390 
TRP CA  C    sing N N 391 
TRP CA  CB   sing N N 392 
TRP CA  HA   sing N N 393 
TRP C   O    doub N N 394 
TRP C   OXT  sing N N 395 
TRP CB  CG   sing N N 396 
TRP CB  HB2  sing N N 397 
TRP CB  HB3  sing N N 398 
TRP CG  CD1  doub Y N 399 
TRP CG  CD2  sing Y N 400 
TRP CD1 NE1  sing Y N 401 
TRP CD1 HD1  sing N N 402 
TRP CD2 CE2  doub Y N 403 
TRP CD2 CE3  sing Y N 404 
TRP NE1 CE2  sing Y N 405 
TRP NE1 HE1  sing N N 406 
TRP CE2 CZ2  sing Y N 407 
TRP CE3 CZ3  doub Y N 408 
TRP CE3 HE3  sing N N 409 
TRP CZ2 CH2  doub Y N 410 
TRP CZ2 HZ2  sing N N 411 
TRP CZ3 CH2  sing Y N 412 
TRP CZ3 HZ3  sing N N 413 
TRP CH2 HH2  sing N N 414 
TRP OXT HXT  sing N N 415 
TYR N   CA   sing N N 416 
TYR N   H    sing N N 417 
TYR N   H2   sing N N 418 
TYR CA  C    sing N N 419 
TYR CA  CB   sing N N 420 
TYR CA  HA   sing N N 421 
TYR C   O    doub N N 422 
TYR C   OXT  sing N N 423 
TYR CB  CG   sing N N 424 
TYR CB  HB2  sing N N 425 
TYR CB  HB3  sing N N 426 
TYR CG  CD1  doub Y N 427 
TYR CG  CD2  sing Y N 428 
TYR CD1 CE1  sing Y N 429 
TYR CD1 HD1  sing N N 430 
TYR CD2 CE2  doub Y N 431 
TYR CD2 HD2  sing N N 432 
TYR CE1 CZ   doub Y N 433 
TYR CE1 HE1  sing N N 434 
TYR CE2 CZ   sing Y N 435 
TYR CE2 HE2  sing N N 436 
TYR CZ  OH   sing N N 437 
TYR OH  HH   sing N N 438 
TYR OXT HXT  sing N N 439 
VAL N   CA   sing N N 440 
VAL N   H    sing N N 441 
VAL N   H2   sing N N 442 
VAL CA  C    sing N N 443 
VAL CA  CB   sing N N 444 
VAL CA  HA   sing N N 445 
VAL C   O    doub N N 446 
VAL C   OXT  sing N N 447 
VAL CB  CG1  sing N N 448 
VAL CB  CG2  sing N N 449 
VAL CB  HB   sing N N 450 
VAL CG1 HG11 sing N N 451 
VAL CG1 HG12 sing N N 452 
VAL CG1 HG13 sing N N 453 
VAL CG2 HG21 sing N N 454 
VAL CG2 HG22 sing N N 455 
VAL CG2 HG23 sing N N 456 
VAL OXT HXT  sing N N 457 
# 
_pdbx_initial_refinement_model.accession_code   ? 
_pdbx_initial_refinement_model.id               1 
_pdbx_initial_refinement_model.entity_id_list   ? 
_pdbx_initial_refinement_model.type             'experimental model' 
_pdbx_initial_refinement_model.source_name      Other 
_pdbx_initial_refinement_model.details          'RHODOSPIRILLUM RUBRUM CYTOCHROME C' 
# 
_atom_sites.entry_id                    1CPQ 
_atom_sites.fract_transf_matrix[1][1]   -0.01094891 
_atom_sites.fract_transf_matrix[1][2]   -0.01319700 
_atom_sites.fract_transf_matrix[1][3]   0.01196964 
_atom_sites.fract_transf_matrix[2][1]   -0.00735910 
_atom_sites.fract_transf_matrix[2][2]   0.01055961 
_atom_sites.fract_transf_matrix[2][3]   0.00491085 
_atom_sites.fract_transf_matrix[3][1]   -0.01933910 
_atom_sites.fract_transf_matrix[3][2]   -0.00347100 
_atom_sites.fract_transf_matrix[3][3]   -0.02151684 
_atom_sites.fract_transf_vector[1]      0.565895 
_atom_sites.fract_transf_vector[2]      0.305622 
_atom_sites.fract_transf_vector[3]      0.787438 
# 
loop_
_atom_type.symbol 
C  
FE 
H  
N  
O  
S  
# 
loop_
_atom_site.group_PDB 
_atom_site.id 
_atom_site.type_symbol 
_atom_site.label_atom_id 
_atom_site.label_alt_id 
_atom_site.label_comp_id 
_atom_site.label_asym_id 
_atom_site.label_entity_id 
_atom_site.label_seq_id 
_atom_site.pdbx_PDB_ins_code 
_atom_site.Cartn_x 
_atom_site.Cartn_y 
_atom_site.Cartn_z 
_atom_site.occupancy 
_atom_site.B_iso_or_equiv 
_atom_site.pdbx_formal_charge 
_atom_site.auth_seq_id 
_atom_site.auth_comp_id 
_atom_site.auth_asym_id 
_atom_site.auth_atom_id 
_atom_site.pdbx_PDB_model_num 
ATOM   1    N  N    . ALA A 1 1   ? 15.476  1.257   -15.814 1.00 76.70 ? 1   ALA A N    1 
ATOM   2    C  CA   . ALA A 1 1   ? 15.074  2.671   -16.079 1.00 77.37 ? 1   ALA A CA   1 
ATOM   3    C  C    . ALA A 1 1   ? 16.119  3.614   -15.492 1.00 77.54 ? 1   ALA A C    1 
ATOM   4    O  O    . ALA A 1 1   ? 17.153  3.163   -14.987 1.00 79.34 ? 1   ALA A O    1 
ATOM   5    C  CB   . ALA A 1 1   ? 13.710  2.952   -15.449 1.00 75.80 ? 1   ALA A CB   1 
ATOM   6    H  H1   . ALA A 1 1   ? 15.645  1.008   -14.820 1.00 10.00 ? 1   ALA A H1   1 
ATOM   7    H  H2   . ALA A 1 1   ? 14.844  0.564   -16.250 1.00 10.00 ? 1   ALA A H2   1 
ATOM   8    H  H3   . ALA A 1 1   ? 16.377  1.070   -16.295 1.00 10.00 ? 1   ALA A H3   1 
ATOM   9    N  N    . ASP A 1 2   ? 15.881  4.920   -15.607 1.00 76.57 ? 2   ASP A N    1 
ATOM   10   C  CA   . ASP A 1 2   ? 16.781  5.912   -15.021 1.00 74.40 ? 2   ASP A CA   1 
ATOM   11   C  C    . ASP A 1 2   ? 16.457  5.791   -13.520 1.00 71.24 ? 2   ASP A C    1 
ATOM   12   O  O    . ASP A 1 2   ? 15.610  6.518   -12.983 1.00 70.84 ? 2   ASP A O    1 
ATOM   13   C  CB   . ASP A 1 2   ? 16.426  7.309   -15.544 1.00 77.71 ? 2   ASP A CB   1 
ATOM   14   C  CG   . ASP A 1 2   ? 17.476  8.356   -15.198 1.00 80.59 ? 2   ASP A CG   1 
ATOM   15   O  OD1  . ASP A 1 2   ? 18.033  8.314   -14.074 1.00 81.92 ? 2   ASP A OD1  1 
ATOM   16   O  OD2  . ASP A 1 2   ? 17.734  9.231   -16.058 1.00 81.95 ? 2   ASP A OD2  1 
ATOM   17   H  H    . ASP A 1 2   ? 15.086  5.233   -16.098 1.00 10.00 ? 2   ASP A H    1 
ATOM   18   N  N    . THR A 1 3   ? 17.100  4.813   -12.886 1.00 66.39 ? 3   THR A N    1 
ATOM   19   C  CA   . THR A 1 3   ? 16.908  4.471   -11.478 1.00 61.86 ? 3   THR A CA   1 
ATOM   20   C  C    . THR A 1 3   ? 16.432  5.545   -10.483 1.00 57.96 ? 3   THR A C    1 
ATOM   21   O  O    . THR A 1 3   ? 15.438  5.338   -9.786  1.00 56.55 ? 3   THR A O    1 
ATOM   22   C  CB   . THR A 1 3   ? 18.151  3.719   -10.929 1.00 62.55 ? 3   THR A CB   1 
ATOM   23   O  OG1  . THR A 1 3   ? 17.997  3.464   -9.527  1.00 63.70 ? 3   THR A OG1  1 
ATOM   24   C  CG2  . THR A 1 3   ? 19.423  4.525   -11.167 1.00 64.13 ? 3   THR A CG2  1 
ATOM   25   H  H    . THR A 1 3   ? 17.748  4.285   -13.399 1.00 10.00 ? 3   THR A H    1 
ATOM   26   H  HG1  . THR A 1 3   ? 17.223  2.913   -9.364  1.00 10.00 ? 3   THR A HG1  1 
ATOM   27   N  N    . LYS A 1 4   ? 17.104  6.691   -10.439 1.00 54.31 ? 4   LYS A N    1 
ATOM   28   C  CA   . LYS A 1 4   ? 16.743  7.756   -9.506  1.00 50.32 ? 4   LYS A CA   1 
ATOM   29   C  C    . LYS A 1 4   ? 15.263  8.086   -9.388  1.00 46.30 ? 4   LYS A C    1 
ATOM   30   O  O    . LYS A 1 4   ? 14.714  8.112   -8.287  1.00 45.29 ? 4   LYS A O    1 
ATOM   31   C  CB   . LYS A 1 4   ? 17.524  9.038   -9.804  1.00 53.34 ? 4   LYS A CB   1 
ATOM   32   C  CG   . LYS A 1 4   ? 18.741  9.227   -8.905  1.00 57.76 ? 4   LYS A CG   1 
ATOM   33   C  CD   . LYS A 1 4   ? 19.005  10.703  -8.613  1.00 59.90 ? 4   LYS A CD   1 
ATOM   34   C  CE   . LYS A 1 4   ? 19.941  10.871  -7.412  1.00 59.94 ? 4   LYS A CE   1 
ATOM   35   N  NZ   . LYS A 1 4   ? 20.121  12.301  -7.033  1.00 58.43 ? 4   LYS A NZ   1 
ATOM   36   H  H    . LYS A 1 4   ? 17.865  6.823   -11.034 1.00 10.00 ? 4   LYS A H    1 
ATOM   37   H  HZ1  . LYS A 1 4   ? 20.515  12.820  -7.842  1.00 10.00 ? 4   LYS A HZ1  1 
ATOM   38   H  HZ2  . LYS A 1 4   ? 19.203  12.713  -6.774  1.00 10.00 ? 4   LYS A HZ2  1 
ATOM   39   H  HZ3  . LYS A 1 4   ? 20.773  12.367  -6.225  1.00 10.00 ? 4   LYS A HZ3  1 
ATOM   40   N  N    . GLU A 1 5   ? 14.601  8.318   -10.510 1.00 41.71 ? 5   GLU A N    1 
ATOM   41   C  CA   . GLU A 1 5   ? 13.202  8.670   -10.432 1.00 39.25 ? 5   GLU A CA   1 
ATOM   42   C  C    . GLU A 1 5   ? 12.252  7.562   -9.994  1.00 34.39 ? 5   GLU A C    1 
ATOM   43   O  O    . GLU A 1 5   ? 11.290  7.840   -9.283  1.00 31.68 ? 5   GLU A O    1 
ATOM   44   C  CB   . GLU A 1 5   ? 12.713  9.319   -11.720 1.00 44.65 ? 5   GLU A CB   1 
ATOM   45   C  CG   . GLU A 1 5   ? 11.231  9.719   -11.661 1.00 53.01 ? 5   GLU A CG   1 
ATOM   46   C  CD   . GLU A 1 5   ? 10.836  10.469  -10.366 1.00 57.20 ? 5   GLU A CD   1 
ATOM   47   O  OE1  . GLU A 1 5   ? 11.617  11.329  -9.885  1.00 60.23 ? 5   GLU A OE1  1 
ATOM   48   O  OE2  . GLU A 1 5   ? 9.736   10.189  -9.831  1.00 56.55 ? 5   GLU A OE2  1 
ATOM   49   H  H    . GLU A 1 5   ? 15.051  8.220   -11.376 1.00 10.00 ? 5   GLU A H    1 
ATOM   50   N  N    . VAL A 1 6   ? 12.491  6.322   -10.410 1.00 29.79 ? 6   VAL A N    1 
ATOM   51   C  CA   . VAL A 1 6   ? 11.590  5.251   -9.984  1.00 26.69 ? 6   VAL A CA   1 
ATOM   52   C  C    . VAL A 1 6   ? 11.667  5.071   -8.472  1.00 23.52 ? 6   VAL A C    1 
ATOM   53   O  O    . VAL A 1 6   ? 10.641  4.900   -7.820  1.00 22.13 ? 6   VAL A O    1 
ATOM   54   C  CB   . VAL A 1 6   ? 11.809  3.883   -10.725 1.00 27.46 ? 6   VAL A CB   1 
ATOM   55   C  CG1  . VAL A 1 6   ? 11.235  3.950   -12.135 1.00 27.94 ? 6   VAL A CG1  1 
ATOM   56   C  CG2  . VAL A 1 6   ? 13.283  3.491   -10.765 1.00 27.37 ? 6   VAL A CG2  1 
ATOM   57   H  H    . VAL A 1 6   ? 13.275  6.136   -10.965 1.00 10.00 ? 6   VAL A H    1 
ATOM   58   N  N    . LEU A 1 7   ? 12.871  5.182   -7.913  1.00 20.56 ? 7   LEU A N    1 
ATOM   59   C  CA   . LEU A 1 7   ? 13.045  5.035   -6.472  1.00 19.53 ? 7   LEU A CA   1 
ATOM   60   C  C    . LEU A 1 7   ? 12.283  6.137   -5.732  1.00 20.23 ? 7   LEU A C    1 
ATOM   61   O  O    . LEU A 1 7   ? 11.600  5.865   -4.746  1.00 18.81 ? 7   LEU A O    1 
ATOM   62   C  CB   . LEU A 1 7   ? 14.531  5.016   -6.089  1.00 19.88 ? 7   LEU A CB   1 
ATOM   63   C  CG   . LEU A 1 7   ? 15.201  3.626   -6.008  1.00 20.61 ? 7   LEU A CG   1 
ATOM   64   C  CD1  . LEU A 1 7   ? 15.018  2.847   -7.285  1.00 21.05 ? 7   LEU A CD1  1 
ATOM   65   C  CD2  . LEU A 1 7   ? 16.687  3.772   -5.723  1.00 22.74 ? 7   LEU A CD2  1 
ATOM   66   H  H    . LEU A 1 7   ? 13.654  5.361   -8.479  1.00 10.00 ? 7   LEU A H    1 
ATOM   67   N  N    . GLU A 1 8   ? 12.358  7.365   -6.241  1.00 20.21 ? 8   GLU A N    1 
ATOM   68   C  CA   . GLU A 1 8   ? 11.649  8.488   -5.631  1.00 22.94 ? 8   GLU A CA   1 
ATOM   69   C  C    . GLU A 1 8   ? 10.146  8.278   -5.735  1.00 20.62 ? 8   GLU A C    1 
ATOM   70   O  O    . GLU A 1 8   ? 9.415   8.473   -4.768  1.00 21.85 ? 8   GLU A O    1 
ATOM   71   C  CB   . GLU A 1 8   ? 11.984  9.797   -6.340  1.00 27.94 ? 8   GLU A CB   1 
ATOM   72   C  CG   . GLU A 1 8   ? 13.418  10.252  -6.202  1.00 39.35 ? 8   GLU A CG   1 
ATOM   73   C  CD   . GLU A 1 8   ? 13.761  11.381  -7.177  1.00 46.23 ? 8   GLU A CD   1 
ATOM   74   O  OE1  . GLU A 1 8   ? 12.921  12.305  -7.360  1.00 49.26 ? 8   GLU A OE1  1 
ATOM   75   O  OE2  . GLU A 1 8   ? 14.870  11.334  -7.765  1.00 49.95 ? 8   GLU A OE2  1 
ATOM   76   H  H    . GLU A 1 8   ? 12.911  7.515   -7.038  1.00 10.00 ? 8   GLU A H    1 
ATOM   77   N  N    . ALA A 1 9   ? 9.700   7.864   -6.912  1.00 17.81 ? 9   ALA A N    1 
ATOM   78   C  CA   . ALA A 1 9   ? 8.294   7.648   -7.173  1.00 17.03 ? 9   ALA A CA   1 
ATOM   79   C  C    . ALA A 1 9   ? 7.654   6.585   -6.287  1.00 17.11 ? 9   ALA A C    1 
ATOM   80   O  O    . ALA A 1 9   ? 6.589   6.810   -5.697  1.00 16.84 ? 9   ALA A O    1 
ATOM   81   C  CB   . ALA A 1 9   ? 8.093   7.306   -8.640  1.00 18.62 ? 9   ALA A CB   1 
ATOM   82   H  H    . ALA A 1 9   ? 10.347  7.698   -7.627  1.00 10.00 ? 9   ALA A H    1 
ATOM   83   N  N    . ARG A 1 10  ? 8.301   5.434   -6.163  1.00 16.23 ? 10  ARG A N    1 
ATOM   84   C  CA   . ARG A 1 10  ? 7.716   4.370   -5.363  1.00 15.59 ? 10  ARG A CA   1 
ATOM   85   C  C    . ARG A 1 10  ? 7.784   4.665   -3.878  1.00 14.93 ? 10  ARG A C    1 
ATOM   86   O  O    . ARG A 1 10  ? 6.893   4.290   -3.123  1.00 16.08 ? 10  ARG A O    1 
ATOM   87   C  CB   . ARG A 1 10  ? 8.316   3.000   -5.719  1.00 13.66 ? 10  ARG A CB   1 
ATOM   88   C  CG   . ARG A 1 10  ? 9.766   2.795   -5.400  1.00 12.01 ? 10  ARG A CG   1 
ATOM   89   C  CD   . ARG A 1 10  ? 10.248  1.581   -6.135  1.00 13.24 ? 10  ARG A CD   1 
ATOM   90   N  NE   . ARG A 1 10  ? 11.451  1.018   -5.547  1.00 13.80 ? 10  ARG A NE   1 
ATOM   91   C  CZ   . ARG A 1 10  ? 12.297  0.223   -6.193  1.00 13.21 ? 10  ARG A CZ   1 
ATOM   92   N  NH1  . ARG A 1 10  ? 12.096  -0.068  -7.470  1.00 10.77 ? 10  ARG A NH1  1 
ATOM   93   N  NH2  . ARG A 1 10  ? 13.369  -0.244  -5.567  1.00 11.76 ? 10  ARG A NH2  1 
ATOM   94   H  H    . ARG A 1 10  ? 9.165   5.297   -6.610  1.00 10.00 ? 10  ARG A H    1 
ATOM   95   H  HE   . ARG A 1 10  ? 11.664  1.253   -4.630  1.00 10.00 ? 10  ARG A HE   1 
ATOM   96   H  HH11 . ARG A 1 10  ? 11.308  0.308   -7.951  1.00 10.00 ? 10  ARG A HH11 1 
ATOM   97   H  HH12 . ARG A 1 10  ? 12.732  -0.669  -7.953  1.00 10.00 ? 10  ARG A HH12 1 
ATOM   98   H  HH21 . ARG A 1 10  ? 13.540  0.000   -4.613  1.00 10.00 ? 10  ARG A HH21 1 
ATOM   99   H  HH22 . ARG A 1 10  ? 14.002  -0.844  -6.052  1.00 10.00 ? 10  ARG A HH22 1 
ATOM   100  N  N    . GLU A 1 11  ? 8.812   5.379   -3.455  1.00 15.40 ? 11  GLU A N    1 
ATOM   101  C  CA   . GLU A 1 11  ? 8.915   5.712   -2.048  1.00 18.00 ? 11  GLU A CA   1 
ATOM   102  C  C    . GLU A 1 11  ? 7.842   6.744   -1.687  1.00 16.67 ? 11  GLU A C    1 
ATOM   103  O  O    . GLU A 1 11  ? 7.224   6.663   -0.629  1.00 17.27 ? 11  GLU A O    1 
ATOM   104  C  CB   . GLU A 1 11  ? 10.351  6.146   -1.707  1.00 22.79 ? 11  GLU A CB   1 
ATOM   105  C  CG   . GLU A 1 11  ? 11.292  4.909   -1.576  1.00 28.98 ? 11  GLU A CG   1 
ATOM   106  C  CD   . GLU A 1 11  ? 12.774  5.193   -1.849  1.00 35.25 ? 11  GLU A CD   1 
ATOM   107  O  OE1  . GLU A 1 11  ? 13.245  6.321   -1.569  1.00 36.54 ? 11  GLU A OE1  1 
ATOM   108  O  OE2  . GLU A 1 11  ? 13.469  4.275   -2.351  1.00 35.30 ? 11  GLU A OE2  1 
ATOM   109  H  H    . GLU A 1 11  ? 9.527   5.656   -4.070  1.00 10.00 ? 11  GLU A H    1 
ATOM   110  N  N    . ALA A 1 12  ? 7.532   7.625   -2.631  1.00 17.01 ? 12  ALA A N    1 
ATOM   111  C  CA   . ALA A 1 12  ? 6.513   8.648   -2.441  1.00 17.55 ? 12  ALA A CA   1 
ATOM   112  C  C    . ALA A 1 12  ? 5.149   7.993   -2.337  1.00 16.97 ? 12  ALA A C    1 
ATOM   113  O  O    . ALA A 1 12  ? 4.312   8.389   -1.522  1.00 17.88 ? 12  ALA A O    1 
ATOM   114  C  CB   . ALA A 1 12  ? 6.520   9.610   -3.614  1.00 19.33 ? 12  ALA A CB   1 
ATOM   115  H  H    . ALA A 1 12  ? 8.024   7.603   -3.480  1.00 10.00 ? 12  ALA A H    1 
ATOM   116  N  N    . TYR A 1 13  ? 4.937   6.987   -3.182  1.00 16.42 ? 13  TYR A N    1 
ATOM   117  C  CA   . TYR A 1 13  ? 3.691   6.233   -3.229  1.00 14.45 ? 13  TYR A CA   1 
ATOM   118  C  C    . TYR A 1 13  ? 3.431   5.493   -1.920  1.00 14.07 ? 13  TYR A C    1 
ATOM   119  O  O    . TYR A 1 13  ? 2.330   5.567   -1.365  1.00 15.14 ? 13  TYR A O    1 
ATOM   120  C  CB   . TYR A 1 13  ? 3.710   5.265   -4.426  1.00 12.89 ? 13  TYR A CB   1 
ATOM   121  C  CG   . TYR A 1 13  ? 2.662   4.167   -4.380  1.00 15.04 ? 13  TYR A CG   1 
ATOM   122  C  CD1  . TYR A 1 13  ? 1.325   4.427   -4.711  1.00 17.86 ? 13  TYR A CD1  1 
ATOM   123  C  CD2  . TYR A 1 13  ? 3.007   2.864   -4.025  1.00 15.53 ? 13  TYR A CD2  1 
ATOM   124  C  CE1  . TYR A 1 13  ? 0.362   3.412   -4.690  1.00 15.80 ? 13  TYR A CE1  1 
ATOM   125  C  CE2  . TYR A 1 13  ? 2.049   1.845   -4.005  1.00 17.63 ? 13  TYR A CE2  1 
ATOM   126  C  CZ   . TYR A 1 13  ? 0.733   2.129   -4.339  1.00 16.95 ? 13  TYR A CZ   1 
ATOM   127  O  OH   . TYR A 1 13  ? -0.210  1.125   -4.329  1.00 18.39 ? 13  TYR A OH   1 
ATOM   128  H  H    . TYR A 1 13  ? 5.654   6.757   -3.809  1.00 10.00 ? 13  TYR A H    1 
ATOM   129  H  HH   . TYR A 1 13  ? 0.222   0.306   -4.059  1.00 10.00 ? 13  TYR A HH   1 
ATOM   130  N  N    . PHE A 1 14  ? 4.439   4.783   -1.425  1.00 13.66 ? 14  PHE A N    1 
ATOM   131  C  CA   . PHE A 1 14  ? 4.299   4.037   -0.170  1.00 14.24 ? 14  PHE A CA   1 
ATOM   132  C  C    . PHE A 1 14  ? 4.178   4.958   1.034   1.00 15.49 ? 14  PHE A C    1 
ATOM   133  O  O    . PHE A 1 14  ? 3.476   4.640   2.001   1.00 13.39 ? 14  PHE A O    1 
ATOM   134  C  CB   . PHE A 1 14  ? 5.440   3.032   -0.002  1.00 12.89 ? 14  PHE A CB   1 
ATOM   135  C  CG   . PHE A 1 14  ? 5.316   1.835   -0.890  1.00 11.21 ? 14  PHE A CG   1 
ATOM   136  C  CD1  . PHE A 1 14  ? 4.198   1.030   -0.823  1.00 10.48 ? 14  PHE A CD1  1 
ATOM   137  C  CD2  . PHE A 1 14  ? 6.298   1.539   -1.824  1.00 13.46 ? 14  PHE A CD2  1 
ATOM   138  C  CE1  . PHE A 1 14  ? 4.047   -0.057  -1.676  1.00 13.58 ? 14  PHE A CE1  1 
ATOM   139  C  CE2  . PHE A 1 14  ? 6.160   0.458   -2.682  1.00 13.06 ? 14  PHE A CE2  1 
ATOM   140  C  CZ   . PHE A 1 14  ? 5.028   -0.341  -2.608  1.00 13.93 ? 14  PHE A CZ   1 
ATOM   141  H  H    . PHE A 1 14  ? 5.293   4.744   -1.908  1.00 10.00 ? 14  PHE A H    1 
ATOM   142  N  N    . LYS A 1 15  ? 4.852   6.108   0.966   1.00 16.93 ? 15  LYS A N    1 
ATOM   143  C  CA   . LYS A 1 15  ? 4.757   7.103   2.030   1.00 18.60 ? 15  LYS A CA   1 
ATOM   144  C  C    . LYS A 1 15  ? 3.317   7.619   2.102   1.00 17.70 ? 15  LYS A C    1 
ATOM   145  O  O    . LYS A 1 15  ? 2.746   7.710   3.190   1.00 18.25 ? 15  LYS A O    1 
ATOM   146  C  CB   . LYS A 1 15  ? 5.719   8.270   1.793   1.00 20.91 ? 15  LYS A CB   1 
ATOM   147  C  CG   . LYS A 1 15  ? 7.108   8.034   2.369   1.00 25.61 ? 15  LYS A CG   1 
ATOM   148  C  CD   . LYS A 1 15  ? 7.897   9.326   2.385   1.00 32.06 ? 15  LYS A CD   1 
ATOM   149  C  CE   . LYS A 1 15  ? 9.148   9.229   3.256   1.00 37.05 ? 15  LYS A CE   1 
ATOM   150  N  NZ   . LYS A 1 15  ? 10.192  8.331   2.672   1.00 40.80 ? 15  LYS A NZ   1 
ATOM   151  H  H    . LYS A 1 15  ? 5.446   6.282   0.204   1.00 10.00 ? 15  LYS A H    1 
ATOM   152  H  HZ1  . LYS A 1 15  ? 9.790   7.391   2.509   1.00 10.00 ? 15  LYS A HZ1  1 
ATOM   153  H  HZ2  . LYS A 1 15  ? 10.509  8.721   1.761   1.00 10.00 ? 15  LYS A HZ2  1 
ATOM   154  H  HZ3  . LYS A 1 15  ? 11.000  8.266   3.323   1.00 10.00 ? 15  LYS A HZ3  1 
ATOM   155  N  N    . SER A 1 16  ? 2.715   7.919   0.952   1.00 17.45 ? 16  SER A N    1 
ATOM   156  C  CA   . SER A 1 16  ? 1.339   8.401   0.963   1.00 19.26 ? 16  SER A CA   1 
ATOM   157  C  C    . SER A 1 16  ? 0.364   7.312   1.463   1.00 18.54 ? 16  SER A C    1 
ATOM   158  O  O    . SER A 1 16  ? -0.624  7.607   2.154   1.00 16.79 ? 16  SER A O    1 
ATOM   159  C  CB   . SER A 1 16  ? 0.941   8.966   -0.401  1.00 18.23 ? 16  SER A CB   1 
ATOM   160  O  OG   . SER A 1 16  ? 1.149   8.016   -1.415  1.00 27.20 ? 16  SER A OG   1 
ATOM   161  H  H    . SER A 1 16  ? 3.186   7.850   0.092   1.00 10.00 ? 16  SER A H    1 
ATOM   162  H  HG   . SER A 1 16  ? 0.768   7.150   -1.232  1.00 10.00 ? 16  SER A HG   1 
ATOM   163  N  N    . LEU A 1 17  ? 0.663   6.055   1.142   1.00 17.96 ? 17  LEU A N    1 
ATOM   164  C  CA   . LEU A 1 17  ? -0.157  4.936   1.598   1.00 17.77 ? 17  LEU A CA   1 
ATOM   165  C  C    . LEU A 1 17  ? -0.035  4.835   3.121   1.00 16.75 ? 17  LEU A C    1 
ATOM   166  O  O    . LEU A 1 17  ? -1.017  4.565   3.823   1.00 15.42 ? 17  LEU A O    1 
ATOM   167  C  CB   . LEU A 1 17  ? 0.312   3.610   0.977   1.00 19.41 ? 17  LEU A CB   1 
ATOM   168  C  CG   . LEU A 1 17  ? -0.264  3.037   -0.315  1.00 22.09 ? 17  LEU A CG   1 
ATOM   169  C  CD1  . LEU A 1 17  ? 0.275   1.619   -0.489  1.00 19.86 ? 17  LEU A CD1  1 
ATOM   170  C  CD2  . LEU A 1 17  ? -1.777  2.998   -0.247  1.00 22.49 ? 17  LEU A CD2  1 
ATOM   171  H  H    . LEU A 1 17  ? 1.453   5.877   0.587   1.00 10.00 ? 17  LEU A H    1 
ATOM   172  N  N    . GLY A 1 18  ? 1.183   5.020   3.626   1.00 17.26 ? 18  GLY A N    1 
ATOM   173  C  CA   . GLY A 1 18  ? 1.394   4.961   5.063   1.00 17.70 ? 18  GLY A CA   1 
ATOM   174  C  C    . GLY A 1 18  ? 0.563   6.033   5.760   1.00 18.04 ? 18  GLY A C    1 
ATOM   175  O  O    . GLY A 1 18  ? -0.130  5.754   6.747   1.00 17.86 ? 18  GLY A O    1 
ATOM   176  H  H    . GLY A 1 18  ? 1.948   5.183   3.040   1.00 10.00 ? 18  GLY A H    1 
ATOM   177  N  N    . GLY A 1 19  ? 0.584   7.244   5.202   1.00 16.79 ? 19  GLY A N    1 
ATOM   178  C  CA   . GLY A 1 19  ? -0.161  8.355   5.772   1.00 17.06 ? 19  GLY A CA   1 
ATOM   179  C  C    . GLY A 1 19  ? -1.650  8.079   5.775   1.00 17.18 ? 19  GLY A C    1 
ATOM   180  O  O    . GLY A 1 19  ? -2.372  8.392   6.736   1.00 14.85 ? 19  GLY A O    1 
ATOM   181  H  H    . GLY A 1 19  ? 1.138   7.400   4.408   1.00 10.00 ? 19  GLY A H    1 
ATOM   182  N  N    . SER A 1 20  ? -2.112  7.473   4.687   1.00 16.80 ? 20  SER A N    1 
ATOM   183  C  CA   . SER A 1 20  ? -3.511  7.111   4.551   1.00 16.58 ? 20  SER A CA   1 
ATOM   184  C  C    . SER A 1 20  ? -3.896  6.065   5.618   1.00 15.59 ? 20  SER A C    1 
ATOM   185  O  O    . SER A 1 20  ? -4.906  6.211   6.286   1.00 14.81 ? 20  SER A O    1 
ATOM   186  C  CB   . SER A 1 20  ? -3.766  6.590   3.132   1.00 16.17 ? 20  SER A CB   1 
ATOM   187  O  OG   . SER A 1 20  ? -5.096  6.145   2.980   1.00 18.14 ? 20  SER A OG   1 
ATOM   188  H  H    . SER A 1 20  ? -1.492  7.279   3.954   1.00 10.00 ? 20  SER A H    1 
ATOM   189  H  HG   . SER A 1 20  ? -5.644  6.901   3.194   1.00 10.00 ? 20  SER A HG   1 
ATOM   190  N  N    . MET A 1 21  ? -3.056  5.051   5.815   1.00 14.99 ? 21  MET A N    1 
ATOM   191  C  CA   . MET A 1 21  ? -3.329  4.004   6.801   1.00 16.74 ? 21  MET A CA   1 
ATOM   192  C  C    . MET A 1 21  ? -3.398  4.595   8.215   1.00 16.43 ? 21  MET A C    1 
ATOM   193  O  O    . MET A 1 21  ? -4.271  4.250   9.014   1.00 15.37 ? 21  MET A O    1 
ATOM   194  C  CB   . MET A 1 21  ? -2.237  2.936   6.736   1.00 19.29 ? 21  MET A CB   1 
ATOM   195  C  CG   . MET A 1 21  ? -2.546  1.681   7.509   1.00 24.34 ? 21  MET A CG   1 
ATOM   196  S  SD   . MET A 1 21  ? -3.933  0.798   6.783   1.00 28.35 ? 21  MET A SD   1 
ATOM   197  C  CE   . MET A 1 21  ? -4.469  -0.152  8.165   1.00 28.60 ? 21  MET A CE   1 
ATOM   198  H  H    . MET A 1 21  ? -2.236  4.987   5.281   1.00 10.00 ? 21  MET A H    1 
ATOM   199  N  N    . LYS A 1 22  ? -2.484  5.511   8.501   1.00 15.17 ? 22  LYS A N    1 
ATOM   200  C  CA   . LYS A 1 22  ? -2.412  6.174   9.792   1.00 16.77 ? 22  LYS A CA   1 
ATOM   201  C  C    . LYS A 1 22  ? -3.694  6.974   10.059  1.00 15.58 ? 22  LYS A C    1 
ATOM   202  O  O    . LYS A 1 22  ? -4.300  6.850   11.121  1.00 15.89 ? 22  LYS A O    1 
ATOM   203  C  CB   . LYS A 1 22  ? -1.156  7.058   9.826   1.00 21.19 ? 22  LYS A CB   1 
ATOM   204  C  CG   . LYS A 1 22  ? -0.996  7.947   11.048  1.00 29.06 ? 22  LYS A CG   1 
ATOM   205  C  CD   . LYS A 1 22  ? 0.274   8.777   10.927  1.00 33.51 ? 22  LYS A CD   1 
ATOM   206  C  CE   . LYS A 1 22  ? 0.161   10.131  11.634  1.00 39.97 ? 22  LYS A CE   1 
ATOM   207  N  NZ   . LYS A 1 22  ? 0.369   10.085  13.120  1.00 42.44 ? 22  LYS A NZ   1 
ATOM   208  H  H    . LYS A 1 22  ? -1.824  5.740   7.811   1.00 10.00 ? 22  LYS A H    1 
ATOM   209  H  HZ1  . LYS A 1 22  ? 1.315   9.707   13.330  1.00 10.00 ? 22  LYS A HZ1  1 
ATOM   210  H  HZ2  . LYS A 1 22  ? 0.283   11.046  13.507  1.00 10.00 ? 22  LYS A HZ2  1 
ATOM   211  H  HZ3  . LYS A 1 22  ? -0.352  9.469   13.549  1.00 10.00 ? 22  LYS A HZ3  1 
ATOM   212  N  N    . ALA A 1 23  ? -4.162  7.711   9.060   1.00 14.09 ? 23  ALA A N    1 
ATOM   213  C  CA   . ALA A 1 23  ? -5.367  8.526   9.221   1.00 13.93 ? 23  ALA A CA   1 
ATOM   214  C  C    . ALA A 1 23  ? -6.622  7.674   9.397   1.00 12.72 ? 23  ALA A C    1 
ATOM   215  O  O    . ALA A 1 23  ? -7.474  7.961   10.243  1.00 15.07 ? 23  ALA A O    1 
ATOM   216  C  CB   . ALA A 1 23  ? -5.525  9.479   8.028   1.00 11.71 ? 23  ALA A CB   1 
ATOM   217  H  H    . ALA A 1 23  ? -3.682  7.726   8.202   1.00 10.00 ? 23  ALA A H    1 
ATOM   218  N  N    . MET A 1 24  ? -6.742  6.624   8.600   1.00 12.23 ? 24  MET A N    1 
ATOM   219  C  CA   . MET A 1 24  ? -7.903  5.754   8.695   1.00 12.59 ? 24  MET A CA   1 
ATOM   220  C  C    . MET A 1 24  ? -7.983  4.991   10.006  1.00 12.84 ? 24  MET A C    1 
ATOM   221  O  O    . MET A 1 24  ? -9.081  4.667   10.453  1.00 12.75 ? 24  MET A O    1 
ATOM   222  C  CB   . MET A 1 24  ? -7.966  4.807   7.511   1.00 14.35 ? 24  MET A CB   1 
ATOM   223  C  CG   . MET A 1 24  ? -8.186  5.543   6.195   1.00 15.43 ? 24  MET A CG   1 
ATOM   224  S  SD   . MET A 1 24  ? -8.553  4.411   4.839   1.00 21.60 ? 24  MET A SD   1 
ATOM   225  C  CE   . MET A 1 24  ? -6.936  3.628   4.605   1.00 19.97 ? 24  MET A CE   1 
ATOM   226  H  H    . MET A 1 24  ? -6.043  6.430   7.936   1.00 10.00 ? 24  MET A H    1 
ATOM   227  N  N    . THR A 1 25  ? -6.831  4.699   10.616  1.00 14.63 ? 25  THR A N    1 
ATOM   228  C  CA   . THR A 1 25  ? -6.792  3.997   11.908  1.00 15.25 ? 25  THR A CA   1 
ATOM   229  C  C    . THR A 1 25  ? -7.408  4.923   12.969  1.00 14.80 ? 25  THR A C    1 
ATOM   230  O  O    . THR A 1 25  ? -8.165  4.481   13.841  1.00 16.07 ? 25  THR A O    1 
ATOM   231  C  CB   . THR A 1 25  ? -5.341  3.625   12.319  1.00 16.05 ? 25  THR A CB   1 
ATOM   232  O  OG1  . THR A 1 25  ? -4.777  2.750   11.333  1.00 17.69 ? 25  THR A OG1  1 
ATOM   233  C  CG2  . THR A 1 25  ? -5.326  2.912   13.680  1.00 15.05 ? 25  THR A CG2  1 
ATOM   234  H  H    . THR A 1 25  ? -5.986  4.950   10.187  1.00 10.00 ? 25  THR A H    1 
ATOM   235  H  HG1  . THR A 1 25  ? -4.755  3.191   10.474  1.00 10.00 ? 25  THR A HG1  1 
ATOM   236  N  N    . GLY A 1 26  ? -7.103  6.215   12.871  1.00 14.43 ? 26  GLY A N    1 
ATOM   237  C  CA   . GLY A 1 26  ? -7.672  7.174   13.803  1.00 15.71 ? 26  GLY A CA   1 
ATOM   238  C  C    . GLY A 1 26  ? -9.179  7.231   13.627  1.00 17.21 ? 26  GLY A C    1 
ATOM   239  O  O    . GLY A 1 26  ? -9.922  7.220   14.602  1.00 19.90 ? 26  GLY A O    1 
ATOM   240  H  H    . GLY A 1 26  ? -6.485  6.532   12.177  1.00 10.00 ? 26  GLY A H    1 
ATOM   241  N  N    . VAL A 1 27  ? -9.636  7.264   12.380  1.00 18.09 ? 27  VAL A N    1 
ATOM   242  C  CA   . VAL A 1 27  ? -11.062 7.300   12.093  1.00 18.27 ? 27  VAL A CA   1 
ATOM   243  C  C    . VAL A 1 27  ? -11.739 6.050   12.648  1.00 19.56 ? 27  VAL A C    1 
ATOM   244  O  O    . VAL A 1 27  ? -12.794 6.145   13.264  1.00 20.59 ? 27  VAL A O    1 
ATOM   245  C  CB   . VAL A 1 27  ? -11.349 7.434   10.571  1.00 18.67 ? 27  VAL A CB   1 
ATOM   246  C  CG1  . VAL A 1 27  ? -12.853 7.422   10.302  1.00 19.64 ? 27  VAL A CG1  1 
ATOM   247  C  CG2  . VAL A 1 27  ? -10.743 8.736   10.025  1.00 17.89 ? 27  VAL A CG2  1 
ATOM   248  H  H    . VAL A 1 27  ? -8.992  7.289   11.641  1.00 10.00 ? 27  VAL A H    1 
ATOM   249  N  N    . ALA A 1 28  ? -11.125 4.886   12.452  1.00 20.63 ? 28  ALA A N    1 
ATOM   250  C  CA   . ALA A 1 28  ? -11.682 3.630   12.950  1.00 21.24 ? 28  ALA A CA   1 
ATOM   251  C  C    . ALA A 1 28  ? -11.831 3.654   14.474  1.00 22.42 ? 28  ALA A C    1 
ATOM   252  O  O    . ALA A 1 28  ? -12.754 3.065   15.029  1.00 23.11 ? 28  ALA A O    1 
ATOM   253  C  CB   . ALA A 1 28  ? -10.816 2.457   12.524  1.00 19.17 ? 28  ALA A CB   1 
ATOM   254  H  H    . ALA A 1 28  ? -10.289 4.856   11.944  1.00 10.00 ? 28  ALA A H    1 
ATOM   255  N  N    . LYS A 1 29  ? -10.946 4.367   15.151  1.00 24.34 ? 29  LYS A N    1 
ATOM   256  C  CA   . LYS A 1 29  ? -11.021 4.449   16.602  1.00 26.94 ? 29  LYS A CA   1 
ATOM   257  C  C    . LYS A 1 29  ? -12.206 5.290   17.068  1.00 28.15 ? 29  LYS A C    1 
ATOM   258  O  O    . LYS A 1 29  ? -12.784 5.030   18.125  1.00 31.36 ? 29  LYS A O    1 
ATOM   259  C  CB   . LYS A 1 29  ? -9.718  5.005   17.169  1.00 26.77 ? 29  LYS A CB   1 
ATOM   260  C  CG   . LYS A 1 29  ? -8.561  4.028   17.109  1.00 28.59 ? 29  LYS A CG   1 
ATOM   261  C  CD   . LYS A 1 29  ? -7.281  4.689   17.576  1.00 31.79 ? 29  LYS A CD   1 
ATOM   262  C  CE   . LYS A 1 29  ? -6.216  3.656   17.887  1.00 33.61 ? 29  LYS A CE   1 
ATOM   263  N  NZ   . LYS A 1 29  ? -4.930  4.289   18.298  1.00 37.36 ? 29  LYS A NZ   1 
ATOM   264  H  H    . LYS A 1 29  ? -10.228 4.830   14.674  1.00 10.00 ? 29  LYS A H    1 
ATOM   265  H  HZ1  . LYS A 1 29  ? -4.615  4.933   17.545  1.00 10.00 ? 29  LYS A HZ1  1 
ATOM   266  H  HZ2  . LYS A 1 29  ? -5.063  4.821   19.183  1.00 10.00 ? 29  LYS A HZ2  1 
ATOM   267  H  HZ3  . LYS A 1 29  ? -4.216  3.554   18.424  1.00 10.00 ? 29  LYS A HZ3  1 
ATOM   268  N  N    . ALA A 1 30  ? -12.606 6.250   16.242  1.00 26.52 ? 30  ALA A N    1 
ATOM   269  C  CA   . ALA A 1 30  ? -13.707 7.145   16.560  1.00 25.27 ? 30  ALA A CA   1 
ATOM   270  C  C    . ALA A 1 30  ? -14.464 7.384   15.263  1.00 24.19 ? 30  ALA A C    1 
ATOM   271  O  O    . ALA A 1 30  ? -14.419 8.472   14.695  1.00 25.91 ? 30  ALA A O    1 
ATOM   272  C  CB   . ALA A 1 30  ? -13.141 8.454   17.095  1.00 25.96 ? 30  ALA A CB   1 
ATOM   273  H  H    . ALA A 1 30  ? -12.166 6.362   15.372  1.00 10.00 ? 30  ALA A H    1 
ATOM   274  N  N    . PHE A 1 31  ? -15.176 6.370   14.799  1.00 23.54 ? 31  PHE A N    1 
ATOM   275  C  CA   . PHE A 1 31  ? -15.872 6.482   13.534  1.00 21.65 ? 31  PHE A CA   1 
ATOM   276  C  C    . PHE A 1 31  ? -16.729 7.718   13.327  1.00 23.64 ? 31  PHE A C    1 
ATOM   277  O  O    . PHE A 1 31  ? -17.569 8.079   14.157  1.00 23.71 ? 31  PHE A O    1 
ATOM   278  C  CB   . PHE A 1 31  ? -16.667 5.216   13.213  1.00 20.98 ? 31  PHE A CB   1 
ATOM   279  C  CG   . PHE A 1 31  ? -17.165 5.174   11.797  1.00 19.20 ? 31  PHE A CG   1 
ATOM   280  C  CD1  . PHE A 1 31  ? -16.310 4.814   10.759  1.00 18.54 ? 31  PHE A CD1  1 
ATOM   281  C  CD2  . PHE A 1 31  ? -18.480 5.516   11.494  1.00 17.77 ? 31  PHE A CD2  1 
ATOM   282  C  CE1  . PHE A 1 31  ? -16.763 4.796   9.445   1.00 18.60 ? 31  PHE A CE1  1 
ATOM   283  C  CE2  . PHE A 1 31  ? -18.936 5.500   10.189  1.00 16.55 ? 31  PHE A CE2  1 
ATOM   284  C  CZ   . PHE A 1 31  ? -18.081 5.140   9.162   1.00 18.45 ? 31  PHE A CZ   1 
ATOM   285  H  H    . PHE A 1 31  ? -15.223 5.547   15.322  1.00 10.00 ? 31  PHE A H    1 
ATOM   286  N  N    . ASP A 1 32  ? -16.493 8.349   12.186  1.00 23.30 ? 32  ASP A N    1 
ATOM   287  C  CA   . ASP A 1 32  ? -17.191 9.545   11.758  1.00 25.08 ? 32  ASP A CA   1 
ATOM   288  C  C    . ASP A 1 32  ? -17.355 9.298   10.274  1.00 22.13 ? 32  ASP A C    1 
ATOM   289  O  O    . ASP A 1 32  ? -16.374 9.179   9.560   1.00 22.69 ? 32  ASP A O    1 
ATOM   290  C  CB   . ASP A 1 32  ? -16.303 10.775  12.006  1.00 28.84 ? 32  ASP A CB   1 
ATOM   291  C  CG   . ASP A 1 32  ? -16.821 12.048  11.325  1.00 32.31 ? 32  ASP A CG   1 
ATOM   292  O  OD1  . ASP A 1 32  ? -17.939 12.089  10.762  1.00 34.11 ? 32  ASP A OD1  1 
ATOM   293  O  OD2  . ASP A 1 32  ? -16.073 13.038  11.359  1.00 38.11 ? 32  ASP A OD2  1 
ATOM   294  H  H    . ASP A 1 32  ? -15.794 7.995   11.599  1.00 10.00 ? 32  ASP A H    1 
ATOM   295  N  N    . ALA A 1 33  ? -18.594 9.203   9.818   1.00 21.98 ? 33  ALA A N    1 
ATOM   296  C  CA   . ALA A 1 33  ? -18.877 8.939   8.410   1.00 22.04 ? 33  ALA A CA   1 
ATOM   297  C  C    . ALA A 1 33  ? -18.230 9.930   7.441   1.00 22.13 ? 33  ALA A C    1 
ATOM   298  O  O    . ALA A 1 33  ? -17.678 9.530   6.414   1.00 20.32 ? 33  ALA A O    1 
ATOM   299  C  CB   . ALA A 1 33  ? -20.384 8.882   8.174   1.00 23.12 ? 33  ALA A CB   1 
ATOM   300  H  H    . ALA A 1 33  ? -19.342 9.285   10.444  1.00 10.00 ? 33  ALA A H    1 
ATOM   301  N  N    . GLU A 1 34  ? -18.291 11.218  7.754   1.00 22.65 ? 34  GLU A N    1 
ATOM   302  C  CA   . GLU A 1 34  ? -17.698 12.205  6.853   1.00 23.96 ? 34  GLU A CA   1 
ATOM   303  C  C    . GLU A 1 34  ? -16.171 12.122  6.815   1.00 21.26 ? 34  GLU A C    1 
ATOM   304  O  O    . GLU A 1 34  ? -15.568 12.212  5.746   1.00 20.09 ? 34  GLU A O    1 
ATOM   305  C  CB   . GLU A 1 34  ? -18.185 13.611  7.186   1.00 28.42 ? 34  GLU A CB   1 
ATOM   306  C  CG   . GLU A 1 34  ? -19.683 13.744  7.034   1.00 36.38 ? 34  GLU A CG   1 
ATOM   307  C  CD   . GLU A 1 34  ? -20.135 15.180  6.930   1.00 44.42 ? 34  GLU A CD   1 
ATOM   308  O  OE1  . GLU A 1 34  ? -20.251 15.840  7.987   1.00 47.91 ? 34  GLU A OE1  1 
ATOM   309  O  OE2  . GLU A 1 34  ? -20.379 15.650  5.792   1.00 49.07 ? 34  GLU A OE2  1 
ATOM   310  H  H    . GLU A 1 34  ? -18.754 11.502  8.565   1.00 10.00 ? 34  GLU A H    1 
ATOM   311  N  N    . ALA A 1 35  ? -15.552 11.898  7.967   1.00 17.03 ? 35  ALA A N    1 
ATOM   312  C  CA   . ALA A 1 35  ? -14.111 11.770  8.001   1.00 16.43 ? 35  ALA A CA   1 
ATOM   313  C  C    . ALA A 1 35  ? -13.719 10.509  7.224   1.00 15.59 ? 35  ALA A C    1 
ATOM   314  O  O    . ALA A 1 35  ? -12.749 10.514  6.471   1.00 14.80 ? 35  ALA A O    1 
ATOM   315  C  CB   . ALA A 1 35  ? -13.619 11.696  9.427   1.00 14.93 ? 35  ALA A CB   1 
ATOM   316  H  H    . ALA A 1 35  ? -16.058 11.818  8.798   1.00 10.00 ? 35  ALA A H    1 
ATOM   317  N  N    . ALA A 1 36  ? -14.482 9.430   7.394   1.00 15.19 ? 36  ALA A N    1 
ATOM   318  C  CA   . ALA A 1 36  ? -14.194 8.167   6.707   1.00 13.98 ? 36  ALA A CA   1 
ATOM   319  C  C    . ALA A 1 36  ? -14.259 8.333   5.189   1.00 13.39 ? 36  ALA A C    1 
ATOM   320  O  O    . ALA A 1 36  ? -13.367 7.862   4.473   1.00 14.49 ? 36  ALA A O    1 
ATOM   321  C  CB   . ALA A 1 36  ? -15.157 7.062   7.175   1.00 12.25 ? 36  ALA A CB   1 
ATOM   322  H  H    . ALA A 1 36  ? -15.248 9.468   7.996   1.00 10.00 ? 36  ALA A H    1 
ATOM   323  N  N    . LYS A 1 37  ? -15.297 9.009   4.702   1.00 13.05 ? 37  LYS A N    1 
ATOM   324  C  CA   . LYS A 1 37  ? -15.468 9.235   3.269   1.00 14.01 ? 37  LYS A CA   1 
ATOM   325  C  C    . LYS A 1 37  ? -14.363 10.127  2.704   1.00 13.44 ? 37  LYS A C    1 
ATOM   326  O  O    . LYS A 1 37  ? -13.923 9.914   1.572   1.00 12.27 ? 37  LYS A O    1 
ATOM   327  C  CB   . LYS A 1 37  ? -16.849 9.834   2.969   1.00 16.44 ? 37  LYS A CB   1 
ATOM   328  C  CG   . LYS A 1 37  ? -18.005 8.864   3.225   1.00 22.98 ? 37  LYS A CG   1 
ATOM   329  C  CD   . LYS A 1 37  ? -19.348 9.606   3.356   1.00 29.51 ? 37  LYS A CD   1 
ATOM   330  C  CE   . LYS A 1 37  ? -20.488 8.695   3.862   1.00 31.83 ? 37  LYS A CE   1 
ATOM   331  N  NZ   . LYS A 1 37  ? -20.226 8.177   5.243   1.00 34.74 ? 37  LYS A NZ   1 
ATOM   332  H  H    . LYS A 1 37  ? -15.980 9.342   5.323   1.00 10.00 ? 37  LYS A H    1 
ATOM   333  H  HZ1  . LYS A 1 37  ? -20.119 8.991   5.878   1.00 10.00 ? 37  LYS A HZ1  1 
ATOM   334  H  HZ2  . LYS A 1 37  ? -21.024 7.587   5.552   1.00 10.00 ? 37  LYS A HZ2  1 
ATOM   335  H  HZ3  . LYS A 1 37  ? -19.352 7.611   5.254   1.00 10.00 ? 37  LYS A HZ3  1 
ATOM   336  N  N    . VAL A 1 38  ? -13.893 11.101  3.485   1.00 13.47 ? 38  VAL A N    1 
ATOM   337  C  CA   . VAL A 1 38  ? -12.819 11.966  2.991   1.00 15.09 ? 38  VAL A CA   1 
ATOM   338  C  C    . VAL A 1 38  ? -11.534 11.165  2.854   1.00 13.24 ? 38  VAL A C    1 
ATOM   339  O  O    . VAL A 1 38  ? -10.810 11.314  1.872   1.00 11.16 ? 38  VAL A O    1 
ATOM   340  C  CB   . VAL A 1 38  ? -12.526 13.216  3.875   1.00 15.92 ? 38  VAL A CB   1 
ATOM   341  C  CG1  . VAL A 1 38  ? -13.709 14.087  3.980   1.00 26.80 ? 38  VAL A CG1  1 
ATOM   342  C  CG2  . VAL A 1 38  ? -12.068 12.836  5.227   1.00 24.84 ? 38  VAL A CG2  1 
ATOM   343  H  H    . VAL A 1 38  ? -14.282 11.261  4.372   1.00 10.00 ? 38  VAL A H    1 
ATOM   344  N  N    . GLU A 1 39  ? -11.249 10.308  3.830   1.00 11.90 ? 39  GLU A N    1 
ATOM   345  C  CA   . GLU A 1 39  ? -10.041 9.511   3.751   1.00 12.20 ? 39  GLU A CA   1 
ATOM   346  C  C    . GLU A 1 39  ? -10.143 8.489   2.641   1.00 13.38 ? 39  GLU A C    1 
ATOM   347  O  O    . GLU A 1 39  ? -9.168  8.248   1.934   1.00 12.90 ? 39  GLU A O    1 
ATOM   348  C  CB   . GLU A 1 39  ? -9.722  8.835   5.085   1.00 10.78 ? 39  GLU A CB   1 
ATOM   349  C  CG   . GLU A 1 39  ? -9.343  9.817   6.191   1.00 11.86 ? 39  GLU A CG   1 
ATOM   350  C  CD   . GLU A 1 39  ? -8.119  10.684  5.871   1.00 13.12 ? 39  GLU A CD   1 
ATOM   351  O  OE1  . GLU A 1 39  ? -7.246  10.291  5.065   1.00 13.69 ? 39  GLU A OE1  1 
ATOM   352  O  OE2  . GLU A 1 39  ? -8.020  11.770  6.465   1.00 12.98 ? 39  GLU A OE2  1 
ATOM   353  H  H    . GLU A 1 39  ? -11.846 10.221  4.606   1.00 10.00 ? 39  GLU A H    1 
ATOM   354  N  N    . ALA A 1 40  ? -11.328 7.910   2.471   1.00 14.10 ? 40  ALA A N    1 
ATOM   355  C  CA   . ALA A 1 40  ? -11.546 6.910   1.424   1.00 13.93 ? 40  ALA A CA   1 
ATOM   356  C  C    . ALA A 1 40  ? -11.336 7.514   0.027   1.00 14.29 ? 40  ALA A C    1 
ATOM   357  O  O    . ALA A 1 40  ? -10.751 6.875   -0.848  1.00 15.69 ? 40  ALA A O    1 
ATOM   358  C  CB   . ALA A 1 40  ? -12.946 6.313   1.539   1.00 13.80 ? 40  ALA A CB   1 
ATOM   359  H  H    . ALA A 1 40  ? -12.066 8.146   3.070   1.00 10.00 ? 40  ALA A H    1 
ATOM   360  N  N    . ALA A 1 41  ? -11.818 8.741   -0.183  1.00 13.48 ? 41  ALA A N    1 
ATOM   361  C  CA   . ALA A 1 41  ? -11.675 9.419   -1.465  1.00 11.98 ? 41  ALA A CA   1 
ATOM   362  C  C    . ALA A 1 41  ? -10.187 9.587   -1.800  1.00 12.70 ? 41  ALA A C    1 
ATOM   363  O  O    . ALA A 1 41  ? -9.766  9.397   -2.948  1.00 14.21 ? 41  ALA A O    1 
ATOM   364  C  CB   . ALA A 1 41  ? -12.387 10.773  -1.425  1.00 11.39 ? 41  ALA A CB   1 
ATOM   365  H  H    . ALA A 1 41  ? -12.307 9.186   0.542   1.00 10.00 ? 41  ALA A H    1 
ATOM   366  N  N    . LYS A 1 42  ? -9.390  9.916   -0.790  1.00 11.40 ? 42  LYS A N    1 
ATOM   367  C  CA   . LYS A 1 42  ? -7.957  10.073  -0.980  1.00 11.56 ? 42  LYS A CA   1 
ATOM   368  C  C    . LYS A 1 42  ? -7.333  8.712   -1.309  1.00 12.69 ? 42  LYS A C    1 
ATOM   369  O  O    . LYS A 1 42  ? -6.610  8.581   -2.289  1.00 12.60 ? 42  LYS A O    1 
ATOM   370  C  CB   . LYS A 1 42  ? -7.322  10.673  0.274   1.00 10.77 ? 42  LYS A CB   1 
ATOM   371  C  CG   . LYS A 1 42  ? -5.814  10.665  0.267   1.00 10.09 ? 42  LYS A CG   1 
ATOM   372  C  CD   . LYS A 1 42  ? -5.263  11.387  1.483   1.00 13.65 ? 42  LYS A CD   1 
ATOM   373  C  CE   . LYS A 1 42  ? -3.813  10.978  1.765   1.00 11.00 ? 42  LYS A CE   1 
ATOM   374  N  NZ   . LYS A 1 42  ? -3.180  11.832  2.797   1.00 10.37 ? 42  LYS A NZ   1 
ATOM   375  H  H    . LYS A 1 42  ? -9.777  10.071  0.097   1.00 10.00 ? 42  LYS A H    1 
ATOM   376  H  HZ1  . LYS A 1 42  ? -3.234  12.824  2.509   1.00 10.00 ? 42  LYS A HZ1  1 
ATOM   377  H  HZ2  . LYS A 1 42  ? -3.672  11.735  3.695   1.00 10.00 ? 42  LYS A HZ2  1 
ATOM   378  H  HZ3  . LYS A 1 42  ? -2.186  11.558  2.924   1.00 10.00 ? 42  LYS A HZ3  1 
ATOM   379  N  N    . LEU A 1 43  ? -7.655  7.695   -0.511  1.00 12.75 ? 43  LEU A N    1 
ATOM   380  C  CA   . LEU A 1 43  ? -7.125  6.352   -0.725  1.00 13.32 ? 43  LEU A CA   1 
ATOM   381  C  C    . LEU A 1 43  ? -7.474  5.838   -2.123  1.00 12.98 ? 43  LEU A C    1 
ATOM   382  O  O    . LEU A 1 43  ? -6.652  5.180   -2.772  1.00 12.44 ? 43  LEU A O    1 
ATOM   383  C  CB   . LEU A 1 43  ? -7.666  5.377   0.338   1.00 13.59 ? 43  LEU A CB   1 
ATOM   384  C  CG   . LEU A 1 43  ? -7.207  3.916   0.197   1.00 13.22 ? 43  LEU A CG   1 
ATOM   385  C  CD1  . LEU A 1 43  ? -5.676  3.843   0.299   1.00 13.22 ? 43  LEU A CD1  1 
ATOM   386  C  CD2  . LEU A 1 43  ? -7.878  3.032   1.236   1.00 11.35 ? 43  LEU A CD2  1 
ATOM   387  H  H    . LEU A 1 43  ? -8.267  7.850   0.236   1.00 10.00 ? 43  LEU A H    1 
ATOM   388  N  N    . GLU A 1 44  ? -8.681  6.158   -2.591  1.00 13.11 ? 44  GLU A N    1 
ATOM   389  C  CA   . GLU A 1 44  ? -9.126  5.722   -3.905  1.00 15.69 ? 44  GLU A CA   1 
ATOM   390  C  C    . GLU A 1 44  ? -8.199  6.194   -5.009  1.00 15.20 ? 44  GLU A C    1 
ATOM   391  O  O    . GLU A 1 44  ? -7.850  5.430   -5.905  1.00 16.05 ? 44  GLU A O    1 
ATOM   392  C  CB   . GLU A 1 44  ? -10.541 6.197   -4.188  1.00 19.45 ? 44  GLU A CB   1 
ATOM   393  C  CG   . GLU A 1 44  ? -11.079 5.648   -5.487  1.00 24.40 ? 44  GLU A CG   1 
ATOM   394  C  CD   . GLU A 1 44  ? -12.540 5.928   -5.660  1.00 30.47 ? 44  GLU A CD   1 
ATOM   395  O  OE1  . GLU A 1 44  ? -12.913 7.123   -5.684  1.00 35.89 ? 44  GLU A OE1  1 
ATOM   396  O  OE2  . GLU A 1 44  ? -13.316 4.953   -5.768  1.00 31.00 ? 44  GLU A OE2  1 
ATOM   397  H  H    . GLU A 1 44  ? -9.279  6.695   -2.036  1.00 10.00 ? 44  GLU A H    1 
ATOM   398  N  N    . LYS A 1 45  ? -7.788  7.451   -4.927  1.00 14.78 ? 45  LYS A N    1 
ATOM   399  C  CA   . LYS A 1 45  ? -6.883  8.019   -5.913  1.00 15.43 ? 45  LYS A CA   1 
ATOM   400  C  C    . LYS A 1 45  ? -5.505  7.359   -5.820  1.00 14.59 ? 45  LYS A C    1 
ATOM   401  O  O    . LYS A 1 45  ? -4.922  6.988   -6.844  1.00 15.70 ? 45  LYS A O    1 
ATOM   402  C  CB   . LYS A 1 45  ? -6.768  9.526   -5.704  1.00 16.87 ? 45  LYS A CB   1 
ATOM   403  C  CG   . LYS A 1 45  ? -8.078  10.270  -5.882  1.00 19.46 ? 45  LYS A CG   1 
ATOM   404  C  CD   . LYS A 1 45  ? -8.451  10.341  -7.339  1.00 25.45 ? 45  LYS A CD   1 
ATOM   405  C  CE   . LYS A 1 45  ? -9.579  11.327  -7.553  1.00 28.80 ? 45  LYS A CE   1 
ATOM   406  N  NZ   . LYS A 1 45  ? -9.616  11.811  -8.964  1.00 35.76 ? 45  LYS A NZ   1 
ATOM   407  H  H    . LYS A 1 45  ? -8.093  8.013   -4.184  1.00 10.00 ? 45  LYS A H    1 
ATOM   408  H  HZ1  . LYS A 1 45  ? -8.707  12.263  -9.187  1.00 10.00 ? 45  LYS A HZ1  1 
ATOM   409  H  HZ2  . LYS A 1 45  ? -9.768  11.005  -9.604  1.00 10.00 ? 45  LYS A HZ2  1 
ATOM   410  H  HZ3  . LYS A 1 45  ? -10.386 12.499  -9.081  1.00 10.00 ? 45  LYS A HZ3  1 
ATOM   411  N  N    . ILE A 1 46  ? -5.008  7.167   -4.600  1.00 14.47 ? 46  ILE A N    1 
ATOM   412  C  CA   . ILE A 1 46  ? -3.693  6.535   -4.399  1.00 15.20 ? 46  ILE A CA   1 
ATOM   413  C  C    . ILE A 1 46  ? -3.664  5.142   -5.027  1.00 15.02 ? 46  ILE A C    1 
ATOM   414  O  O    . ILE A 1 46  ? -2.733  4.811   -5.763  1.00 16.40 ? 46  ILE A O    1 
ATOM   415  C  CB   . ILE A 1 46  ? -3.297  6.428   -2.879  1.00 14.31 ? 46  ILE A CB   1 
ATOM   416  C  CG1  . ILE A 1 46  ? -3.168  7.821   -2.255  1.00 14.74 ? 46  ILE A CG1  1 
ATOM   417  C  CG2  . ILE A 1 46  ? -1.969  5.679   -2.717  1.00 11.87 ? 46  ILE A CG2  1 
ATOM   418  C  CD1  . ILE A 1 46  ? -3.038  7.812   -0.755  1.00 16.03 ? 46  ILE A CD1  1 
ATOM   419  H  H    . ILE A 1 46  ? -5.527  7.472   -3.823  1.00 10.00 ? 46  ILE A H    1 
ATOM   420  N  N    . LEU A 1 47  ? -4.705  4.354   -4.788  1.00 15.46 ? 47  LEU A N    1 
ATOM   421  C  CA   . LEU A 1 47  ? -4.775  3.002   -5.326  1.00 18.47 ? 47  LEU A CA   1 
ATOM   422  C  C    . LEU A 1 47  ? -4.877  2.923   -6.836  1.00 21.68 ? 47  LEU A C    1 
ATOM   423  O  O    . LEU A 1 47  ? -4.804  1.834   -7.406  1.00 22.37 ? 47  LEU A O    1 
ATOM   424  C  CB   . LEU A 1 47  ? -5.929  2.220   -4.696  1.00 19.39 ? 47  LEU A CB   1 
ATOM   425  C  CG   . LEU A 1 47  ? -5.740  1.866   -3.217  1.00 19.60 ? 47  LEU A CG   1 
ATOM   426  C  CD1  . LEU A 1 47  ? -6.974  1.144   -2.679  1.00 22.26 ? 47  LEU A CD1  1 
ATOM   427  C  CD2  . LEU A 1 47  ? -4.492  1.005   -3.048  1.00 21.42 ? 47  LEU A CD2  1 
ATOM   428  H  H    . LEU A 1 47  ? -5.434  4.686   -4.222  1.00 10.00 ? 47  LEU A H    1 
ATOM   429  N  N    . ALA A 1 48  ? -5.091  4.060   -7.485  1.00 23.55 ? 48  ALA A N    1 
ATOM   430  C  CA   . ALA A 1 48  ? -5.175  4.075   -8.940  1.00 25.99 ? 48  ALA A CA   1 
ATOM   431  C  C    . ALA A 1 48  ? -3.781  4.092   -9.595  1.00 27.95 ? 48  ALA A C    1 
ATOM   432  O  O    . ALA A 1 48  ? -3.657  3.851   -10.798 1.00 30.41 ? 48  ALA A O    1 
ATOM   433  C  CB   . ALA A 1 48  ? -5.994  5.256   -9.403  1.00 24.65 ? 48  ALA A CB   1 
ATOM   434  H  H    . ALA A 1 48  ? -5.188  4.907   -7.003  1.00 10.00 ? 48  ALA A H    1 
ATOM   435  N  N    . THR A 1 49  ? -2.739  4.383   -8.817  1.00 27.95 ? 49  THR A N    1 
ATOM   436  C  CA   . THR A 1 49  ? -1.369  4.419   -9.339  1.00 28.42 ? 49  THR A CA   1 
ATOM   437  C  C    . THR A 1 49  ? -0.906  3.028   -9.776  1.00 28.52 ? 49  THR A C    1 
ATOM   438  O  O    . THR A 1 49  ? -1.093  2.045   -9.049  1.00 27.93 ? 49  THR A O    1 
ATOM   439  C  CB   . THR A 1 49  ? -0.363  4.903   -8.265  1.00 29.85 ? 49  THR A CB   1 
ATOM   440  O  OG1  . THR A 1 49  ? -0.748  6.195   -7.768  1.00 33.32 ? 49  THR A OG1  1 
ATOM   441  C  CG2  . THR A 1 49  ? 1.053   4.969   -8.843  1.00 30.45 ? 49  THR A CG2  1 
ATOM   442  H  H    . THR A 1 49  ? -2.881  4.538   -7.862  1.00 10.00 ? 49  THR A H    1 
ATOM   443  H  HG1  . THR A 1 49  ? -1.513  6.064   -7.193  1.00 10.00 ? 49  THR A HG1  1 
ATOM   444  N  N    . ASP A 1 50  ? -0.292  2.937   -10.952 1.00 29.82 ? 50  ASP A N    1 
ATOM   445  C  CA   . ASP A 1 50  ? 0.216   1.647   -11.437 1.00 30.52 ? 50  ASP A CA   1 
ATOM   446  C  C    . ASP A 1 50  ? 1.692   1.602   -11.047 1.00 28.47 ? 50  ASP A C    1 
ATOM   447  O  O    . ASP A 1 50  ? 2.518   2.269   -11.661 1.00 29.62 ? 50  ASP A O    1 
ATOM   448  C  CB   . ASP A 1 50  ? 0.061   1.538   -12.962 1.00 32.83 ? 50  ASP A CB   1 
ATOM   449  C  CG   . ASP A 1 50  ? 0.348   0.136   -13.497 1.00 35.62 ? 50  ASP A CG   1 
ATOM   450  O  OD1  . ASP A 1 50  ? 0.790   -0.759  -12.734 1.00 35.73 ? 50  ASP A OD1  1 
ATOM   451  O  OD2  . ASP A 1 50  ? 0.115   -0.071  -14.706 1.00 40.38 ? 50  ASP A OD2  1 
ATOM   452  H  H    . ASP A 1 50  ? -0.171  3.737   -11.504 1.00 10.00 ? 50  ASP A H    1 
ATOM   453  N  N    . VAL A 1 51  ? 2.027   0.819   -10.030 1.00 26.89 ? 51  VAL A N    1 
ATOM   454  C  CA   . VAL A 1 51  ? 3.415   0.758   -9.574  1.00 27.28 ? 51  VAL A CA   1 
ATOM   455  C  C    . VAL A 1 51  ? 4.317   -0.280  -10.238 1.00 25.22 ? 51  VAL A C    1 
ATOM   456  O  O    . VAL A 1 51  ? 5.521   -0.284  -9.992  1.00 23.54 ? 51  VAL A O    1 
ATOM   457  C  CB   . VAL A 1 51  ? 3.514   0.630   -8.028  1.00 27.94 ? 51  VAL A CB   1 
ATOM   458  C  CG1  . VAL A 1 51  ? 2.651   1.684   -7.372  1.00 29.98 ? 51  VAL A CG1  1 
ATOM   459  C  CG2  . VAL A 1 51  ? 3.128   -0.762  -7.577  1.00 28.55 ? 51  VAL A CG2  1 
ATOM   460  H  H    . VAL A 1 51  ? 1.332   0.297   -9.576  1.00 10.00 ? 51  VAL A H    1 
ATOM   461  N  N    . ALA A 1 52  ? 3.749   -1.134  -11.093 1.00 23.66 ? 52  ALA A N    1 
ATOM   462  C  CA   . ALA A 1 52  ? 4.545   -2.148  -11.792 1.00 23.36 ? 52  ALA A CA   1 
ATOM   463  C  C    . ALA A 1 52  ? 5.783   -1.519  -12.451 1.00 22.23 ? 52  ALA A C    1 
ATOM   464  O  O    . ALA A 1 52  ? 6.908   -1.959  -12.202 1.00 20.47 ? 52  ALA A O    1 
ATOM   465  C  CB   . ALA A 1 52  ? 3.697   -2.887  -12.841 1.00 25.13 ? 52  ALA A CB   1 
ATOM   466  H  H    . ALA A 1 52  ? 2.789   -1.077  -11.258 1.00 10.00 ? 52  ALA A H    1 
ATOM   467  N  N    . PRO A 1 53  ? 5.595   -0.445  -13.250 1.00 22.09 ? 53  PRO A N    1 
ATOM   468  C  CA   . PRO A 1 53  ? 6.732   0.209   -13.911 1.00 21.25 ? 53  PRO A CA   1 
ATOM   469  C  C    . PRO A 1 53  ? 7.766   0.775   -12.925 1.00 20.51 ? 53  PRO A C    1 
ATOM   470  O  O    . PRO A 1 53  ? 8.891   1.086   -13.320 1.00 20.38 ? 53  PRO A O    1 
ATOM   471  C  CB   . PRO A 1 53  ? 6.058   1.341   -14.694 1.00 21.27 ? 53  PRO A CB   1 
ATOM   472  C  CG   . PRO A 1 53  ? 4.701   0.810   -14.970 1.00 21.01 ? 53  PRO A CG   1 
ATOM   473  C  CD   . PRO A 1 53  ? 4.334   0.211   -13.651 1.00 21.77 ? 53  PRO A CD   1 
ATOM   474  N  N    . LEU A 1 54  ? 7.378   0.937   -11.659 1.00 18.40 ? 54  LEU A N    1 
ATOM   475  C  CA   . LEU A 1 54  ? 8.278   1.479   -10.644 1.00 17.32 ? 54  LEU A CA   1 
ATOM   476  C  C    . LEU A 1 54  ? 9.218   0.412   -10.080 1.00 15.96 ? 54  LEU A C    1 
ATOM   477  O  O    . LEU A 1 54  ? 10.128  0.722   -9.313  1.00 14.97 ? 54  LEU A O    1 
ATOM   478  C  CB   . LEU A 1 54  ? 7.482   2.133   -9.503  1.00 17.57 ? 54  LEU A CB   1 
ATOM   479  C  CG   . LEU A 1 54  ? 6.545   3.274   -9.916  1.00 18.34 ? 54  LEU A CG   1 
ATOM   480  C  CD1  . LEU A 1 54  ? 5.775   3.799   -8.719  1.00 18.10 ? 54  LEU A CD1  1 
ATOM   481  C  CD2  . LEU A 1 54  ? 7.346   4.386   -10.592 1.00 18.86 ? 54  LEU A CD2  1 
ATOM   482  H  H    . LEU A 1 54  ? 6.482   0.679   -11.376 1.00 10.00 ? 54  LEU A H    1 
ATOM   483  N  N    . PHE A 1 55  ? 9.006   -0.839  -10.471 1.00 15.80 ? 55  PHE A N    1 
ATOM   484  C  CA   . PHE A 1 55  ? 9.847   -1.931  -10.000 1.00 15.14 ? 55  PHE A CA   1 
ATOM   485  C  C    . PHE A 1 55  ? 10.608  -2.656  -11.120 1.00 16.48 ? 55  PHE A C    1 
ATOM   486  O  O    . PHE A 1 55  ? 10.467  -3.873  -11.284 1.00 15.18 ? 55  PHE A O    1 
ATOM   487  C  CB   . PHE A 1 55  ? 9.022   -2.932  -9.193  1.00 13.20 ? 55  PHE A CB   1 
ATOM   488  C  CG   . PHE A 1 55  ? 8.708   -2.472  -7.796  1.00 16.53 ? 55  PHE A CG   1 
ATOM   489  C  CD1  . PHE A 1 55  ? 9.577   -2.749  -6.749  1.00 14.88 ? 55  PHE A CD1  1 
ATOM   490  C  CD2  . PHE A 1 55  ? 7.547   -1.756  -7.528  1.00 18.34 ? 55  PHE A CD2  1 
ATOM   491  C  CE1  . PHE A 1 55  ? 9.295   -2.321  -5.461  1.00 19.06 ? 55  PHE A CE1  1 
ATOM   492  C  CE2  . PHE A 1 55  ? 7.260   -1.325  -6.236  1.00 17.91 ? 55  PHE A CE2  1 
ATOM   493  C  CZ   . PHE A 1 55  ? 8.133   -1.608  -5.203  1.00 16.78 ? 55  PHE A CZ   1 
ATOM   494  H  H    . PHE A 1 55  ? 8.265   -1.049  -11.075 1.00 10.00 ? 55  PHE A H    1 
ATOM   495  N  N    . PRO A 1 56  ? 11.410  -1.916  -11.923 1.00 17.13 ? 56  PRO A N    1 
ATOM   496  C  CA   . PRO A 1 56  ? 12.163  -2.579  -12.999 1.00 16.67 ? 56  PRO A CA   1 
ATOM   497  C  C    . PRO A 1 56  ? 13.306  -3.385  -12.375 1.00 19.06 ? 56  PRO A C    1 
ATOM   498  O  O    . PRO A 1 56  ? 13.832  -3.012  -11.315 1.00 18.21 ? 56  PRO A O    1 
ATOM   499  C  CB   . PRO A 1 56  ? 12.710  -1.406  -13.803 1.00 15.86 ? 56  PRO A CB   1 
ATOM   500  C  CG   . PRO A 1 56  ? 12.997  -0.379  -12.734 1.00 17.27 ? 56  PRO A CG   1 
ATOM   501  C  CD   . PRO A 1 56  ? 11.729  -0.473  -11.872 1.00 16.77 ? 56  PRO A CD   1 
ATOM   502  N  N    . ALA A 1 57  ? 13.681  -4.491  -13.014 1.00 18.39 ? 57  ALA A N    1 
ATOM   503  C  CA   . ALA A 1 57  ? 14.757  -5.331  -12.500 1.00 17.71 ? 57  ALA A CA   1 
ATOM   504  C  C    . ALA A 1 57  ? 16.038  -4.506  -12.316 1.00 16.17 ? 57  ALA A C    1 
ATOM   505  O  O    . ALA A 1 57  ? 16.283  -3.544  -13.045 1.00 14.77 ? 57  ALA A O    1 
ATOM   506  C  CB   . ALA A 1 57  ? 14.995  -6.529  -13.442 1.00 15.03 ? 57  ALA A CB   1 
ATOM   507  H  H    . ALA A 1 57  ? 13.228  -4.733  -13.852 1.00 10.00 ? 57  ALA A H    1 
ATOM   508  N  N    . GLY A 1 58  ? 16.809  -4.842  -11.286 1.00 17.10 ? 58  GLY A N    1 
ATOM   509  C  CA   . GLY A 1 58  ? 18.043  -4.120  -11.014 1.00 17.27 ? 58  GLY A CA   1 
ATOM   510  C  C    . GLY A 1 58  ? 17.948  -2.941  -10.053 1.00 16.34 ? 58  GLY A C    1 
ATOM   511  O  O    . GLY A 1 58  ? 18.881  -2.134  -9.960  1.00 16.91 ? 58  GLY A O    1 
ATOM   512  H  H    . GLY A 1 58  ? 16.537  -5.576  -10.700 1.00 10.00 ? 58  GLY A H    1 
ATOM   513  N  N    . THR A 1 59  ? 16.837  -2.831  -9.332  1.00 14.59 ? 59  THR A N    1 
ATOM   514  C  CA   . THR A 1 59  ? 16.663  -1.734  -8.391  1.00 14.54 ? 59  THR A CA   1 
ATOM   515  C  C    . THR A 1 59  ? 16.452  -2.218  -6.958  1.00 15.13 ? 59  THR A C    1 
ATOM   516  O  O    . THR A 1 59  ? 15.783  -1.555  -6.165  1.00 15.31 ? 59  THR A O    1 
ATOM   517  C  CB   . THR A 1 59  ? 15.504  -0.739  -8.828  1.00 15.08 ? 59  THR A CB   1 
ATOM   518  O  OG1  . THR A 1 59  ? 14.232  -1.419  -8.909  1.00 15.79 ? 59  THR A OG1  1 
ATOM   519  C  CG2  . THR A 1 59  ? 15.832  -0.100  -10.178 1.00 13.80 ? 59  THR A CG2  1 
ATOM   520  H  H    . THR A 1 59  ? 16.106  -3.471  -9.437  1.00 10.00 ? 59  THR A H    1 
ATOM   521  H  HG1  . THR A 1 59  ? 14.190  -2.011  -9.671  1.00 10.00 ? 59  THR A HG1  1 
ATOM   522  N  N    . SER A 1 60  ? 17.031  -3.367  -6.621  1.00 14.77 ? 60  SER A N    1 
ATOM   523  C  CA   . SER A 1 60  ? 16.882  -3.912  -5.271  1.00 14.81 ? 60  SER A CA   1 
ATOM   524  C  C    . SER A 1 60  ? 17.905  -3.298  -4.329  1.00 15.30 ? 60  SER A C    1 
ATOM   525  O  O    . SER A 1 60  ? 18.841  -2.624  -4.769  1.00 13.17 ? 60  SER A O    1 
ATOM   526  C  CB   . SER A 1 60  ? 17.080  -5.429  -5.279  1.00 18.19 ? 60  SER A CB   1 
ATOM   527  O  OG   . SER A 1 60  ? 18.445  -5.776  -5.477  1.00 16.93 ? 60  SER A OG   1 
ATOM   528  H  H    . SER A 1 60  ? 17.578  -3.843  -7.267  1.00 10.00 ? 60  SER A H    1 
ATOM   529  H  HG   . SER A 1 60  ? 18.476  -6.741  -5.524  1.00 10.00 ? 60  SER A HG   1 
ATOM   530  N  N    . SER A 1 61  ? 17.757  -3.592  -3.039  1.00 16.72 ? 61  SER A N    1 
ATOM   531  C  CA   . SER A 1 61  ? 18.678  -3.101  -2.018  1.00 16.60 ? 61  SER A CA   1 
ATOM   532  C  C    . SER A 1 61  ? 20.100  -3.655  -2.225  1.00 17.30 ? 61  SER A C    1 
ATOM   533  O  O    . SER A 1 61  ? 21.061  -3.114  -1.702  1.00 17.13 ? 61  SER A O    1 
ATOM   534  C  CB   . SER A 1 61  ? 18.158  -3.443  -0.620  1.00 16.67 ? 61  SER A CB   1 
ATOM   535  O  OG   . SER A 1 61  ? 17.803  -4.807  -0.513  1.00 20.21 ? 61  SER A OG   1 
ATOM   536  H  H    . SER A 1 61  ? 17.014  -4.151  -2.737  1.00 10.00 ? 61  SER A H    1 
ATOM   537  H  HG   . SER A 1 61  ? 17.558  -4.942  0.408   1.00 10.00 ? 61  SER A HG   1 
ATOM   538  N  N    . THR A 1 62  ? 20.223  -4.732  -2.990  1.00 17.49 ? 62  THR A N    1 
ATOM   539  C  CA   . THR A 1 62  ? 21.518  -5.327  -3.287  1.00 18.24 ? 62  THR A CA   1 
ATOM   540  C  C    . THR A 1 62  ? 22.147  -4.558  -4.439  1.00 19.03 ? 62  THR A C    1 
ATOM   541  O  O    . THR A 1 62  ? 23.370  -4.445  -4.521  1.00 20.59 ? 62  THR A O    1 
ATOM   542  C  CB   . THR A 1 62  ? 21.357  -6.793  -3.706  1.00 18.05 ? 62  THR A CB   1 
ATOM   543  O  OG1  . THR A 1 62  ? 20.770  -7.519  -2.624  1.00 23.11 ? 62  THR A OG1  1 
ATOM   544  C  CG2  . THR A 1 62  ? 22.703  -7.421  -4.057  1.00 20.47 ? 62  THR A CG2  1 
ATOM   545  H  H    . THR A 1 62  ? 19.421  -5.150  -3.364  1.00 10.00 ? 62  THR A H    1 
ATOM   546  H  HG1  . THR A 1 62  ? 21.382  -7.455  -1.875  1.00 10.00 ? 62  THR A HG1  1 
ATOM   547  N  N    . ASP A 1 63  ? 21.313  -4.056  -5.345  1.00 17.41 ? 63  ASP A N    1 
ATOM   548  C  CA   . ASP A 1 63  ? 21.807  -3.296  -6.493  1.00 17.11 ? 63  ASP A CA   1 
ATOM   549  C  C    . ASP A 1 63  ? 22.144  -1.852  -6.123  1.00 16.32 ? 63  ASP A C    1 
ATOM   550  O  O    . ASP A 1 63  ? 23.095  -1.271  -6.647  1.00 16.82 ? 63  ASP A O    1 
ATOM   551  C  CB   . ASP A 1 63  ? 20.773  -3.286  -7.629  1.00 17.30 ? 63  ASP A CB   1 
ATOM   552  C  CG   . ASP A 1 63  ? 20.402  -4.678  -8.101  1.00 20.19 ? 63  ASP A CG   1 
ATOM   553  O  OD1  . ASP A 1 63  ? 21.307  -5.451  -8.469  1.00 20.89 ? 63  ASP A OD1  1 
ATOM   554  O  OD2  . ASP A 1 63  ? 19.199  -5.002  -8.104  1.00 20.14 ? 63  ASP A OD2  1 
ATOM   555  H  H    . ASP A 1 63  ? 20.345  -4.176  -5.243  1.00 10.00 ? 63  ASP A H    1 
ATOM   556  N  N    . LEU A 1 64  ? 21.332  -1.271  -5.252  1.00 15.17 ? 64  LEU A N    1 
ATOM   557  C  CA   . LEU A 1 64  ? 21.495  0.116   -4.815  1.00 15.15 ? 64  LEU A CA   1 
ATOM   558  C  C    . LEU A 1 64  ? 21.502  0.156   -3.286  1.00 15.08 ? 64  LEU A C    1 
ATOM   559  O  O    . LEU A 1 64  ? 20.545  0.622   -2.644  1.00 14.55 ? 64  LEU A O    1 
ATOM   560  C  CB   . LEU A 1 64  ? 20.333  0.944   -5.361  1.00 15.76 ? 64  LEU A CB   1 
ATOM   561  C  CG   . LEU A 1 64  ? 20.109  0.796   -6.871  1.00 16.47 ? 64  LEU A CG   1 
ATOM   562  C  CD1  . LEU A 1 64  ? 18.669  1.124   -7.246  1.00 18.02 ? 64  LEU A CD1  1 
ATOM   563  C  CD2  . LEU A 1 64  ? 21.084  1.686   -7.603  1.00 17.45 ? 64  LEU A CD2  1 
ATOM   564  H  H    . LEU A 1 64  ? 20.575  -1.774  -4.888  1.00 10.00 ? 64  LEU A H    1 
ATOM   565  N  N    . PRO A 1 65  ? 22.604  -0.311  -2.679  1.00 16.90 ? 65  PRO A N    1 
ATOM   566  C  CA   . PRO A 1 65  ? 22.728  -0.336  -1.215  1.00 17.41 ? 65  PRO A CA   1 
ATOM   567  C  C    . PRO A 1 65  ? 22.399  0.970   -0.499  1.00 18.49 ? 65  PRO A C    1 
ATOM   568  O  O    . PRO A 1 65  ? 22.869  2.043   -0.893  1.00 18.06 ? 65  PRO A O    1 
ATOM   569  C  CB   . PRO A 1 65  ? 24.184  -0.778  -0.992  1.00 17.71 ? 65  PRO A CB   1 
ATOM   570  C  CG   . PRO A 1 65  ? 24.879  -0.415  -2.286  1.00 18.43 ? 65  PRO A CG   1 
ATOM   571  C  CD   . PRO A 1 65  ? 23.861  -0.734  -3.328  1.00 15.93 ? 65  PRO A CD   1 
ATOM   572  N  N    . GLY A 1 66  ? 21.545  0.855   0.520   1.00 18.38 ? 66  GLY A N    1 
ATOM   573  C  CA   . GLY A 1 66  ? 21.131  1.984   1.342   1.00 18.98 ? 66  GLY A CA   1 
ATOM   574  C  C    . GLY A 1 66  ? 20.206  2.999   0.695   1.00 21.54 ? 66  GLY A C    1 
ATOM   575  O  O    . GLY A 1 66  ? 19.864  4.014   1.320   1.00 22.31 ? 66  GLY A O    1 
ATOM   576  H  H    . GLY A 1 66  ? 21.157  -0.025  0.723   1.00 10.00 ? 66  GLY A H    1 
ATOM   577  N  N    . GLN A 1 67  ? 19.779  2.737   -0.539  1.00 19.80 ? 67  GLN A N    1 
ATOM   578  C  CA   . GLN A 1 67  ? 18.912  3.675   -1.244  1.00 18.88 ? 67  GLN A CA   1 
ATOM   579  C  C    . GLN A 1 67  ? 17.486  3.169   -1.450  1.00 17.65 ? 67  GLN A C    1 
ATOM   580  O  O    . GLN A 1 67  ? 16.615  3.908   -1.917  1.00 15.18 ? 67  GLN A O    1 
ATOM   581  C  CB   . GLN A 1 67  ? 19.550  4.073   -2.573  1.00 21.80 ? 67  GLN A CB   1 
ATOM   582  C  CG   . GLN A 1 67  ? 20.980  4.523   -2.401  1.00 29.34 ? 67  GLN A CG   1 
ATOM   583  C  CD   . GLN A 1 67  ? 21.430  5.518   -3.447  1.00 35.80 ? 67  GLN A CD   1 
ATOM   584  O  OE1  . GLN A 1 67  ? 22.560  5.449   -3.937  1.00 40.31 ? 67  GLN A OE1  1 
ATOM   585  N  NE2  . GLN A 1 67  ? 20.569  6.480   -3.767  1.00 39.18 ? 67  GLN A NE2  1 
ATOM   586  H  H    . GLN A 1 67  ? 20.075  1.918   -0.994  1.00 10.00 ? 67  GLN A H    1 
ATOM   587  H  HE21 . GLN A 1 67  ? 20.837  7.158   -4.428  1.00 10.00 ? 67  GLN A HE21 1 
ATOM   588  H  HE22 . GLN A 1 67  ? 19.692  6.496   -3.333  1.00 10.00 ? 67  GLN A HE22 1 
ATOM   589  N  N    . THR A 1 68  ? 17.250  1.922   -1.061  1.00 14.98 ? 68  THR A N    1 
ATOM   590  C  CA   . THR A 1 68  ? 15.934  1.306   -1.195  1.00 15.91 ? 68  THR A CA   1 
ATOM   591  C  C    . THR A 1 68  ? 15.814  0.109   -0.249  1.00 15.41 ? 68  THR A C    1 
ATOM   592  O  O    . THR A 1 68  ? 16.817  -0.474  0.179   1.00 14.96 ? 68  THR A O    1 
ATOM   593  C  CB   . THR A 1 68  ? 15.647  0.851   -2.673  1.00 12.65 ? 68  THR A CB   1 
ATOM   594  O  OG1  . THR A 1 68  ? 14.402  0.153   -2.731  1.00 13.30 ? 68  THR A OG1  1 
ATOM   595  C  CG2  . THR A 1 68  ? 16.752  -0.063  -3.190  1.00 12.48 ? 68  THR A CG2  1 
ATOM   596  H  H    . THR A 1 68  ? 17.957  1.375   -0.665  1.00 10.00 ? 68  THR A H    1 
ATOM   597  H  HG1  . THR A 1 68  ? 13.671  0.791   -2.722  1.00 10.00 ? 68  THR A HG1  1 
ATOM   598  N  N    . GLU A 1 69  ? 14.579  -0.220  0.105   1.00 17.04 ? 69  GLU A N    1 
ATOM   599  C  CA   . GLU A 1 69  ? 14.293  -1.344  0.978   1.00 17.34 ? 69  GLU A CA   1 
ATOM   600  C  C    . GLU A 1 69  ? 13.647  -2.480  0.192   1.00 16.71 ? 69  GLU A C    1 
ATOM   601  O  O    . GLU A 1 69  ? 13.126  -3.432  0.782   1.00 15.71 ? 69  GLU A O    1 
ATOM   602  C  CB   . GLU A 1 69  ? 13.374  -0.928  2.114   1.00 19.11 ? 69  GLU A CB   1 
ATOM   603  C  CG   . GLU A 1 69  ? 13.936  0.150   2.992   1.00 24.60 ? 69  GLU A CG   1 
ATOM   604  C  CD   . GLU A 1 69  ? 13.112  0.332   4.236   1.00 29.16 ? 69  GLU A CD   1 
ATOM   605  O  OE1  . GLU A 1 69  ? 11.910  0.654   4.128   1.00 30.44 ? 69  GLU A OE1  1 
ATOM   606  O  OE2  . GLU A 1 69  ? 13.663  0.124   5.331   1.00 35.42 ? 69  GLU A OE2  1 
ATOM   607  H  H    . GLU A 1 69  ? 13.873  0.310   -0.272  1.00 10.00 ? 69  GLU A H    1 
ATOM   608  N  N    . ALA A 1 70  ? 13.682  -2.392  -1.134  1.00 15.87 ? 70  ALA A N    1 
ATOM   609  C  CA   . ALA A 1 70  ? 13.109  -3.453  -1.966  1.00 16.54 ? 70  ALA A CA   1 
ATOM   610  C  C    . ALA A 1 70  ? 14.064  -4.651  -2.065  1.00 17.57 ? 70  ALA A C    1 
ATOM   611  O  O    . ALA A 1 70  ? 15.195  -4.512  -2.532  1.00 20.12 ? 70  ALA A O    1 
ATOM   612  C  CB   . ALA A 1 70  ? 12.792  -2.918  -3.342  1.00 15.32 ? 70  ALA A CB   1 
ATOM   613  H  H    . ALA A 1 70  ? 14.070  -1.607  -1.580  1.00 10.00 ? 70  ALA A H    1 
ATOM   614  N  N    . LYS A 1 71  ? 13.631  -5.804  -1.564  1.00 17.08 ? 71  LYS A N    1 
ATOM   615  C  CA   . LYS A 1 71  ? 14.434  -7.024  -1.600  1.00 16.33 ? 71  LYS A CA   1 
ATOM   616  C  C    . LYS A 1 71  ? 14.575  -7.626  -3.006  1.00 17.30 ? 71  LYS A C    1 
ATOM   617  O  O    . LYS A 1 71  ? 13.646  -7.583  -3.810  1.00 14.93 ? 71  LYS A O    1 
ATOM   618  C  CB   . LYS A 1 71  ? 13.809  -8.077  -0.709  1.00 16.59 ? 71  LYS A CB   1 
ATOM   619  C  CG   . LYS A 1 71  ? 13.971  -7.848  0.759   1.00 22.60 ? 71  LYS A CG   1 
ATOM   620  C  CD   . LYS A 1 71  ? 13.398  -9.037  1.482   1.00 23.66 ? 71  LYS A CD   1 
ATOM   621  C  CE   . LYS A 1 71  ? 14.057  -9.216  2.807   1.00 31.07 ? 71  LYS A CE   1 
ATOM   622  N  NZ   . LYS A 1 71  ? 13.881  -10.642 3.187   1.00 35.01 ? 71  LYS A NZ   1 
ATOM   623  H  H    . LYS A 1 71  ? 12.729  -5.835  -1.170  1.00 10.00 ? 71  LYS A H    1 
ATOM   624  H  HZ1  . LYS A 1 71  ? 14.315  -11.251 2.463   1.00 10.00 ? 71  LYS A HZ1  1 
ATOM   625  H  HZ2  . LYS A 1 71  ? 14.339  -10.816 4.103   1.00 10.00 ? 71  LYS A HZ2  1 
ATOM   626  H  HZ3  . LYS A 1 71  ? 12.866  -10.862 3.257   1.00 10.00 ? 71  LYS A HZ3  1 
ATOM   627  N  N    . ALA A 1 72  ? 15.711  -8.270  -3.266  1.00 17.38 ? 72  ALA A N    1 
ATOM   628  C  CA   . ALA A 1 72  ? 15.952  -8.895  -4.562  1.00 17.58 ? 72  ALA A CA   1 
ATOM   629  C  C    . ALA A 1 72  ? 14.873  -9.923  -4.844  1.00 16.86 ? 72  ALA A C    1 
ATOM   630  O  O    . ALA A 1 72  ? 14.501  -10.155 -5.998  1.00 18.49 ? 72  ALA A O    1 
ATOM   631  C  CB   . ALA A 1 72  ? 17.321  -9.552  -4.576  1.00 18.10 ? 72  ALA A CB   1 
ATOM   632  H  H    . ALA A 1 72  ? 16.406  -8.306  -2.570  1.00 10.00 ? 72  ALA A H    1 
ATOM   633  N  N    . ALA A 1 73  ? 14.362  -10.529 -3.783  1.00 17.18 ? 73  ALA A N    1 
ATOM   634  C  CA   . ALA A 1 73  ? 13.306  -11.534 -3.893  1.00 17.23 ? 73  ALA A CA   1 
ATOM   635  C  C    . ALA A 1 73  ? 12.134  -11.097 -4.772  1.00 15.74 ? 73  ALA A C    1 
ATOM   636  O  O    . ALA A 1 73  ? 11.491  -11.929 -5.405  1.00 16.70 ? 73  ALA A O    1 
ATOM   637  C  CB   . ALA A 1 73  ? 12.800  -11.930 -2.487  1.00 17.57 ? 73  ALA A CB   1 
ATOM   638  H  H    . ALA A 1 73  ? 14.727  -10.326 -2.891  1.00 10.00 ? 73  ALA A H    1 
ATOM   639  N  N    . ILE A 1 74  ? 11.847  -9.802  -4.811  1.00 15.61 ? 74  ILE A N    1 
ATOM   640  C  CA   . ILE A 1 74  ? 10.737  -9.284  -5.619  1.00 14.22 ? 74  ILE A CA   1 
ATOM   641  C  C    . ILE A 1 74  ? 10.828  -9.738  -7.072  1.00 16.26 ? 74  ILE A C    1 
ATOM   642  O  O    . ILE A 1 74  ? 9.843   -10.184 -7.668  1.00 16.05 ? 74  ILE A O    1 
ATOM   643  C  CB   . ILE A 1 74  ? 10.685  -7.728  -5.560  1.00 12.68 ? 74  ILE A CB   1 
ATOM   644  C  CG1  . ILE A 1 74  ? 10.269  -7.280  -4.150  1.00 13.07 ? 74  ILE A CG1  1 
ATOM   645  C  CG2  . ILE A 1 74  ? 9.752   -7.166  -6.634  1.00 11.11 ? 74  ILE A CG2  1 
ATOM   646  C  CD1  . ILE A 1 74  ? 10.398  -5.782  -3.873  1.00 13.59 ? 74  ILE A CD1  1 
ATOM   647  H  H    . ILE A 1 74  ? 12.388  -9.166  -4.295  1.00 10.00 ? 74  ILE A H    1 
ATOM   648  N  N    . TRP A 1 75  ? 12.023  -9.651  -7.635  1.00 17.27 ? 75  TRP A N    1 
ATOM   649  C  CA   . TRP A 1 75  ? 12.219  -10.025 -9.022  1.00 18.00 ? 75  TRP A CA   1 
ATOM   650  C  C    . TRP A 1 75  ? 12.369  -11.521 -9.206  1.00 19.34 ? 75  TRP A C    1 
ATOM   651  O  O    . TRP A 1 75  ? 12.231  -12.023 -10.312 1.00 22.64 ? 75  TRP A O    1 
ATOM   652  C  CB   . TRP A 1 75  ? 13.388  -9.244  -9.621  1.00 17.26 ? 75  TRP A CB   1 
ATOM   653  C  CG   . TRP A 1 75  ? 13.088  -7.769  -9.682  1.00 17.59 ? 75  TRP A CG   1 
ATOM   654  C  CD1  . TRP A 1 75  ? 12.506  -7.095  -10.718 1.00 18.54 ? 75  TRP A CD1  1 
ATOM   655  C  CD2  . TRP A 1 75  ? 13.298  -6.798  -8.638  1.00 18.09 ? 75  TRP A CD2  1 
ATOM   656  N  NE1  . TRP A 1 75  ? 12.331  -5.770  -10.387 1.00 18.36 ? 75  TRP A NE1  1 
ATOM   657  C  CE2  . TRP A 1 75  ? 12.810  -5.558  -9.120  1.00 18.53 ? 75  TRP A CE2  1 
ATOM   658  C  CE3  . TRP A 1 75  ? 13.847  -6.858  -7.349  1.00 14.26 ? 75  TRP A CE3  1 
ATOM   659  C  CZ2  . TRP A 1 75  ? 12.855  -4.390  -8.359  1.00 16.99 ? 75  TRP A CZ2  1 
ATOM   660  C  CZ3  . TRP A 1 75  ? 13.889  -5.704  -6.594  1.00 16.33 ? 75  TRP A CZ3  1 
ATOM   661  C  CH2  . TRP A 1 75  ? 13.396  -4.481  -7.101  1.00 18.16 ? 75  TRP A CH2  1 
ATOM   662  H  H    . TRP A 1 75  ? 12.789  -9.341  -7.103  1.00 10.00 ? 75  TRP A H    1 
ATOM   663  H  HE1  . TRP A 1 75  ? 11.891  -5.096  -10.948 1.00 10.00 ? 75  TRP A HE1  1 
ATOM   664  N  N    . ALA A 1 76  ? 12.607  -12.237 -8.117  1.00 18.22 ? 76  ALA A N    1 
ATOM   665  C  CA   . ALA A 1 76  ? 12.733  -13.676 -8.181  1.00 17.51 ? 76  ALA A CA   1 
ATOM   666  C  C    . ALA A 1 76  ? 11.333  -14.284 -8.090  1.00 19.03 ? 76  ALA A C    1 
ATOM   667  O  O    . ALA A 1 76  ? 11.112  -15.392 -8.551  1.00 22.36 ? 76  ALA A O    1 
ATOM   668  C  CB   . ALA A 1 76  ? 13.595  -14.173 -7.054  1.00 16.90 ? 76  ALA A CB   1 
ATOM   669  H  H    . ALA A 1 76  ? 12.693  -11.785 -7.253  1.00 10.00 ? 76  ALA A H    1 
ATOM   670  N  N    . ASN A 1 77  ? 10.383  -13.528 -7.552  1.00 18.23 ? 77  ASN A N    1 
ATOM   671  C  CA   . ASN A 1 77  ? 9.001   -13.981 -7.385  1.00 19.65 ? 77  ASN A CA   1 
ATOM   672  C  C    . ASN A 1 77  ? 8.002   -12.926 -7.858  1.00 18.92 ? 77  ASN A C    1 
ATOM   673  O  O    . ASN A 1 77  ? 7.060   -12.594 -7.136  1.00 17.53 ? 77  ASN A O    1 
ATOM   674  C  CB   . ASN A 1 77  ? 8.723   -14.278 -5.909  1.00 21.94 ? 77  ASN A CB   1 
ATOM   675  C  CG   . ASN A 1 77  ? 9.662   -15.307 -5.337  1.00 26.43 ? 77  ASN A CG   1 
ATOM   676  O  OD1  . ASN A 1 77  ? 9.381   -16.511 -5.374  1.00 30.67 ? 77  ASN A OD1  1 
ATOM   677  N  ND2  . ASN A 1 77  ? 10.791  -14.847 -4.809  1.00 24.86 ? 77  ASN A ND2  1 
ATOM   678  H  H    . ASN A 1 77  ? 10.604  -12.624 -7.239  1.00 10.00 ? 77  ASN A H    1 
ATOM   679  H  HD21 . ASN A 1 77  ? 11.440  -15.477 -4.425  1.00 10.00 ? 77  ASN A HD21 1 
ATOM   680  H  HD22 . ASN A 1 77  ? 10.936  -13.876 -4.823  1.00 10.00 ? 77  ASN A HD22 1 
ATOM   681  N  N    . MET A 1 78  ? 8.172   -12.450 -9.088  1.00 19.08 ? 78  MET A N    1 
ATOM   682  C  CA   . MET A 1 78  ? 7.311   -11.413 -9.629  1.00 21.03 ? 78  MET A CA   1 
ATOM   683  C  C    . MET A 1 78  ? 5.795   -11.698 -9.626  1.00 19.86 ? 78  MET A C    1 
ATOM   684  O  O    . MET A 1 78  ? 4.992   -10.794 -9.357  1.00 19.01 ? 78  MET A O    1 
ATOM   685  C  CB   . MET A 1 78  ? 7.805   -10.994 -11.012 1.00 26.67 ? 78  MET A CB   1 
ATOM   686  C  CG   . MET A 1 78  ? 7.357   -9.590  -11.409 1.00 36.66 ? 78  MET A CG   1 
ATOM   687  S  SD   . MET A 1 78  ? 7.562   -8.331  -10.064 1.00 47.29 ? 78  MET A SD   1 
ATOM   688  C  CE   . MET A 1 78  ? 9.218   -7.737  -10.369 1.00 44.06 ? 78  MET A CE   1 
ATOM   689  H  H    . MET A 1 78  ? 8.889   -12.809 -9.655  1.00 10.00 ? 78  MET A H    1 
ATOM   690  N  N    . ASP A 1 79  ? 5.395   -12.934 -9.912  1.00 17.13 ? 79  ASP A N    1 
ATOM   691  C  CA   . ASP A 1 79  ? 3.975   -13.281 -9.906  1.00 17.55 ? 79  ASP A CA   1 
ATOM   692  C  C    . ASP A 1 79  ? 3.390   -13.155 -8.502  1.00 16.56 ? 79  ASP A C    1 
ATOM   693  O  O    . ASP A 1 79  ? 2.294   -12.619 -8.327  1.00 14.66 ? 79  ASP A O    1 
ATOM   694  C  CB   . ASP A 1 79  ? 3.739   -14.697 -10.432 1.00 18.81 ? 79  ASP A CB   1 
ATOM   695  C  CG   . ASP A 1 79  ? 3.809   -14.787 -11.954 1.00 23.13 ? 79  ASP A CG   1 
ATOM   696  O  OD1  . ASP A 1 79  ? 3.917   -13.742 -12.634 1.00 25.91 ? 79  ASP A OD1  1 
ATOM   697  O  OD2  . ASP A 1 79  ? 3.747   -15.912 -12.481 1.00 24.84 ? 79  ASP A OD2  1 
ATOM   698  H  H    . ASP A 1 79  ? 6.069   -13.616 -10.135 1.00 10.00 ? 79  ASP A H    1 
ATOM   699  N  N    . ASP A 1 80  ? 4.120   -13.639 -7.505  1.00 14.63 ? 80  ASP A N    1 
ATOM   700  C  CA   . ASP A 1 80  ? 3.643   -13.549 -6.132  1.00 15.48 ? 80  ASP A CA   1 
ATOM   701  C  C    . ASP A 1 80  ? 3.597   -12.085 -5.683  1.00 15.03 ? 80  ASP A C    1 
ATOM   702  O  O    . ASP A 1 80  ? 2.648   -11.653 -5.011  1.00 14.35 ? 80  ASP A O    1 
ATOM   703  C  CB   . ASP A 1 80  ? 4.543   -14.337 -5.188  1.00 14.80 ? 80  ASP A CB   1 
ATOM   704  C  CG   . ASP A 1 80  ? 4.038   -14.311 -3.766  1.00 17.07 ? 80  ASP A CG   1 
ATOM   705  O  OD1  . ASP A 1 80  ? 2.984   -14.920 -3.508  1.00 18.88 ? 80  ASP A OD1  1 
ATOM   706  O  OD2  . ASP A 1 80  ? 4.661   -13.663 -2.910  1.00 17.39 ? 80  ASP A OD2  1 
ATOM   707  H  H    . ASP A 1 80  ? 4.987   -14.061 -7.696  1.00 10.00 ? 80  ASP A H    1 
ATOM   708  N  N    . PHE A 1 81  ? 4.624   -11.327 -6.055  1.00 15.19 ? 81  PHE A N    1 
ATOM   709  C  CA   . PHE A 1 81  ? 4.683   -9.914  -5.705  1.00 15.73 ? 81  PHE A CA   1 
ATOM   710  C  C    . PHE A 1 81  ? 3.445   -9.207  -6.258  1.00 16.35 ? 81  PHE A C    1 
ATOM   711  O  O    . PHE A 1 81  ? 2.823   -8.385  -5.564  1.00 17.67 ? 81  PHE A O    1 
ATOM   712  C  CB   . PHE A 1 81  ? 5.955   -9.265  -6.249  1.00 14.19 ? 81  PHE A CB   1 
ATOM   713  C  CG   . PHE A 1 81  ? 6.108   -7.833  -5.848  1.00 16.03 ? 81  PHE A CG   1 
ATOM   714  C  CD1  . PHE A 1 81  ? 6.433   -7.500  -4.538  1.00 13.29 ? 81  PHE A CD1  1 
ATOM   715  C  CD2  . PHE A 1 81  ? 5.910   -6.812  -6.776  1.00 16.06 ? 81  PHE A CD2  1 
ATOM   716  C  CE1  . PHE A 1 81  ? 6.563   -6.172  -4.159  1.00 14.21 ? 81  PHE A CE1  1 
ATOM   717  C  CE2  . PHE A 1 81  ? 6.037   -5.486  -6.402  1.00 15.62 ? 81  PHE A CE2  1 
ATOM   718  C  CZ   . PHE A 1 81  ? 6.366   -5.165  -5.090  1.00 12.94 ? 81  PHE A CZ   1 
ATOM   719  H  H    . PHE A 1 81  ? 5.365   -11.721 -6.563  1.00 10.00 ? 81  PHE A H    1 
ATOM   720  N  N    . GLY A 1 82  ? 3.071   -9.545  -7.490  1.00 13.54 ? 82  GLY A N    1 
ATOM   721  C  CA   . GLY A 1 82  ? 1.894   -8.947  -8.091  1.00 13.90 ? 82  GLY A CA   1 
ATOM   722  C  C    . GLY A 1 82  ? 0.607   -9.401  -7.418  1.00 13.96 ? 82  GLY A C    1 
ATOM   723  O  O    . GLY A 1 82  ? -0.344  -8.629  -7.278  1.00 13.10 ? 82  GLY A O    1 
ATOM   724  H  H    . GLY A 1 82  ? 3.612   -10.190 -8.000  1.00 10.00 ? 82  GLY A H    1 
ATOM   725  N  N    . ALA A 1 83  ? 0.591   -10.656 -6.978  1.00 15.46 ? 83  ALA A N    1 
ATOM   726  C  CA   . ALA A 1 83  ? -0.563  -11.236 -6.301  1.00 13.82 ? 83  ALA A CA   1 
ATOM   727  C  C    . ALA A 1 83  ? -0.814  -10.503 -4.980  1.00 13.52 ? 83  ALA A C    1 
ATOM   728  O  O    . ALA A 1 83  ? -1.957  -10.156 -4.648  1.00 12.73 ? 83  ALA A O    1 
ATOM   729  C  CB   . ALA A 1 83  ? -0.315  -12.726 -6.055  1.00 11.87 ? 83  ALA A CB   1 
ATOM   730  H  H    . ALA A 1 83  ? 1.379   -11.219 -7.124  1.00 10.00 ? 83  ALA A H    1 
ATOM   731  N  N    . LYS A 1 84  ? 0.262   -10.243 -4.244  1.00 12.74 ? 84  LYS A N    1 
ATOM   732  C  CA   . LYS A 1 84  ? 0.188   -9.540  -2.965  1.00 12.82 ? 84  LYS A CA   1 
ATOM   733  C  C    . LYS A 1 84  ? -0.316  -8.103  -3.171  1.00 12.77 ? 84  LYS A C    1 
ATOM   734  O  O    . LYS A 1 84  ? -1.029  -7.554  -2.322  1.00 13.42 ? 84  LYS A O    1 
ATOM   735  C  CB   . LYS A 1 84  ? 1.555   -9.542  -2.273  1.00 14.80 ? 84  LYS A CB   1 
ATOM   736  C  CG   . LYS A 1 84  ? 2.128   -10.920 -1.976  1.00 18.48 ? 84  LYS A CG   1 
ATOM   737  C  CD   . LYS A 1 84  ? 2.104   -11.234 -0.501  1.00 22.49 ? 84  LYS A CD   1 
ATOM   738  C  CE   . LYS A 1 84  ? 2.942   -12.470 -0.143  1.00 25.11 ? 84  LYS A CE   1 
ATOM   739  N  NZ   . LYS A 1 84  ? 2.403   -13.757 -0.675  1.00 27.01 ? 84  LYS A NZ   1 
ATOM   740  H  H    . LYS A 1 84  ? 1.139   -10.537 -4.570  1.00 10.00 ? 84  LYS A H    1 
ATOM   741  H  HZ1  . LYS A 1 84  ? 1.446   -13.912 -0.297  1.00 10.00 ? 84  LYS A HZ1  1 
ATOM   742  H  HZ2  . LYS A 1 84  ? 2.364   -13.716 -1.714  1.00 10.00 ? 84  LYS A HZ2  1 
ATOM   743  H  HZ3  . LYS A 1 84  ? 3.023   -14.539 -0.382  1.00 10.00 ? 84  LYS A HZ3  1 
ATOM   744  N  N    . GLY A 1 85  ? 0.069   -7.497  -4.292  1.00 11.04 ? 85  GLY A N    1 
ATOM   745  C  CA   . GLY A 1 85  ? -0.377  -6.156  -4.607  1.00 10.99 ? 85  GLY A CA   1 
ATOM   746  C  C    . GLY A 1 85  ? -1.861  -6.153  -4.932  1.00 13.07 ? 85  GLY A C    1 
ATOM   747  O  O    . GLY A 1 85  ? -2.590  -5.239  -4.537  1.00 13.32 ? 85  GLY A O    1 
ATOM   748  H  H    . GLY A 1 85  ? 0.693   -7.954  -4.896  1.00 10.00 ? 85  GLY A H    1 
ATOM   749  N  N    . LYS A 1 86  ? -2.325  -7.177  -5.638  1.00 12.38 ? 86  LYS A N    1 
ATOM   750  C  CA   . LYS A 1 86  ? -3.734  -7.276  -5.988  1.00 13.22 ? 86  LYS A CA   1 
ATOM   751  C  C    . LYS A 1 86  ? -4.584  -7.475  -4.732  1.00 14.11 ? 86  LYS A C    1 
ATOM   752  O  O    . LYS A 1 86  ? -5.694  -6.947  -4.631  1.00 15.83 ? 86  LYS A O    1 
ATOM   753  C  CB   . LYS A 1 86  ? -3.950  -8.422  -6.966  1.00 17.08 ? 86  LYS A CB   1 
ATOM   754  C  CG   . LYS A 1 86  ? -5.384  -8.596  -7.448  1.00 22.36 ? 86  LYS A CG   1 
ATOM   755  C  CD   . LYS A 1 86  ? -5.384  -9.596  -8.602  1.00 29.95 ? 86  LYS A CD   1 
ATOM   756  C  CE   . LYS A 1 86  ? -6.741  -10.245 -8.838  1.00 35.09 ? 86  LYS A CE   1 
ATOM   757  N  NZ   . LYS A 1 86  ? -7.258  -11.085 -7.701  1.00 38.05 ? 86  LYS A NZ   1 
ATOM   758  H  H    . LYS A 1 86  ? -1.704  -7.870  -5.952  1.00 10.00 ? 86  LYS A H    1 
ATOM   759  H  HZ1  . LYS A 1 86  ? -7.345  -10.501 -6.847  1.00 10.00 ? 86  LYS A HZ1  1 
ATOM   760  H  HZ2  . LYS A 1 86  ? -8.188  -11.480 -7.951  1.00 10.00 ? 86  LYS A HZ2  1 
ATOM   761  H  HZ3  . LYS A 1 86  ? -6.590  -11.862 -7.519  1.00 10.00 ? 86  LYS A HZ3  1 
ATOM   762  N  N    . ALA A 1 87  ? -4.051  -8.222  -3.771  1.00 13.13 ? 87  ALA A N    1 
ATOM   763  C  CA   . ALA A 1 87  ? -4.745  -8.455  -2.515  1.00 12.93 ? 87  ALA A CA   1 
ATOM   764  C  C    . ALA A 1 87  ? -4.970  -7.107  -1.814  1.00 13.67 ? 87  ALA A C    1 
ATOM   765  O  O    . ALA A 1 87  ? -6.060  -6.838  -1.316  1.00 13.48 ? 87  ALA A O    1 
ATOM   766  C  CB   . ALA A 1 87  ? -3.940  -9.418  -1.625  1.00 11.00 ? 87  ALA A CB   1 
ATOM   767  H  H    . ALA A 1 87  ? -3.172  -8.630  -3.927  1.00 10.00 ? 87  ALA A H    1 
ATOM   768  N  N    . MET A 1 88  ? -3.966  -6.235  -1.822  1.00 13.22 ? 88  MET A N    1 
ATOM   769  C  CA   . MET A 1 88  ? -4.124  -4.930  -1.181  1.00 13.25 ? 88  MET A CA   1 
ATOM   770  C  C    . MET A 1 88  ? -5.197  -4.099  -1.874  1.00 12.59 ? 88  MET A C    1 
ATOM   771  O  O    . MET A 1 88  ? -6.024  -3.487  -1.222  1.00 13.93 ? 88  MET A O    1 
ATOM   772  C  CB   . MET A 1 88  ? -2.806  -4.148  -1.170  1.00 14.33 ? 88  MET A CB   1 
ATOM   773  C  CG   . MET A 1 88  ? -2.982  -2.727  -0.629  1.00 18.08 ? 88  MET A CG   1 
ATOM   774  S  SD   . MET A 1 88  ? -1.544  -1.691  -0.825  1.00 23.09 ? 88  MET A SD   1 
ATOM   775  C  CE   . MET A 1 88  ? -1.718  -1.273  -2.544  1.00 22.08 ? 88  MET A CE   1 
ATOM   776  H  H    . MET A 1 88  ? -3.111  -6.473  -2.242  1.00 10.00 ? 88  MET A H    1 
ATOM   777  N  N    . HIS A 1 89  ? -5.181  -4.095  -3.202  1.00 14.57 ? 89  HIS A N    1 
ATOM   778  C  CA   . HIS A 1 89  ? -6.140  -3.342  -4.002  1.00 13.73 ? 89  HIS A CA   1 
ATOM   779  C  C    . HIS A 1 89  ? -7.551  -3.793  -3.696  1.00 13.95 ? 89  HIS A C    1 
ATOM   780  O  O    . HIS A 1 89  ? -8.447  -2.954  -3.537  1.00 15.32 ? 89  HIS A O    1 
ATOM   781  C  CB   . HIS A 1 89  ? -5.817  -3.498  -5.486  1.00 16.21 ? 89  HIS A CB   1 
ATOM   782  C  CG   1 HIS A 1 89  ? -4.730  -2.584  -5.950  0.50 17.57 ? 89  HIS A CG   1 
ATOM   783  C  CG   2 HIS A 1 89  ? -6.405  -2.434  -6.353  0.50 18.61 ? 89  HIS A CG   1 
ATOM   784  N  ND1  1 HIS A 1 89  ? -3.399  -2.949  -5.965  0.50 19.11 ? 89  HIS A ND1  1 
ATOM   785  N  ND1  2 HIS A 1 89  ? -7.593  -2.597  -7.036  0.50 20.67 ? 89  HIS A ND1  1 
ATOM   786  C  CD2  1 HIS A 1 89  ? -4.770  -1.296  -6.372  0.50 18.19 ? 89  HIS A CD2  1 
ATOM   787  C  CD2  2 HIS A 1 89  ? -5.966  -1.190  -6.655  0.50 18.82 ? 89  HIS A CD2  1 
ATOM   788  C  CE1  1 HIS A 1 89  ? -2.667  -1.927  -6.374  0.50 18.44 ? 89  HIS A CE1  1 
ATOM   789  C  CE1  2 HIS A 1 89  ? -7.860  -1.499  -7.720  0.50 19.99 ? 89  HIS A CE1  1 
ATOM   790  N  NE2  1 HIS A 1 89  ? -3.474  -0.913  -6.626  0.50 18.18 ? 89  HIS A NE2  1 
ATOM   791  N  NE2  2 HIS A 1 89  ? -6.886  -0.630  -7.505  0.50 20.44 ? 89  HIS A NE2  1 
ATOM   792  H  H    . HIS A 1 89  ? -4.487  -4.646  -3.627  1.00 10.00 ? 89  HIS A H    1 
ATOM   793  H  HD1  1 HIS A 1 89  ? -3.025  -3.833  -5.753  0.50 20.00 ? 89  HIS A HD1  1 
ATOM   794  H  HD1  2 HIS A 1 89  ? -8.210  -3.366  -7.013  0.50 20.00 ? 89  HIS A HD1  1 
ATOM   795  H  HE2  1 HIS A 1 89  ? -3.190  -0.011  -6.933  0.50 20.00 ? 89  HIS A HE2  1 
ATOM   796  H  HE2  2 HIS A 1 89  ? -6.830  0.271   -7.914  0.50 20.00 ? 89  HIS A HE2  1 
ATOM   797  N  N    . GLU A 1 90  ? -7.747  -5.104  -3.590  1.00 12.54 ? 90  GLU A N    1 
ATOM   798  C  CA   . GLU A 1 90  ? -9.054  -5.646  -3.251  1.00 13.09 ? 90  GLU A CA   1 
ATOM   799  C  C    . GLU A 1 90  ? -9.460  -5.247  -1.829  1.00 14.40 ? 90  GLU A C    1 
ATOM   800  O  O    . GLU A 1 90  ? -10.578 -4.792  -1.607  1.00 15.24 ? 90  GLU A O    1 
ATOM   801  C  CB   . GLU A 1 90  ? -9.065  -7.162  -3.388  1.00 15.38 ? 90  GLU A CB   1 
ATOM   802  C  CG   . GLU A 1 90  ? -9.039  -7.601  -4.837  1.00 18.73 ? 90  GLU A CG   1 
ATOM   803  C  CD   . GLU A 1 90  ? -8.771  -9.081  -5.030  1.00 23.11 ? 90  GLU A CD   1 
ATOM   804  O  OE1  . GLU A 1 90  ? -8.258  -9.741  -4.088  1.00 23.02 ? 90  GLU A OE1  1 
ATOM   805  O  OE2  . GLU A 1 90  ? -9.048  -9.571  -6.153  1.00 26.52 ? 90  GLU A OE2  1 
ATOM   806  H  H    . GLU A 1 90  ? -7.005  -5.729  -3.741  1.00 10.00 ? 90  GLU A H    1 
ATOM   807  N  N    . ALA A 1 91  ? -8.556  -5.412  -0.867  1.00 12.96 ? 91  ALA A N    1 
ATOM   808  C  CA   . ALA A 1 91  ? -8.867  -5.043  0.515   1.00 14.38 ? 91  ALA A CA   1 
ATOM   809  C  C    . ALA A 1 91  ? -9.130  -3.533  0.614   1.00 13.51 ? 91  ALA A C    1 
ATOM   810  O  O    . ALA A 1 91  ? -9.994  -3.086  1.366   1.00 14.66 ? 91  ALA A O    1 
ATOM   811  C  CB   . ALA A 1 91  ? -7.735  -5.458  1.448   1.00 13.51 ? 91  ALA A CB   1 
ATOM   812  H  H    . ALA A 1 91  ? -7.678  -5.790  -1.084  1.00 10.00 ? 91  ALA A H    1 
ATOM   813  N  N    . GLY A 1 92  ? -8.408  -2.756  -0.182  1.00 11.44 ? 92  GLY A N    1 
ATOM   814  C  CA   . GLY A 1 92  ? -8.577  -1.317  -0.172  1.00 11.35 ? 92  GLY A CA   1 
ATOM   815  C  C    . GLY A 1 92  ? -9.916  -0.921  -0.751  1.00 12.97 ? 92  GLY A C    1 
ATOM   816  O  O    . GLY A 1 92  ? -10.532 0.053   -0.297  1.00 13.87 ? 92  GLY A O    1 
ATOM   817  H  H    . GLY A 1 92  ? -7.763  -3.165  -0.783  1.00 10.00 ? 92  GLY A H    1 
ATOM   818  N  N    . GLY A 1 93  ? -10.357 -1.660  -1.765  1.00 11.63 ? 93  GLY A N    1 
ATOM   819  C  CA   . GLY A 1 93  ? -11.649 -1.394  -2.367  1.00 13.73 ? 93  GLY A CA   1 
ATOM   820  C  C    . GLY A 1 93  ? -12.755 -1.638  -1.352  1.00 13.79 ? 93  GLY A C    1 
ATOM   821  O  O    . GLY A 1 93  ? -13.737 -0.880  -1.287  1.00 13.01 ? 93  GLY A O    1 
ATOM   822  H  H    . GLY A 1 93  ? -9.800  -2.388  -2.114  1.00 10.00 ? 93  GLY A H    1 
ATOM   823  N  N    . ALA A 1 94  ? -12.576 -2.674  -0.534  1.00 12.69 ? 94  ALA A N    1 
ATOM   824  C  CA   . ALA A 1 94  ? -13.541 -3.025  0.494   1.00 12.76 ? 94  ALA A CA   1 
ATOM   825  C  C    . ALA A 1 94  ? -13.627 -1.934  1.568   1.00 14.35 ? 94  ALA A C    1 
ATOM   826  O  O    . ALA A 1 94  ? -14.702 -1.667  2.114   1.00 13.58 ? 94  ALA A O    1 
ATOM   827  C  CB   . ALA A 1 94  ? -13.183 -4.345  1.108   1.00 12.99 ? 94  ALA A CB   1 
ATOM   828  H  H    . ALA A 1 94  ? -11.777 -3.232  -0.649  1.00 10.00 ? 94  ALA A H    1 
ATOM   829  N  N    . VAL A 1 95  ? -12.501 -1.303  1.882   1.00 13.18 ? 95  VAL A N    1 
ATOM   830  C  CA   . VAL A 1 95  ? -12.517 -0.233  2.878   1.00 13.55 ? 95  VAL A CA   1 
ATOM   831  C  C    . VAL A 1 95  ? -13.291 0.994   2.332   1.00 12.59 ? 95  VAL A C    1 
ATOM   832  O  O    . VAL A 1 95  ? -14.143 1.587   3.023   1.00 11.53 ? 95  VAL A O    1 
ATOM   833  C  CB   . VAL A 1 95  ? -11.065 0.157   3.298   1.00 12.66 ? 95  VAL A CB   1 
ATOM   834  C  CG1  . VAL A 1 95  ? -11.053 1.489   4.091   1.00 14.58 ? 95  VAL A CG1  1 
ATOM   835  C  CG2  . VAL A 1 95  ? -10.452 -0.970  4.132   1.00 11.57 ? 95  VAL A CG2  1 
ATOM   836  H  H    . VAL A 1 95  ? -11.658 -1.563  1.450   1.00 10.00 ? 95  VAL A H    1 
ATOM   837  N  N    . ILE A 1 96  ? -12.996 1.349   1.082   1.00 13.35 ? 96  ILE A N    1 
ATOM   838  C  CA   . ILE A 1 96  ? -13.625 2.488   0.416   1.00 12.59 ? 96  ILE A CA   1 
ATOM   839  C  C    . ILE A 1 96  ? -15.137 2.291   0.378   1.00 13.51 ? 96  ILE A C    1 
ATOM   840  O  O    . ILE A 1 96  ? -15.899 3.199   0.724   1.00 12.14 ? 96  ILE A O    1 
ATOM   841  C  CB   . ILE A 1 96  ? -13.073 2.653   -1.030  1.00 12.17 ? 96  ILE A CB   1 
ATOM   842  C  CG1  . ILE A 1 96  ? -11.597 3.056   -0.977  1.00 14.59 ? 96  ILE A CG1  1 
ATOM   843  C  CG2  . ILE A 1 96  ? -13.882 3.697   -1.807  1.00 11.45 ? 96  ILE A CG2  1 
ATOM   844  C  CD1  . ILE A 1 96  ? -10.914 3.020   -2.311  1.00 15.08 ? 96  ILE A CD1  1 
ATOM   845  H  H    . ILE A 1 96  ? -12.311 0.839   0.596   1.00 10.00 ? 96  ILE A H    1 
ATOM   846  N  N    . ALA A 1 97  ? -15.556 1.086   -0.018  1.00 13.43 ? 97  ALA A N    1 
ATOM   847  C  CA   . ALA A 1 97  ? -16.972 0.745   -0.110  1.00 13.40 ? 97  ALA A CA   1 
ATOM   848  C  C    . ALA A 1 97  ? -17.678 0.902   1.232   1.00 12.55 ? 97  ALA A C    1 
ATOM   849  O  O    . ALA A 1 97  ? -18.781 1.441   1.300   1.00 14.03 ? 97  ALA A O    1 
ATOM   850  C  CB   . ALA A 1 97  ? -17.144 -0.685  -0.664  1.00 10.39 ? 97  ALA A CB   1 
ATOM   851  H  H    . ALA A 1 97  ? -14.887 0.412   -0.263  1.00 10.00 ? 97  ALA A H    1 
ATOM   852  N  N    . ALA A 1 98  ? -17.008 0.489   2.306   1.00 13.82 ? 98  ALA A N    1 
ATOM   853  C  CA   . ALA A 1 98  ? -17.557 0.562   3.654   1.00 14.03 ? 98  ALA A CA   1 
ATOM   854  C  C    . ALA A 1 98  ? -17.712 2.004   4.094   1.00 14.79 ? 98  ALA A C    1 
ATOM   855  O  O    . ALA A 1 98  ? -18.728 2.384   4.668   1.00 14.22 ? 98  ALA A O    1 
ATOM   856  C  CB   . ALA A 1 98  ? -16.656 -0.195  4.628   1.00 15.97 ? 98  ALA A CB   1 
ATOM   857  H  H    . ALA A 1 98  ? -16.107 0.125   2.188   1.00 10.00 ? 98  ALA A H    1 
ATOM   858  N  N    . ALA A 1 99  ? -16.695 2.809   3.813   1.00 14.83 ? 99  ALA A N    1 
ATOM   859  C  CA   . ALA A 1 99  ? -16.720 4.224   4.163   1.00 15.15 ? 99  ALA A CA   1 
ATOM   860  C  C    . ALA A 1 99  ? -17.863 4.924   3.420   1.00 15.50 ? 99  ALA A C    1 
ATOM   861  O  O    . ALA A 1 99  ? -18.619 5.710   3.992   1.00 17.18 ? 99  ALA A O    1 
ATOM   862  C  CB   . ALA A 1 99  ? -15.388 4.863   3.792   1.00 15.12 ? 99  ALA A CB   1 
ATOM   863  H  H    . ALA A 1 99  ? -15.898 2.441   3.375   1.00 10.00 ? 99  ALA A H    1 
ATOM   864  N  N    . ASN A 1 100 ? -18.013 4.595   2.147   1.00 16.01 ? 100 ASN A N    1 
ATOM   865  C  CA   . ASN A 1 100 ? -19.055 5.204   1.346   1.00 18.28 ? 100 ASN A CA   1 
ATOM   866  C  C    . ASN A 1 100 ? -20.432 4.769   1.784   1.00 18.69 ? 100 ASN A C    1 
ATOM   867  O  O    . ASN A 1 100 ? -21.399 5.494   1.595   1.00 21.18 ? 100 ASN A O    1 
ATOM   868  C  CB   . ASN A 1 100 ? -18.816 4.951   -0.142  1.00 19.42 ? 100 ASN A CB   1 
ATOM   869  C  CG   . ASN A 1 100 ? -17.701 5.821   -0.696  1.00 21.21 ? 100 ASN A CG   1 
ATOM   870  O  OD1  . ASN A 1 100 ? -17.367 6.857   -0.114  1.00 24.30 ? 100 ASN A OD1  1 
ATOM   871  N  ND2  . ASN A 1 100 ? -17.115 5.407   -1.810  1.00 23.79 ? 100 ASN A ND2  1 
ATOM   872  H  H    . ASN A 1 100 ? -17.396 3.951   1.741   1.00 10.00 ? 100 ASN A H    1 
ATOM   873  H  HD21 . ASN A 1 100 ? -16.399 5.974   -2.180  1.00 10.00 ? 100 ASN A HD21 1 
ATOM   874  H  HD22 . ASN A 1 100 ? -17.410 4.570   -2.223  1.00 10.00 ? 100 ASN A HD22 1 
ATOM   875  N  N    . ALA A 1 101 ? -20.519 3.599   2.399   1.00 18.25 ? 101 ALA A N    1 
ATOM   876  C  CA   . ALA A 1 101 ? -21.793 3.106   2.899   1.00 19.60 ? 101 ALA A CA   1 
ATOM   877  C  C    . ALA A 1 101 ? -22.087 3.708   4.292   1.00 21.06 ? 101 ALA A C    1 
ATOM   878  O  O    . ALA A 1 101 ? -23.227 3.665   4.779   1.00 23.59 ? 101 ALA A O    1 
ATOM   879  C  CB   . ALA A 1 101 ? -21.778 1.582   2.955   1.00 16.27 ? 101 ALA A CB   1 
ATOM   880  H  H    . ALA A 1 101 ? -19.715 3.047   2.506   1.00 10.00 ? 101 ALA A H    1 
ATOM   881  N  N    . GLY A 1 102 ? -21.070 4.303   4.913   1.00 21.23 ? 102 GLY A N    1 
ATOM   882  C  CA   . GLY A 1 102 ? -21.233 4.897   6.235   1.00 19.74 ? 102 GLY A CA   1 
ATOM   883  C  C    . GLY A 1 102 ? -21.366 3.852   7.331   1.00 20.02 ? 102 GLY A C    1 
ATOM   884  O  O    . GLY A 1 102 ? -21.875 4.131   8.415   1.00 20.96 ? 102 GLY A O    1 
ATOM   885  H  H    . GLY A 1 102 ? -20.189 4.360   4.489   1.00 10.00 ? 102 GLY A H    1 
ATOM   886  N  N    . ASP A 1 103 ? -20.870 2.651   7.061   1.00 19.02 ? 103 ASP A N    1 
ATOM   887  C  CA   . ASP A 1 103 ? -20.954 1.545   7.994   1.00 18.46 ? 103 ASP A CA   1 
ATOM   888  C  C    . ASP A 1 103 ? -19.666 1.470   8.817   1.00 18.86 ? 103 ASP A C    1 
ATOM   889  O  O    . ASP A 1 103 ? -18.623 1.056   8.298   1.00 18.96 ? 103 ASP A O    1 
ATOM   890  C  CB   . ASP A 1 103 ? -21.150 0.260   7.182   1.00 21.81 ? 103 ASP A CB   1 
ATOM   891  C  CG   . ASP A 1 103 ? -21.625 -0.904  8.020   1.00 24.71 ? 103 ASP A CG   1 
ATOM   892  O  OD1  . ASP A 1 103 ? -21.266 -1.003  9.211   1.00 26.94 ? 103 ASP A OD1  1 
ATOM   893  O  OD2  . ASP A 1 103 ? -22.360 -1.746  7.472   1.00 28.26 ? 103 ASP A OD2  1 
ATOM   894  H  H    . ASP A 1 103 ? -20.388 2.503   6.219   1.00 10.00 ? 103 ASP A H    1 
ATOM   895  N  N    . GLY A 1 104 ? -19.741 1.876   10.086  1.00 17.05 ? 104 GLY A N    1 
ATOM   896  C  CA   . GLY A 1 104 ? -18.585 1.855   10.971  1.00 17.12 ? 104 GLY A CA   1 
ATOM   897  C  C    . GLY A 1 104 ? -18.015 0.468   11.240  1.00 19.57 ? 104 GLY A C    1 
ATOM   898  O  O    . GLY A 1 104 ? -16.791 0.254   11.158  1.00 18.16 ? 104 GLY A O    1 
ATOM   899  H  H    . GLY A 1 104 ? -20.563 2.267   10.394  1.00 10.00 ? 104 GLY A H    1 
ATOM   900  N  N    . ALA A 1 105 ? -18.892 -0.489  11.544  1.00 18.56 ? 105 ALA A N    1 
ATOM   901  C  CA   . ALA A 1 105 ? -18.446 -1.851  11.819  1.00 18.76 ? 105 ALA A CA   1 
ATOM   902  C  C    . ALA A 1 105 ? -17.782 -2.486  10.586  1.00 17.64 ? 105 ALA A C    1 
ATOM   903  O  O    . ALA A 1 105 ? -16.760 -3.179  10.710  1.00 17.65 ? 105 ALA A O    1 
ATOM   904  C  CB   . ALA A 1 105 ? -19.611 -2.710  12.328  1.00 18.43 ? 105 ALA A CB   1 
ATOM   905  H  H    . ALA A 1 105 ? -19.850 -0.264  11.625  1.00 10.00 ? 105 ALA A H    1 
ATOM   906  N  N    . ALA A 1 106 ? -18.334 -2.231  9.401   1.00 15.11 ? 106 ALA A N    1 
ATOM   907  C  CA   . ALA A 1 106 ? -17.762 -2.776  8.176   1.00 16.01 ? 106 ALA A CA   1 
ATOM   908  C  C    . ALA A 1 106 ? -16.430 -2.080  7.890   1.00 16.93 ? 106 ALA A C    1 
ATOM   909  O  O    . ALA A 1 106 ? -15.476 -2.709  7.432   1.00 16.61 ? 106 ALA A O    1 
ATOM   910  C  CB   . ALA A 1 106 ? -18.713 -2.599  7.013   1.00 15.67 ? 106 ALA A CB   1 
ATOM   911  H  H    . ALA A 1 106 ? -19.130 -1.675  9.345   1.00 10.00 ? 106 ALA A H    1 
ATOM   912  N  N    . PHE A 1 107 ? -16.366 -0.785  8.177   1.00 16.47 ? 107 PHE A N    1 
ATOM   913  C  CA   . PHE A 1 107 ? -15.143 -0.022  7.952   1.00 16.47 ? 107 PHE A CA   1 
ATOM   914  C  C    . PHE A 1 107 ? -13.986 -0.569  8.798   1.00 17.63 ? 107 PHE A C    1 
ATOM   915  O  O    . PHE A 1 107 ? -12.887 -0.819  8.278   1.00 17.73 ? 107 PHE A O    1 
ATOM   916  C  CB   . PHE A 1 107 ? -15.377 1.457   8.269   1.00 16.37 ? 107 PHE A CB   1 
ATOM   917  C  CG   . PHE A 1 107 ? -14.171 2.320   8.054   1.00 15.90 ? 107 PHE A CG   1 
ATOM   918  C  CD1  . PHE A 1 107 ? -13.827 2.746   6.777   1.00 15.44 ? 107 PHE A CD1  1 
ATOM   919  C  CD2  . PHE A 1 107 ? -13.376 2.700   9.126   1.00 14.09 ? 107 PHE A CD2  1 
ATOM   920  C  CE1  . PHE A 1 107 ? -12.711 3.534   6.575   1.00 13.73 ? 107 PHE A CE1  1 
ATOM   921  C  CE2  . PHE A 1 107 ? -12.258 3.490   8.926   1.00 15.20 ? 107 PHE A CE2  1 
ATOM   922  C  CZ   . PHE A 1 107 ? -11.927 3.905   7.647   1.00 13.51 ? 107 PHE A CZ   1 
ATOM   923  H  H    . PHE A 1 107 ? -17.149 -0.312  8.531   1.00 10.00 ? 107 PHE A H    1 
ATOM   924  N  N    . GLY A 1 108 ? -14.230 -0.750  10.093  1.00 16.23 ? 108 GLY A N    1 
ATOM   925  C  CA   . GLY A 1 108 ? -13.199 -1.270  10.976  1.00 15.19 ? 108 GLY A CA   1 
ATOM   926  C  C    . GLY A 1 108 ? -12.694 -2.637  10.547  1.00 15.60 ? 108 GLY A C    1 
ATOM   927  O  O    . GLY A 1 108 ? -11.485 -2.861  10.446  1.00 14.62 ? 108 GLY A O    1 
ATOM   928  H  H    . GLY A 1 108 ? -15.094 -0.492  10.474  1.00 10.00 ? 108 GLY A H    1 
ATOM   929  N  N    . ALA A 1 109 ? -13.625 -3.554  10.285  1.00 16.01 ? 109 ALA A N    1 
ATOM   930  C  CA   . ALA A 1 109 ? -13.290 -4.908  9.856   1.00 14.52 ? 109 ALA A CA   1 
ATOM   931  C  C    . ALA A 1 109 ? -12.480 -4.897  8.551   1.00 15.63 ? 109 ALA A C    1 
ATOM   932  O  O    . ALA A 1 109 ? -11.496 -5.628  8.407   1.00 16.25 ? 109 ALA A O    1 
ATOM   933  C  CB   . ALA A 1 109 ? -14.560 -5.715  9.685   1.00 13.55 ? 109 ALA A CB   1 
ATOM   934  H  H    . ALA A 1 109 ? -14.566 -3.298  10.391  1.00 10.00 ? 109 ALA A H    1 
ATOM   935  N  N    . ALA A 1 110 ? -12.890 -4.064  7.601   1.00 14.05 ? 110 ALA A N    1 
ATOM   936  C  CA   . ALA A 1 110 ? -12.188 -3.965  6.327   1.00 12.51 ? 110 ALA A CA   1 
ATOM   937  C  C    . ALA A 1 110 ? -10.784 -3.391  6.524   1.00 14.39 ? 110 ALA A C    1 
ATOM   938  O  O    . ALA A 1 110 ? -9.831  -3.836  5.864   1.00 14.78 ? 110 ALA A O    1 
ATOM   939  C  CB   . ALA A 1 110 ? -12.970 -3.104  5.355   1.00 13.11 ? 110 ALA A CB   1 
ATOM   940  H  H    . ALA A 1 110 ? -13.675 -3.495  7.753   1.00 10.00 ? 110 ALA A H    1 
ATOM   941  N  N    . LEU A 1 111 ? -10.654 -2.405  7.417   1.00 12.28 ? 111 LEU A N    1 
ATOM   942  C  CA   . LEU A 1 111 ? -9.358  -1.794  7.695   1.00 12.92 ? 111 LEU A CA   1 
ATOM   943  C  C    . LEU A 1 111 ? -8.333  -2.824  8.201   1.00 12.65 ? 111 LEU A C    1 
ATOM   944  O  O    . LEU A 1 111 ? -7.164  -2.791  7.817   1.00 12.70 ? 111 LEU A O    1 
ATOM   945  C  CB   . LEU A 1 111 ? -9.506  -0.642  8.688   1.00 13.40 ? 111 LEU A CB   1 
ATOM   946  C  CG   . LEU A 1 111 ? -8.261  0.243   8.811   1.00 15.89 ? 111 LEU A CG   1 
ATOM   947  C  CD1  . LEU A 1 111 ? -8.050  1.053   7.527   1.00 14.99 ? 111 LEU A CD1  1 
ATOM   948  C  CD2  . LEU A 1 111 ? -8.410  1.159   10.005  1.00 14.48 ? 111 LEU A CD2  1 
ATOM   949  H  H    . LEU A 1 111 ? -11.442 -2.069  7.895   1.00 10.00 ? 111 LEU A H    1 
ATOM   950  N  N    . GLN A 1 112 ? -8.781  -3.754  9.035   1.00 12.43 ? 112 GLN A N    1 
ATOM   951  C  CA   . GLN A 1 112 ? -7.911  -4.813  9.555   1.00 15.27 ? 112 GLN A CA   1 
ATOM   952  C  C    . GLN A 1 112 ? -7.376  -5.618  8.374   1.00 14.12 ? 112 GLN A C    1 
ATOM   953  O  O    . GLN A 1 112 ? -6.167  -5.843  8.276   1.00 13.15 ? 112 GLN A O    1 
ATOM   954  C  CB   . GLN A 1 112 ? -8.679  -5.749  10.497  1.00 19.51 ? 112 GLN A CB   1 
ATOM   955  C  CG   . GLN A 1 112 ? -9.193  -5.105  11.777  1.00 30.77 ? 112 GLN A CG   1 
ATOM   956  C  CD   . GLN A 1 112 ? -10.208 -5.986  12.527  1.00 38.99 ? 112 GLN A CD   1 
ATOM   957  O  OE1  . GLN A 1 112 ? -10.983 -5.492  13.355  1.00 42.52 ? 112 GLN A OE1  1 
ATOM   958  N  NE2  . GLN A 1 112 ? -10.210 -7.285  12.235  1.00 41.92 ? 112 GLN A NE2  1 
ATOM   959  H  H    . GLN A 1 112 ? -9.720  -3.705  9.320   1.00 10.00 ? 112 GLN A H    1 
ATOM   960  H  HE21 . GLN A 1 112 ? -10.861 -7.841  12.709  1.00 10.00 ? 112 GLN A HE21 1 
ATOM   961  H  HE22 . GLN A 1 112 ? -9.605  -7.665  11.566  1.00 10.00 ? 112 GLN A HE22 1 
ATOM   962  N  N    . LYS A 1 113 ? -8.272  -6.001  7.459   1.00 13.85 ? 113 LYS A N    1 
ATOM   963  C  CA   . LYS A 1 113 ? -7.892  -6.771  6.267   1.00 14.60 ? 113 LYS A CA   1 
ATOM   964  C  C    . LYS A 1 113 ? -6.845  -6.031  5.437   1.00 14.21 ? 113 LYS A C    1 
ATOM   965  O  O    . LYS A 1 113 ? -5.886  -6.641  4.974   1.00 13.42 ? 113 LYS A O    1 
ATOM   966  C  CB   . LYS A 1 113 ? -9.094  -7.037  5.371   1.00 14.67 ? 113 LYS A CB   1 
ATOM   967  C  CG   . LYS A 1 113 ? -10.221 -7.751  6.037   1.00 21.18 ? 113 LYS A CG   1 
ATOM   968  C  CD   . LYS A 1 113 ? -9.895  -9.193  6.256   1.00 24.72 ? 113 LYS A CD   1 
ATOM   969  C  CE   . LYS A 1 113 ? -11.003 -9.866  7.058   1.00 28.80 ? 113 LYS A CE   1 
ATOM   970  N  NZ   . LYS A 1 113 ? -10.773 -11.330 7.173   1.00 31.58 ? 113 LYS A NZ   1 
ATOM   971  H  H    . LYS A 1 113 ? -9.210  -5.758  7.602   1.00 10.00 ? 113 LYS A H    1 
ATOM   972  H  HZ1  . LYS A 1 113 ? -9.849  -11.500 7.619   1.00 10.00 ? 113 LYS A HZ1  1 
ATOM   973  H  HZ2  . LYS A 1 113 ? -11.523 -11.758 7.754   1.00 10.00 ? 113 LYS A HZ2  1 
ATOM   974  H  HZ3  . LYS A 1 113 ? -10.786 -11.757 6.225   1.00 10.00 ? 113 LYS A HZ3  1 
ATOM   975  N  N    . LEU A 1 114 ? -7.054  -4.733  5.217   1.00 12.86 ? 114 LEU A N    1 
ATOM   976  C  CA   . LEU A 1 114 ? -6.104  -3.935  4.445   1.00 10.44 ? 114 LEU A CA   1 
ATOM   977  C  C    . LEU A 1 114 ? -4.751  -3.955  5.151   1.00 9.32  ? 114 LEU A C    1 
ATOM   978  O  O    . LEU A 1 114 ? -3.748  -4.243  4.529   1.00 10.13 ? 114 LEU A O    1 
ATOM   979  C  CB   . LEU A 1 114 ? -6.608  -2.499  4.271   1.00 12.08 ? 114 LEU A CB   1 
ATOM   980  C  CG   . LEU A 1 114 ? -5.710  -1.549  3.456   1.00 10.60 ? 114 LEU A CG   1 
ATOM   981  C  CD1  . LEU A 1 114 ? -5.465  -2.113  2.054   1.00 7.79  ? 114 LEU A CD1  1 
ATOM   982  C  CD2  . LEU A 1 114 ? -6.344  -0.170  3.372   1.00 11.30 ? 114 LEU A CD2  1 
ATOM   983  H  H    . LEU A 1 114 ? -7.854  -4.304  5.586   1.00 10.00 ? 114 LEU A H    1 
ATOM   984  N  N    . GLY A 1 115 ? -4.741  -3.736  6.461   1.00 11.02 ? 115 GLY A N    1 
ATOM   985  C  CA   . GLY A 1 115 ? -3.497  -3.773  7.223   1.00 8.84  ? 115 GLY A CA   1 
ATOM   986  C  C    . GLY A 1 115 ? -2.765  -5.088  7.025   1.00 9.00  ? 115 GLY A C    1 
ATOM   987  O  O    . GLY A 1 115 ? -1.544  -5.107  6.872   1.00 9.68  ? 115 GLY A O    1 
ATOM   988  H  H    . GLY A 1 115 ? -5.575  -3.538  6.936   1.00 10.00 ? 115 GLY A H    1 
ATOM   989  N  N    . GLY A 1 116 ? -3.503  -6.193  7.018   1.00 10.40 ? 116 GLY A N    1 
ATOM   990  C  CA   . GLY A 1 116 ? -2.897  -7.501  6.810   1.00 13.01 ? 116 GLY A CA   1 
ATOM   991  C  C    . GLY A 1 116 ? -2.174  -7.629  5.469   1.00 14.81 ? 116 GLY A C    1 
ATOM   992  O  O    . GLY A 1 116 ? -1.136  -8.305  5.373   1.00 15.00 ? 116 GLY A O    1 
ATOM   993  H  H    . GLY A 1 116 ? -4.469  -6.123  7.190   1.00 10.00 ? 116 GLY A H    1 
ATOM   994  N  N    . THR A 1 117 ? -2.695  -6.974  4.429   1.00 12.80 ? 117 THR A N    1 
ATOM   995  C  CA   . THR A 1 117 ? -2.062  -7.043  3.122   1.00 13.20 ? 117 THR A CA   1 
ATOM   996  C  C    . THR A 1 117 ? -0.747  -6.259  3.085   1.00 13.15 ? 117 THR A C    1 
ATOM   997  O  O    . THR A 1 117 ? 0.162   -6.625  2.336   1.00 13.50 ? 117 THR A O    1 
ATOM   998  C  CB   . THR A 1 117 ? -2.993  -6.581  1.992   1.00 12.88 ? 117 THR A CB   1 
ATOM   999  O  OG1  . THR A 1 117 ? -3.209  -5.175  2.096   1.00 13.98 ? 117 THR A OG1  1 
ATOM   1000 C  CG2  . THR A 1 117 ? -4.334  -7.321  2.052   1.00 14.10 ? 117 THR A CG2  1 
ATOM   1001 H  H    . THR A 1 117 ? -3.505  -6.435  4.551   1.00 10.00 ? 117 THR A H    1 
ATOM   1002 H  HG1  . THR A 1 117 ? -3.699  -4.933  2.882   1.00 10.00 ? 117 THR A HG1  1 
ATOM   1003 N  N    . CYS A 1 118 ? -0.629  -5.205  3.895   1.00 12.41 ? 118 CYS A N    1 
ATOM   1004 C  CA   . CYS A 1 118 ? 0.618   -4.436  3.958   1.00 12.40 ? 118 CYS A CA   1 
ATOM   1005 C  C    . CYS A 1 118 ? 1.663   -5.363  4.556   1.00 15.11 ? 118 CYS A C    1 
ATOM   1006 O  O    . CYS A 1 118 ? 2.754   -5.528  4.013   1.00 15.57 ? 118 CYS A O    1 
ATOM   1007 C  CB   . CYS A 1 118 ? 0.513   -3.231  4.899   1.00 12.31 ? 118 CYS A CB   1 
ATOM   1008 S  SG   . CYS A 1 118 ? -0.938  -2.173  4.750   1.00 15.23 ? 118 CYS A SG   1 
ATOM   1009 H  H    . CYS A 1 118 ? -1.398  -4.910  4.430   1.00 10.00 ? 118 CYS A H    1 
ATOM   1010 N  N    . LYS A 1 119 ? 1.310   -5.985  5.682   1.00 14.39 ? 119 LYS A N    1 
ATOM   1011 C  CA   . LYS A 1 119 ? 2.220   -6.891  6.379   1.00 14.93 ? 119 LYS A CA   1 
ATOM   1012 C  C    . LYS A 1 119 ? 2.619   -8.094  5.546   1.00 14.02 ? 119 LYS A C    1 
ATOM   1013 O  O    . LYS A 1 119 ? 3.803   -8.417  5.467   1.00 15.01 ? 119 LYS A O    1 
ATOM   1014 C  CB   . LYS A 1 119 ? 1.625   -7.363  7.705   1.00 15.31 ? 119 LYS A CB   1 
ATOM   1015 C  CG   . LYS A 1 119 ? 2.525   -8.340  8.423   1.00 17.98 ? 119 LYS A CG   1 
ATOM   1016 C  CD   . LYS A 1 119 ? 1.909   -8.826  9.705   1.00 22.28 ? 119 LYS A CD   1 
ATOM   1017 C  CE   . LYS A 1 119 ? 2.696   -10.025 10.251  1.00 25.91 ? 119 LYS A CE   1 
ATOM   1018 N  NZ   . LYS A 1 119 ? 4.161   -9.745  10.398  1.00 27.37 ? 119 LYS A NZ   1 
ATOM   1019 H  H    . LYS A 1 119 ? 0.415   -5.824  6.052   1.00 10.00 ? 119 LYS A H    1 
ATOM   1020 H  HZ1  . LYS A 1 119 ? 4.558   -9.501  9.470   1.00 10.00 ? 119 LYS A HZ1  1 
ATOM   1021 H  HZ2  . LYS A 1 119 ? 4.330   -8.969  11.059  1.00 10.00 ? 119 LYS A HZ2  1 
ATOM   1022 H  HZ3  . LYS A 1 119 ? 4.631   -10.601 10.759  1.00 10.00 ? 119 LYS A HZ3  1 
ATOM   1023 N  N    . ALA A 1 120 ? 1.646   -8.739  4.907   1.00 12.48 ? 120 ALA A N    1 
ATOM   1024 C  CA   . ALA A 1 120 ? 1.936   -9.910  4.079   1.00 12.97 ? 120 ALA A CA   1 
ATOM   1025 C  C    . ALA A 1 120 ? 3.043   -9.624  3.036   1.00 14.66 ? 120 ALA A C    1 
ATOM   1026 O  O    . ALA A 1 120 ? 3.959   -10.438 2.839   1.00 14.22 ? 120 ALA A O    1 
ATOM   1027 C  CB   . ALA A 1 120 ? 0.676   -10.392 3.397   1.00 10.34 ? 120 ALA A CB   1 
ATOM   1028 H  H    . ALA A 1 120 ? 0.725   -8.433  5.000   1.00 10.00 ? 120 ALA A H    1 
ATOM   1029 N  N    . CYS A 1 121 ? 2.972   -8.466  2.379   1.00 12.75 ? 121 CYS A N    1 
ATOM   1030 C  CA   . CYS A 1 121 ? 3.975   -8.139  1.391   1.00 13.78 ? 121 CYS A CA   1 
ATOM   1031 C  C    . CYS A 1 121 ? 5.292   -7.712  2.044   1.00 15.03 ? 121 CYS A C    1 
ATOM   1032 O  O    . CYS A 1 121 ? 6.370   -8.125  1.609   1.00 14.31 ? 121 CYS A O    1 
ATOM   1033 C  CB   . CYS A 1 121 ? 3.496   -7.037  0.453   1.00 11.82 ? 121 CYS A CB   1 
ATOM   1034 S  SG   . CYS A 1 121 ? 4.717   -6.772  -0.868  1.00 13.04 ? 121 CYS A SG   1 
ATOM   1035 H  H    . CYS A 1 121 ? 2.244   -7.836  2.561   1.00 10.00 ? 121 CYS A H    1 
ATOM   1036 N  N    . HIS A 1 122 ? 5.206   -6.901  3.092   1.00 14.27 ? 122 HIS A N    1 
ATOM   1037 C  CA   . HIS A 1 122 ? 6.400   -6.433  3.775   1.00 15.68 ? 122 HIS A CA   1 
ATOM   1038 C  C    . HIS A 1 122 ? 7.272   -7.572  4.297   1.00 17.71 ? 122 HIS A C    1 
ATOM   1039 O  O    . HIS A 1 122 ? 8.503   -7.540  4.123   1.00 18.05 ? 122 HIS A O    1 
ATOM   1040 C  CB   . HIS A 1 122 ? 6.027   -5.474  4.903   1.00 12.81 ? 122 HIS A CB   1 
ATOM   1041 C  CG   . HIS A 1 122 ? 5.569   -4.131  4.417   1.00 13.49 ? 122 HIS A CG   1 
ATOM   1042 N  ND1  . HIS A 1 122 ? 5.012   -3.160  5.221   1.00 12.78 ? 122 HIS A ND1  1 
ATOM   1043 C  CD2  . HIS A 1 122 ? 5.600   -3.597  3.168   1.00 10.98 ? 122 HIS A CD2  1 
ATOM   1044 C  CE1  . HIS A 1 122 ? 4.731   -2.098  4.453   1.00 12.45 ? 122 HIS A CE1  1 
ATOM   1045 N  NE2  . HIS A 1 122 ? 5.070   -2.316  3.197   1.00 12.51 ? 122 HIS A NE2  1 
ATOM   1046 H  H    . HIS A 1 122 ? 4.330   -6.600  3.416   1.00 10.00 ? 122 HIS A H    1 
ATOM   1047 H  HD1  . HIS A 1 122 ? 4.855   -3.181  6.193   1.00 10.00 ? 122 HIS A HD1  1 
ATOM   1048 N  N    . ASP A 1 123 ? 6.622   -8.606  4.834   1.00 17.58 ? 123 ASP A N    1 
ATOM   1049 C  CA   . ASP A 1 123 ? 7.296   -9.769  5.402   1.00 17.02 ? 123 ASP A CA   1 
ATOM   1050 C  C    . ASP A 1 123 ? 8.199   -10.509 4.444   1.00 16.83 ? 123 ASP A C    1 
ATOM   1051 O  O    . ASP A 1 123 ? 9.215   -11.056 4.849   1.00 18.25 ? 123 ASP A O    1 
ATOM   1052 C  CB   . ASP A 1 123 ? 6.280   -10.755 5.984   1.00 17.34 ? 123 ASP A CB   1 
ATOM   1053 C  CG   . ASP A 1 123 ? 5.727   -10.317 7.351   1.00 19.44 ? 123 ASP A CG   1 
ATOM   1054 O  OD1  . ASP A 1 123 ? 6.218   -9.338  7.954   1.00 20.92 ? 123 ASP A OD1  1 
ATOM   1055 O  OD2  . ASP A 1 123 ? 4.783   -10.972 7.833   1.00 24.63 ? 123 ASP A OD2  1 
ATOM   1056 H  H    . ASP A 1 123 ? 5.642   -8.577  4.872   1.00 10.00 ? 123 ASP A H    1 
ATOM   1057 N  N    . ASP A 1 124 ? 7.839   -10.529 3.174   1.00 16.59 ? 124 ASP A N    1 
ATOM   1058 C  CA   . ASP A 1 124 ? 8.636   -11.233 2.182   1.00 17.38 ? 124 ASP A CA   1 
ATOM   1059 C  C    . ASP A 1 124 ? 9.511   -10.341 1.324   1.00 16.64 ? 124 ASP A C    1 
ATOM   1060 O  O    . ASP A 1 124 ? 10.609  -10.728 0.953   1.00 18.34 ? 124 ASP A O    1 
ATOM   1061 C  CB   . ASP A 1 124 ? 7.726   -11.993 1.204   1.00 20.34 ? 124 ASP A CB   1 
ATOM   1062 C  CG   . ASP A 1 124 ? 7.007   -13.172 1.833   1.00 22.92 ? 124 ASP A CG   1 
ATOM   1063 O  OD1  . ASP A 1 124 ? 7.382   -13.620 2.933   1.00 25.99 ? 124 ASP A OD1  1 
ATOM   1064 O  OD2  . ASP A 1 124 ? 6.056   -13.666 1.204   1.00 27.78 ? 124 ASP A OD2  1 
ATOM   1065 H  H    . ASP A 1 124 ? 7.020   -10.062 2.900   1.00 10.00 ? 124 ASP A H    1 
ATOM   1066 N  N    . TYR A 1 125 ? 9.043   -9.128  1.054   1.00 15.65 ? 125 TYR A N    1 
ATOM   1067 C  CA   . TYR A 1 125 ? 9.727   -8.241  0.109   1.00 15.61 ? 125 TYR A CA   1 
ATOM   1068 C  C    . TYR A 1 125 ? 10.325  -6.921  0.553   1.00 15.65 ? 125 TYR A C    1 
ATOM   1069 O  O    . TYR A 1 125 ? 10.884  -6.203  -0.273  1.00 14.76 ? 125 TYR A O    1 
ATOM   1070 C  CB   . TYR A 1 125 ? 8.774   -7.994  -1.078  1.00 13.63 ? 125 TYR A CB   1 
ATOM   1071 C  CG   . TYR A 1 125 ? 8.269   -9.284  -1.692  1.00 14.99 ? 125 TYR A CG   1 
ATOM   1072 C  CD1  . TYR A 1 125 ? 9.154   -10.160 -2.321  1.00 13.42 ? 125 TYR A CD1  1 
ATOM   1073 C  CD2  . TYR A 1 125 ? 6.926   -9.655  -1.593  1.00 15.18 ? 125 TYR A CD2  1 
ATOM   1074 C  CE1  . TYR A 1 125 ? 8.727   -11.367 -2.830  1.00 16.44 ? 125 TYR A CE1  1 
ATOM   1075 C  CE2  . TYR A 1 125 ? 6.474   -10.874 -2.104  1.00 14.69 ? 125 TYR A CE2  1 
ATOM   1076 C  CZ   . TYR A 1 125 ? 7.384   -11.727 -2.721  1.00 17.78 ? 125 TYR A CZ   1 
ATOM   1077 O  OH   . TYR A 1 125 ? 6.981   -12.945 -3.220  1.00 17.22 ? 125 TYR A OH   1 
ATOM   1078 H  H    . TYR A 1 125 ? 8.225   -8.807  1.485   1.00 10.00 ? 125 TYR A H    1 
ATOM   1079 H  HH   . TYR A 1 125 ? 7.749   -13.408 -3.577  1.00 10.00 ? 125 TYR A HH   1 
ATOM   1080 N  N    . ARG A 1 126 ? 10.203  -6.584  1.829   1.00 18.56 ? 126 ARG A N    1 
ATOM   1081 C  CA   . ARG A 1 126 ? 10.754  -5.325  2.308   1.00 20.68 ? 126 ARG A CA   1 
ATOM   1082 C  C    . ARG A 1 126 ? 11.828  -5.587  3.353   1.00 25.90 ? 126 ARG A C    1 
ATOM   1083 O  O    . ARG A 1 126 ? 11.629  -6.403  4.254   1.00 24.36 ? 126 ARG A O    1 
ATOM   1084 C  CB   . ARG A 1 126 ? 9.652   -4.459  2.907   1.00 17.79 ? 126 ARG A CB   1 
ATOM   1085 C  CG   . ARG A 1 126 ? 10.093  -3.068  3.273   1.00 16.22 ? 126 ARG A CG   1 
ATOM   1086 C  CD   . ARG A 1 126 ? 9.000   -2.356  4.016   1.00 19.25 ? 126 ARG A CD   1 
ATOM   1087 N  NE   . ARG A 1 126 ? 9.451   -1.056  4.494   1.00 22.55 ? 126 ARG A NE   1 
ATOM   1088 C  CZ   . ARG A 1 126 ? 8.738   -0.256  5.278   1.00 22.26 ? 126 ARG A CZ   1 
ATOM   1089 N  NH1  . ARG A 1 126 ? 7.526   -0.617  5.676   1.00 22.08 ? 126 ARG A NH1  1 
ATOM   1090 N  NH2  . ARG A 1 126 ? 9.255   0.898   5.679   1.00 21.28 ? 126 ARG A NH2  1 
ATOM   1091 H  H    . ARG A 1 126 ? 9.782   -7.183  2.481   1.00 10.00 ? 126 ARG A H    1 
ATOM   1092 H  HE   . ARG A 1 126 ? 10.339  -0.755  4.219   1.00 10.00 ? 126 ARG A HE   1 
ATOM   1093 H  HH11 . ARG A 1 126 ? 7.137   -1.493  5.388   1.00 10.00 ? 126 ARG A HH11 1 
ATOM   1094 H  HH12 . ARG A 1 126 ? 6.994   -0.009  6.266   1.00 10.00 ? 126 ARG A HH12 1 
ATOM   1095 H  HH21 . ARG A 1 126 ? 10.177  1.161   5.393   1.00 10.00 ? 126 ARG A HH21 1 
ATOM   1096 H  HH22 . ARG A 1 126 ? 8.722   1.504   6.271   1.00 10.00 ? 126 ARG A HH22 1 
ATOM   1097 N  N    . GLU A 1 127 ? 12.957  -4.888  3.216   1.00 31.40 ? 127 GLU A N    1 
ATOM   1098 C  CA   . GLU A 1 127 ? 14.097  -4.993  4.126   1.00 38.97 ? 127 GLU A CA   1 
ATOM   1099 C  C    . GLU A 1 127 ? 13.772  -4.559  5.544   1.00 44.44 ? 127 GLU A C    1 
ATOM   1100 O  O    . GLU A 1 127 ? 13.136  -3.527  5.765   1.00 42.72 ? 127 GLU A O    1 
ATOM   1101 C  CB   . GLU A 1 127 ? 15.249  -4.112  3.645   1.00 38.62 ? 127 GLU A CB   1 
ATOM   1102 C  CG   . GLU A 1 127 ? 15.976  -4.614  2.435   1.00 43.26 ? 127 GLU A CG   1 
ATOM   1103 C  CD   . GLU A 1 127 ? 17.071  -5.598  2.783   1.00 46.99 ? 127 GLU A CD   1 
ATOM   1104 O  OE1  . GLU A 1 127 ? 16.777  -6.625  3.440   1.00 49.28 ? 127 GLU A OE1  1 
ATOM   1105 O  OE2  . GLU A 1 127 ? 18.233  -5.338  2.394   1.00 49.04 ? 127 GLU A OE2  1 
ATOM   1106 H  H    . GLU A 1 127 ? 13.003  -4.267  2.464   1.00 10.00 ? 127 GLU A H    1 
ATOM   1107 N  N    . GLU A 1 128 ? 14.277  -5.332  6.498   1.00 52.99 ? 128 GLU A N    1 
ATOM   1108 C  CA   . GLU A 1 128 ? 14.114  -5.057  7.922   1.00 60.72 ? 128 GLU A CA   1 
ATOM   1109 C  C    . GLU A 1 128 ? 15.534  -4.793  8.441   1.00 63.87 ? 128 GLU A C    1 
ATOM   1110 O  O    . GLU A 1 128 ? 16.004  -5.448  9.370   1.00 64.93 ? 128 GLU A O    1 
ATOM   1111 C  CB   . GLU A 1 128 ? 13.472  -6.262  8.637   1.00 62.71 ? 128 GLU A CB   1 
ATOM   1112 C  CG   . GLU A 1 128 ? 14.265  -7.584  8.588   1.00 68.85 ? 128 GLU A CG   1 
ATOM   1113 C  CD   . GLU A 1 128 ? 14.257  -8.266  7.218   1.00 72.09 ? 128 GLU A CD   1 
ATOM   1114 O  OE1  . GLU A 1 128 ? 13.255  -8.951  6.909   1.00 73.98 ? 128 GLU A OE1  1 
ATOM   1115 O  OE2  . GLU A 1 128 ? 15.255  -8.138  6.462   1.00 72.93 ? 128 GLU A OE2  1 
ATOM   1116 H  H    . GLU A 1 128 ? 14.796  -6.111  6.228   1.00 10.00 ? 128 GLU A H    1 
ATOM   1117 N  N    . ASP A 1 129 ? 16.215  -3.845  7.798   1.00 68.39 ? 129 ASP A N    1 
ATOM   1118 C  CA   . ASP A 1 129 ? 17.597  -3.490  8.129   1.00 72.24 ? 129 ASP A CA   1 
ATOM   1119 C  C    . ASP A 1 129 ? 17.728  -2.143  8.847   1.00 74.04 ? 129 ASP A C    1 
ATOM   1120 O  O    . ASP A 1 129 ? 18.779  -1.920  9.497   1.00 74.32 ? 129 ASP A O    1 
ATOM   1121 C  CB   . ASP A 1 129 ? 18.448  -3.456  6.851   1.00 73.63 ? 129 ASP A CB   1 
ATOM   1122 C  CG   . ASP A 1 129 ? 18.621  -4.827  6.210   1.00 75.42 ? 129 ASP A CG   1 
ATOM   1123 O  OD1  . ASP A 1 129 ? 17.764  -5.721  6.417   1.00 76.23 ? 129 ASP A OD1  1 
ATOM   1124 O  OD2  . ASP A 1 129 ? 19.625  -5.005  5.482   1.00 76.58 ? 129 ASP A OD2  1 
ATOM   1125 O  OXT  . ASP A 1 129 ? 16.800  -1.310  8.710   1.00 75.65 ? 129 ASP A OXT  1 
ATOM   1126 H  H    . ASP A 1 129 ? 15.776  -3.282  7.134   1.00 10.00 ? 129 ASP A H    1 
HETATM 1127 C  CHA  . HEM B 2 .   ? 7.767   0.359   1.584   1.00 13.67 ? 130 HEM A CHA  1 
HETATM 1128 C  CHB  . HEM B 2 .   ? 3.507   1.335   3.681   1.00 11.62 ? 130 HEM A CHB  1 
HETATM 1129 C  CHC  . HEM B 2 .   ? 1.576   -2.317  1.291   1.00 12.88 ? 130 HEM A CHC  1 
HETATM 1130 C  CHD  . HEM B 2 .   ? 5.817   -3.364  -0.783  1.00 12.85 ? 130 HEM A CHD  1 
HETATM 1131 C  C1A  . HEM B 2 .   ? 6.779   0.955   2.354   1.00 13.63 ? 130 HEM A C1A  1 
HETATM 1132 C  C2A  . HEM B 2 .   ? 7.005   2.132   3.189   1.00 14.49 ? 130 HEM A C2A  1 
HETATM 1133 C  C3A  . HEM B 2 .   ? 5.795   2.414   3.790   1.00 12.20 ? 130 HEM A C3A  1 
HETATM 1134 C  C4A  . HEM B 2 .   ? 4.837   1.402   3.287   1.00 11.94 ? 130 HEM A C4A  1 
HETATM 1135 C  CMA  . HEM B 2 .   ? 5.478   3.516   4.820   1.00 10.89 ? 130 HEM A CMA  1 
HETATM 1136 C  CAA  . HEM B 2 .   ? 8.312   2.911   3.307   1.00 15.92 ? 130 HEM A CAA  1 
HETATM 1137 C  CBA  . HEM B 2 .   ? 8.287   3.980   2.234   1.00 24.30 ? 130 HEM A CBA  1 
HETATM 1138 C  CGA  . HEM B 2 .   ? 9.298   5.093   2.469   1.00 29.82 ? 130 HEM A CGA  1 
HETATM 1139 O  O1A  . HEM B 2 .   ? 9.111   5.879   3.425   1.00 33.50 ? 130 HEM A O1A  1 
HETATM 1140 O  O2A  . HEM B 2 .   ? 10.265  5.199   1.689   1.00 31.22 ? 130 HEM A O2A  1 
HETATM 1141 C  C1B  . HEM B 2 .   ? 2.621   0.398   3.225   1.00 11.57 ? 130 HEM A C1B  1 
HETATM 1142 C  C2B  . HEM B 2 .   ? 1.227   0.317   3.643   1.00 11.86 ? 130 HEM A C2B  1 
HETATM 1143 C  C3B  . HEM B 2 .   ? 0.709   -0.753  2.960   1.00 12.46 ? 130 HEM A C3B  1 
HETATM 1144 C  C4B  . HEM B 2 .   ? 1.757   -1.265  2.135   1.00 11.62 ? 130 HEM A C4B  1 
HETATM 1145 C  CMB  . HEM B 2 .   ? 0.496   1.188   4.682   1.00 10.18 ? 130 HEM A CMB  1 
HETATM 1146 C  CAB  . HEM B 2 .   ? -0.687  -1.383  3.137   1.00 11.96 ? 130 HEM A CAB  1 
HETATM 1147 C  CBB  . HEM B 2 .   ? -1.836  -0.466  2.728   1.00 12.97 ? 130 HEM A CBB  1 
HETATM 1148 C  C1C  . HEM B 2 .   ? 2.549   -2.923  0.525   1.00 13.50 ? 130 HEM A C1C  1 
HETATM 1149 C  C2C  . HEM B 2 .   ? 2.248   -4.035  -0.419  1.00 14.56 ? 130 HEM A C2C  1 
HETATM 1150 C  C3C  . HEM B 2 .   ? 3.471   -4.314  -0.998  1.00 12.91 ? 130 HEM A C3C  1 
HETATM 1151 C  C4C  . HEM B 2 .   ? 4.458   -3.392  -0.419  1.00 13.60 ? 130 HEM A C4C  1 
HETATM 1152 C  CMC  . HEM B 2 .   ? 0.881   -4.732  -0.588  1.00 14.11 ? 130 HEM A CMC  1 
HETATM 1153 C  CAC  . HEM B 2 .   ? 3.911   -5.480  -1.848  1.00 12.52 ? 130 HEM A CAC  1 
HETATM 1154 C  CBC  . HEM B 2 .   ? 2.878   -5.968  -2.902  1.00 12.23 ? 130 HEM A CBC  1 
HETATM 1155 C  C1D  . HEM B 2 .   ? 6.714   -2.435  -0.320  1.00 11.93 ? 130 HEM A C1D  1 
HETATM 1156 C  C2D  . HEM B 2 .   ? 8.117   -2.386  -0.733  1.00 13.85 ? 130 HEM A C2D  1 
HETATM 1157 C  C3D  . HEM B 2 .   ? 8.669   -1.348  -0.061  1.00 12.92 ? 130 HEM A C3D  1 
HETATM 1158 C  C4D  . HEM B 2 .   ? 7.606   -0.739  0.741   1.00 13.31 ? 130 HEM A C4D  1 
HETATM 1159 C  CMD  . HEM B 2 .   ? 8.827   -3.279  -1.765  1.00 12.33 ? 130 HEM A CMD  1 
HETATM 1160 C  CAD  . HEM B 2 .   ? 10.087  -0.848  -0.301  1.00 14.34 ? 130 HEM A CAD  1 
HETATM 1161 C  CBD  . HEM B 2 .   ? 10.112  0.232   -1.382  1.00 14.44 ? 130 HEM A CBD  1 
HETATM 1162 C  CGD  . HEM B 2 .   ? 11.481  0.860   -1.552  1.00 17.69 ? 130 HEM A CGD  1 
HETATM 1163 O  O1D  . HEM B 2 .   ? 12.216  0.966   -0.551  1.00 17.58 ? 130 HEM A O1D  1 
HETATM 1164 O  O2D  . HEM B 2 .   ? 11.827  1.263   -2.678  1.00 16.04 ? 130 HEM A O2D  1 
HETATM 1165 N  NA   . HEM B 2 .   ? 5.445   0.507   2.424   1.00 13.22 ? 130 HEM A NA   1 
HETATM 1166 N  NB   . HEM B 2 .   ? 2.948   -0.596  2.311   1.00 11.60 ? 130 HEM A NB   1 
HETATM 1167 N  NC   . HEM B 2 .   ? 3.882   -2.541  0.510   1.00 13.11 ? 130 HEM A NC   1 
HETATM 1168 N  ND   . HEM B 2 .   ? 6.410   -1.430  0.602   1.00 13.74 ? 130 HEM A ND   1 
HETATM 1169 FE FE   . HEM B 2 .   ? 4.732   -1.128  1.612   1.00 12.86 ? 130 HEM A FE   1 
HETATM 1170 H  HHB  . HEM B 2 .   ? 3.132   2.091   4.368   1.00 10.00 ? 130 HEM A HHB  1 
HETATM 1171 H  HHC  . HEM B 2 .   ? 0.555   -2.610  1.069   1.00 10.00 ? 130 HEM A HHC  1 
HETATM 1172 H  HHD  . HEM B 2 .   ? 6.224   -4.140  -1.428  1.00 10.00 ? 130 HEM A HHD  1 
HETATM 1173 H  HHA  . HEM B 2 .   ? 8.797   0.692   1.706   1.00 10.00 ? 130 HEM A HHA  1 
HETATM 1174 O  O    . HOH C 3 .   ? -4.654  11.230  4.998   1.00 16.35 ? 131 HOH A O    1 
HETATM 1175 H  H1   . HOH C 3 .   ? -4.733  10.340  4.636   1.00 10.00 ? 131 HOH A H1   1 
HETATM 1176 H  H2   . HOH C 3 .   ? -5.484  11.643  4.746   1.00 10.00 ? 131 HOH A H2   1 
HETATM 1177 O  O    . HOH C 3 .   ? -6.702  8.334   3.097   1.00 18.53 ? 132 HOH A O    1 
HETATM 1178 H  H1   . HOH C 3 .   ? -7.168  8.684   2.327   1.00 10.00 ? 132 HOH A H1   1 
HETATM 1179 H  H2   . HOH C 3 .   ? -7.400  7.813   3.511   1.00 10.00 ? 132 HOH A H2   1 
HETATM 1180 O  O    . HOH C 3 .   ? -0.683  10.351  2.990   1.00 25.30 ? 133 HOH A O    1 
HETATM 1181 H  H1   . HOH C 3 .   ? -0.763  11.083  2.374   1.00 10.00 ? 133 HOH A H1   1 
HETATM 1182 H  H2   . HOH C 3 .   ? -1.004  9.589   2.500   1.00 10.00 ? 133 HOH A H2   1 
HETATM 1183 O  O    . HOH C 3 .   ? -0.508  -8.463  0.325   1.00 13.83 ? 134 HOH A O    1 
HETATM 1184 H  H1   . HOH C 3 .   ? -0.676  -7.881  -0.432  1.00 10.00 ? 134 HOH A H1   1 
HETATM 1185 H  H2   . HOH C 3 .   ? -0.046  -7.849  0.910   1.00 10.00 ? 134 HOH A H2   1 
HETATM 1186 O  O    . HOH C 3 .   ? 11.570  -4.903  -15.299 1.00 26.54 ? 135 HOH A O    1 
HETATM 1187 H  H1   . HOH C 3 .   ? 10.699  -4.525  -15.086 1.00 10.00 ? 135 HOH A H1   1 
HETATM 1188 H  H2   . HOH C 3 .   ? 11.579  -4.821  -16.265 1.00 10.00 ? 135 HOH A H2   1 
HETATM 1189 O  O    . HOH C 3 .   ? 10.698  -7.098  -13.729 1.00 47.57 ? 136 HOH A O    1 
HETATM 1190 H  H1   . HOH C 3 .   ? 11.326  -6.581  -14.268 1.00 10.00 ? 136 HOH A H1   1 
HETATM 1191 H  H2   . HOH C 3 .   ? 10.050  -6.404  -13.537 1.00 10.00 ? 136 HOH A H2   1 
HETATM 1192 O  O    . HOH C 3 .   ? -1.733  1.218   -6.575  1.00 23.00 ? 137 HOH A O    1 
HETATM 1193 H  H1   . HOH C 3 .   ? -1.224  1.509   -5.809  1.00 10.00 ? 137 HOH A H1   1 
HETATM 1194 H  H2   . HOH C 3 .   ? -1.435  1.819   -7.265  1.00 10.00 ? 137 HOH A H2   1 
HETATM 1195 O  O    . HOH C 3 .   ? -1.659  -10.839 0.658   1.00 20.01 ? 138 HOH A O    1 
HETATM 1196 H  H1   . HOH C 3 .   ? -1.917  -10.984 -0.255  1.00 10.00 ? 138 HOH A H1   1 
HETATM 1197 H  H2   . HOH C 3 .   ? -1.214  -9.958  0.594   1.00 10.00 ? 138 HOH A H2   1 
HETATM 1198 O  O    . HOH C 3 .   ? -16.120 -5.238  6.185   1.00 27.60 ? 139 HOH A O    1 
HETATM 1199 H  H1   . HOH C 3 .   ? -16.258 -5.322  5.232   1.00 10.00 ? 139 HOH A H1   1 
HETATM 1200 H  H2   . HOH C 3 .   ? -15.911 -4.302  6.296   1.00 10.00 ? 139 HOH A H2   1 
HETATM 1201 O  O    . HOH C 3 .   ? -20.825 1.602   -0.907  1.00 31.88 ? 140 HOH A O    1 
HETATM 1202 H  H1   . HOH C 3 .   ? -20.413 1.475   -0.041  1.00 10.00 ? 140 HOH A H1   1 
HETATM 1203 H  H2   . HOH C 3 .   ? -21.751 1.411   -0.735  1.00 10.00 ? 140 HOH A H2   1 
HETATM 1204 O  O    . HOH C 3 .   ? -5.511  -9.405  5.141   1.00 25.09 ? 141 HOH A O    1 
HETATM 1205 H  H1   . HOH C 3 .   ? -5.297  -9.609  6.061   1.00 10.00 ? 141 HOH A H1   1 
HETATM 1206 H  H2   . HOH C 3 .   ? -5.416  -8.448  5.117   1.00 10.00 ? 141 HOH A H2   1 
HETATM 1207 O  O    . HOH C 3 .   ? -1.039  -10.484 6.997   1.00 30.52 ? 142 HOH A O    1 
HETATM 1208 H  H1   . HOH C 3 .   ? -1.551  -10.629 6.189   1.00 10.00 ? 142 HOH A H1   1 
HETATM 1209 H  H2   . HOH C 3 .   ? -0.674  -9.611  6.834   1.00 10.00 ? 142 HOH A H2   1 
HETATM 1210 O  O    . HOH C 3 .   ? 11.166  2.097   1.921   1.00 24.03 ? 143 HOH A O    1 
HETATM 1211 H  H1   . HOH C 3 .   ? 11.325  1.859   1.000   1.00 10.00 ? 143 HOH A H1   1 
HETATM 1212 H  H2   . HOH C 3 .   ? 10.896  3.025   1.849   1.00 10.00 ? 143 HOH A H2   1 
HETATM 1213 O  O    . HOH C 3 .   ? 5.448   -6.491  8.547   1.00 43.80 ? 144 HOH A O    1 
HETATM 1214 H  H1   . HOH C 3 .   ? 6.268   -6.795  8.101   1.00 10.00 ? 144 HOH A H1   1 
HETATM 1215 H  H2   . HOH C 3 .   ? 5.451   -7.016  9.354   1.00 10.00 ? 144 HOH A H2   1 
HETATM 1216 O  O    . HOH C 3 .   ? 4.028   -13.092 3.683   1.00 28.95 ? 145 HOH A O    1 
HETATM 1217 H  H1   . HOH C 3 .   ? 3.666   -12.761 4.529   1.00 10.00 ? 145 HOH A H1   1 
HETATM 1218 H  H2   . HOH C 3 .   ? 4.072   -12.290 3.155   1.00 10.00 ? 145 HOH A H2   1 
HETATM 1219 O  O    . HOH C 3 .   ? 11.380  -8.935  4.691   1.00 36.43 ? 146 HOH A O    1 
HETATM 1220 H  H1   . HOH C 3 .   ? 10.759  -9.626  4.945   1.00 10.00 ? 146 HOH A H1   1 
HETATM 1221 H  H2   . HOH C 3 .   ? 10.832  -8.153  4.590   1.00 10.00 ? 146 HOH A H2   1 
HETATM 1222 O  O    . HOH C 3 .   ? -24.971 2.727   7.199   1.00 17.87 ? 147 HOH A O    1 
HETATM 1223 H  H1   . HOH C 3 .   ? -24.536 3.458   6.735   1.00 10.00 ? 147 HOH A H1   1 
HETATM 1224 H  H2   . HOH C 3 .   ? -24.911 2.045   6.492   1.00 10.00 ? 147 HOH A H2   1 
HETATM 1225 O  O    . HOH C 3 .   ? -22.954 6.585   8.944   1.00 22.11 ? 148 HOH A O    1 
HETATM 1226 H  H1   . HOH C 3 .   ? -22.532 5.734   9.128   1.00 10.00 ? 148 HOH A H1   1 
HETATM 1227 H  H2   . HOH C 3 .   ? -22.707 7.097   9.730   1.00 10.00 ? 148 HOH A H2   1 
HETATM 1228 O  O    . HOH C 3 .   ? -23.318 8.211   6.677   1.00 20.61 ? 149 HOH A O    1 
HETATM 1229 H  H1   . HOH C 3 .   ? -23.267 7.650   7.484   1.00 10.00 ? 149 HOH A H1   1 
HETATM 1230 H  H2   . HOH C 3 .   ? -23.111 7.573   5.990   1.00 10.00 ? 149 HOH A H2   1 
HETATM 1231 O  O    . HOH C 3 .   ? -15.301 8.607   -0.503  1.00 21.10 ? 150 HOH A O    1 
HETATM 1232 H  H1   . HOH C 3 .   ? -15.063 9.265   0.158   1.00 10.00 ? 150 HOH A H1   1 
HETATM 1233 H  H2   . HOH C 3 .   ? -16.047 8.153   -0.084  1.00 10.00 ? 150 HOH A H2   1 
HETATM 1234 O  O    . HOH C 3 .   ? 10.303  -9.578  -12.532 1.00 43.39 ? 151 HOH A O    1 
HETATM 1235 H  H1   . HOH C 3 .   ? 10.324  -8.709  -12.984 1.00 10.00 ? 151 HOH A H1   1 
HETATM 1236 H  H2   . HOH C 3 .   ? 10.797  -9.379  -11.736 1.00 10.00 ? 151 HOH A H2   1 
HETATM 1237 O  O    . HOH C 3 .   ? -8.179  1.746   14.916  1.00 31.31 ? 152 HOH A O    1 
HETATM 1238 H  H1   . HOH C 3 .   ? -7.288  1.548   15.224  1.00 10.00 ? 152 HOH A H1   1 
HETATM 1239 H  H2   . HOH C 3 .   ? -8.139  2.683   14.711  1.00 10.00 ? 152 HOH A H2   1 
HETATM 1240 O  O    . HOH C 3 .   ? -2.228  1.847   11.689  1.00 45.48 ? 153 HOH A O    1 
HETATM 1241 H  H1   . HOH C 3 .   ? -2.277  1.783   12.653  1.00 10.00 ? 153 HOH A H1   1 
HETATM 1242 H  H2   . HOH C 3 .   ? -3.158  1.759   11.445  1.00 10.00 ? 153 HOH A H2   1 
HETATM 1243 O  O    . HOH C 3 .   ? -1.708  -1.457  10.204  1.00 24.48 ? 154 HOH A O    1 
HETATM 1244 H  H1   . HOH C 3 .   ? -2.283  -2.184  9.934   1.00 10.00 ? 154 HOH A H1   1 
HETATM 1245 H  H2   . HOH C 3 .   ? -0.992  -1.490  9.563   1.00 10.00 ? 154 HOH A H2   1 
HETATM 1246 O  O    . HOH C 3 .   ? 11.895  -12.916 2.070   1.00 65.21 ? 155 HOH A O    1 
HETATM 1247 H  H1   . HOH C 3 .   ? 11.538  -12.377 1.357   1.00 10.00 ? 155 HOH A H1   1 
HETATM 1248 H  H2   . HOH C 3 .   ? 11.968  -12.271 2.779   1.00 10.00 ? 155 HOH A H2   1 
HETATM 1249 O  O    . HOH C 3 .   ? 7.274   6.583   6.170   1.00 43.86 ? 156 HOH A O    1 
HETATM 1250 H  H1   . HOH C 3 .   ? 6.737   6.865   5.427   1.00 10.00 ? 156 HOH A H1   1 
HETATM 1251 H  H2   . HOH C 3 .   ? 8.078   6.310   5.706   1.00 10.00 ? 156 HOH A H2   1 
HETATM 1252 O  O    . HOH C 3 .   ? 10.210  -13.840 -11.098 1.00 32.05 ? 157 HOH A O    1 
HETATM 1253 H  H1   . HOH C 3 .   ? 10.468  -14.617 -10.581 1.00 10.00 ? 157 HOH A H1   1 
HETATM 1254 H  H2   . HOH C 3 .   ? 11.038  -13.332 -11.115 1.00 10.00 ? 157 HOH A H2   1 
HETATM 1255 O  O    . HOH C 3 .   ? 3.302   4.853   -12.029 1.00 51.29 ? 158 HOH A O    1 
HETATM 1256 H  H1   . HOH C 3 .   ? 3.889   4.991   -12.804 1.00 10.00 ? 158 HOH A H1   1 
HETATM 1257 H  H2   . HOH C 3 .   ? 3.169   3.907   -12.109 1.00 10.00 ? 158 HOH A H2   1 
HETATM 1258 O  O    . HOH C 3 .   ? -7.137  -10.270 3.209   1.00 42.87 ? 159 HOH A O    1 
HETATM 1259 H  H1   . HOH C 3 .   ? -6.583  -9.903  3.934   1.00 10.00 ? 159 HOH A H1   1 
HETATM 1260 H  H2   . HOH C 3 .   ? -6.849  -11.184 3.205   1.00 10.00 ? 159 HOH A H2   1 
HETATM 1261 O  O    . HOH C 3 .   ? -21.096 -2.017  4.114   1.00 40.23 ? 160 HOH A O    1 
HETATM 1262 H  H1   . HOH C 3 .   ? -22.011 -2.208  4.328   1.00 10.00 ? 160 HOH A H1   1 
HETATM 1263 H  H2   . HOH C 3 .   ? -20.665 -2.871  4.222   1.00 10.00 ? 160 HOH A H2   1 
HETATM 1264 O  O    . HOH C 3 .   ? -25.776 4.256   3.307   1.00 37.56 ? 161 HOH A O    1 
HETATM 1265 H  H1   . HOH C 3 .   ? -24.961 4.395   3.810   1.00 10.00 ? 161 HOH A H1   1 
HETATM 1266 H  H2   . HOH C 3 .   ? -25.936 3.310   3.461   1.00 10.00 ? 161 HOH A H2   1 
HETATM 1267 O  O    . HOH C 3 .   ? 6.842   2.023   8.111   1.00 45.74 ? 162 HOH A O    1 
HETATM 1268 H  H1   . HOH C 3 .   ? 7.330   2.606   7.526   1.00 10.00 ? 162 HOH A H1   1 
HETATM 1269 H  H2   . HOH C 3 .   ? 6.087   2.552   8.377   1.00 10.00 ? 162 HOH A H2   1 
HETATM 1270 O  O    . HOH C 3 .   ? 8.161   -15.093 -2.024  1.00 44.64 ? 163 HOH A O    1 
HETATM 1271 H  H1   . HOH C 3 .   ? 7.440   -14.473 -1.856  1.00 10.00 ? 163 HOH A H1   1 
HETATM 1272 H  H2   . HOH C 3 .   ? 7.703   -15.796 -2.514  1.00 10.00 ? 163 HOH A H2   1 
HETATM 1273 O  O    . HOH C 3 .   ? 2.587   -5.209  -6.428  1.00 36.44 ? 164 HOH A O    1 
HETATM 1274 H  H1   . HOH C 3 .   ? 2.825   -6.033  -5.977  1.00 10.00 ? 164 HOH A H1   1 
HETATM 1275 H  H2   . HOH C 3 .   ? 3.432   -4.880  -6.750  1.00 10.00 ? 164 HOH A H2   1 
HETATM 1276 O  O    . HOH C 3 .   ? -8.377  3.158   -6.874  1.00 28.41 ? 165 HOH A O    1 
HETATM 1277 H  H1   . HOH C 3 .   ? -8.469  4.063   -7.216  1.00 10.00 ? 165 HOH A H1   1 
HETATM 1278 H  H2   . HOH C 3 .   ? -8.030  3.386   -6.002  1.00 10.00 ? 165 HOH A H2   1 
HETATM 1279 O  O    . HOH C 3 .   ? -7.272  -9.058  0.408   1.00 29.99 ? 166 HOH A O    1 
HETATM 1280 H  H1   . HOH C 3 .   ? -7.301  -9.448  1.307   1.00 10.00 ? 166 HOH A H1   1 
HETATM 1281 H  H2   . HOH C 3 .   ? -6.803  -8.232  0.563   1.00 10.00 ? 166 HOH A H2   1 
HETATM 1282 O  O    . HOH C 3 .   ? 7.081   -15.446 -10.727 1.00 27.01 ? 167 HOH A O    1 
HETATM 1283 H  H1   . HOH C 3 .   ? 6.579   -15.615 -9.905  1.00 10.00 ? 167 HOH A H1   1 
HETATM 1284 H  H2   . HOH C 3 .   ? 7.851   -16.007 -10.583 1.00 10.00 ? 167 HOH A H2   1 
HETATM 1285 O  O    . HOH C 3 .   ? 4.327   -4.148  7.712   1.00 27.34 ? 168 HOH A O    1 
HETATM 1286 H  H1   . HOH C 3 .   ? 4.868   -4.899  8.047   1.00 10.00 ? 168 HOH A H1   1 
HETATM 1287 H  H2   . HOH C 3 .   ? 3.597   -4.619  7.309   1.00 10.00 ? 168 HOH A H2   1 
HETATM 1288 O  O    . HOH C 3 .   ? -14.616 1.286   12.618  1.00 54.49 ? 169 HOH A O    1 
HETATM 1289 H  H1   . HOH C 3 .   ? -15.529 0.988   12.592  1.00 10.00 ? 169 HOH A H1   1 
HETATM 1290 H  H2   . HOH C 3 .   ? -14.480 1.582   13.524  1.00 10.00 ? 169 HOH A H2   1 
HETATM 1291 O  O    . HOH C 3 .   ? -0.047  9.663   -4.040  1.00 40.67 ? 170 HOH A O    1 
HETATM 1292 H  H1   . HOH C 3 .   ? 0.177   8.878   -3.523  1.00 10.00 ? 170 HOH A H1   1 
HETATM 1293 H  H2   . HOH C 3 .   ? -0.754  9.320   -4.635  1.00 10.00 ? 170 HOH A H2   1 
HETATM 1294 O  O    . HOH C 3 .   ? 4.590   8.393   -7.107  1.00 49.62 ? 171 HOH A O    1 
HETATM 1295 H  H1   . HOH C 3 .   ? 4.365   8.097   -8.001  1.00 10.00 ? 171 HOH A H1   1 
HETATM 1296 H  H2   . HOH C 3 .   ? 5.190   7.713   -6.790  1.00 10.00 ? 171 HOH A H2   1 
HETATM 1297 O  O    . HOH C 3 .   ? 16.180  -11.449 -7.999  1.00 40.03 ? 172 HOH A O    1 
HETATM 1298 H  H1   . HOH C 3 .   ? 16.801  -12.118 -7.701  1.00 10.00 ? 172 HOH A H1   1 
HETATM 1299 H  H2   . HOH C 3 .   ? 15.724  -11.174 -7.196  1.00 10.00 ? 172 HOH A H2   1 
HETATM 1300 O  O    . HOH C 3 .   ? -11.432 9.636   -5.158  1.00 31.33 ? 173 HOH A O    1 
HETATM 1301 H  H1   . HOH C 3 .   ? -10.657 9.953   -4.671  1.00 10.00 ? 173 HOH A H1   1 
HETATM 1302 H  H2   . HOH C 3 .   ? -11.747 8.928   -4.588  1.00 10.00 ? 173 HOH A H2   1 
HETATM 1303 O  O    . HOH C 3 .   ? 16.135  -10.869 -1.244  1.00 24.57 ? 174 HOH A O    1 
HETATM 1304 H  H1   . HOH C 3 .   ? 16.119  -11.618 -0.642  1.00 10.00 ? 174 HOH A H1   1 
HETATM 1305 H  H2   . HOH C 3 .   ? 16.774  -10.278 -0.782  1.00 10.00 ? 174 HOH A H2   1 
HETATM 1306 O  O    . HOH C 3 .   ? -1.365  10.232  8.611   1.00 45.16 ? 175 HOH A O    1 
HETATM 1307 H  H1   . HOH C 3 .   ? -1.893  10.986  8.288   1.00 10.00 ? 175 HOH A H1   1 
HETATM 1308 H  H2   . HOH C 3 .   ? -1.769  9.522   8.115   1.00 10.00 ? 175 HOH A H2   1 
HETATM 1309 O  O    . HOH C 3 .   ? 2.083   -2.974  -4.607  1.00 57.06 ? 176 HOH A O    1 
HETATM 1310 H  H1   . HOH C 3 .   ? 2.089   -3.720  -5.232  1.00 10.00 ? 176 HOH A H1   1 
HETATM 1311 H  H2   . HOH C 3 .   ? 2.344   -3.396  -3.784  1.00 10.00 ? 176 HOH A H2   1 
HETATM 1312 O  O    . HOH C 3 .   ? 4.219   11.034  -0.535  1.00 42.63 ? 177 HOH A O    1 
HETATM 1313 H  H1   . HOH C 3 .   ? 4.117   11.721  -1.203  1.00 10.00 ? 177 HOH A H1   1 
HETATM 1314 H  H2   . HOH C 3 .   ? 3.970   10.235  -1.014  1.00 10.00 ? 177 HOH A H2   1 
HETATM 1315 O  O    . HOH C 3 .   ? 6.079   -14.189 5.701   1.00 53.93 ? 178 HOH A O    1 
HETATM 1316 H  H1   . HOH C 3 .   ? 6.940   -14.372 5.320   1.00 10.00 ? 178 HOH A H1   1 
HETATM 1317 H  H2   . HOH C 3 .   ? 5.526   -14.045 4.913   1.00 10.00 ? 178 HOH A H2   1 
HETATM 1318 O  O    . HOH C 3 .   ? -13.209 -6.553  13.919  1.00 52.34 ? 179 HOH A O    1 
HETATM 1319 H  H1   . HOH C 3 .   ? -13.080 -5.949  13.179  1.00 10.00 ? 179 HOH A H1   1 
HETATM 1320 H  H2   . HOH C 3 .   ? -12.312 -6.523  14.283  1.00 10.00 ? 179 HOH A H2   1 
HETATM 1321 O  O    . HOH C 3 .   ? -11.433 -8.043  9.594   1.00 37.74 ? 180 HOH A O    1 
HETATM 1322 H  H1   . HOH C 3 .   ? -11.900 -8.874  9.470   1.00 10.00 ? 180 HOH A H1   1 
HETATM 1323 H  H2   . HOH C 3 .   ? -11.574 -7.564  8.772   1.00 10.00 ? 180 HOH A H2   1 
HETATM 1324 O  O    . HOH C 3 .   ? -15.494 -3.804  13.431  1.00 34.91 ? 181 HOH A O    1 
HETATM 1325 H  H1   . HOH C 3 .   ? -15.509 -4.724  13.708  1.00 10.00 ? 181 HOH A H1   1 
HETATM 1326 H  H2   . HOH C 3 .   ? -15.895 -3.833  12.555  1.00 10.00 ? 181 HOH A H2   1 
HETATM 1327 O  O    . HOH C 3 .   ? -0.772  -5.862  -7.896  1.00 55.11 ? 182 HOH A O    1 
HETATM 1328 H  H1   . HOH C 3 .   ? -0.654  -6.803  -8.074  1.00 10.00 ? 182 HOH A H1   1 
HETATM 1329 H  H2   . HOH C 3 .   ? 0.133   -5.535  -7.835  1.00 10.00 ? 182 HOH A H2   1 
HETATM 1330 O  O    . HOH C 3 .   ? -20.177 -0.496  15.424  1.00 40.88 ? 183 HOH A O    1 
HETATM 1331 H  H1   . HOH C 3 .   ? -19.357 -0.924  15.175  1.00 10.00 ? 183 HOH A H1   1 
HETATM 1332 H  H2   . HOH C 3 .   ? -20.852 -1.164  15.309  1.00 10.00 ? 183 HOH A H2   1 
HETATM 1333 O  O    . HOH C 3 .   ? -21.734 -0.135  12.692  1.00 39.89 ? 184 HOH A O    1 
HETATM 1334 H  H1   . HOH C 3 .   ? -22.257 -0.720  12.099  1.00 10.00 ? 184 HOH A H1   1 
HETATM 1335 H  H2   . HOH C 3 .   ? -22.427 0.305   13.195  1.00 10.00 ? 184 HOH A H2   1 
HETATM 1336 O  O    . HOH C 3 .   ? -23.034 -1.832  11.047  1.00 37.54 ? 185 HOH A O    1 
HETATM 1337 H  H1   . HOH C 3 .   ? -23.597 -1.275  10.485  1.00 10.00 ? 185 HOH A H1   1 
HETATM 1338 H  H2   . HOH C 3 .   ? -23.702 -2.347  11.535  1.00 10.00 ? 185 HOH A H2   1 
HETATM 1339 O  O    . HOH C 3 .   ? 11.524  -18.282 -7.699  1.00 70.21 ? 186 HOH A O    1 
HETATM 1340 H  H1   . HOH C 3 .   ? 12.365  -18.249 -7.232  1.00 10.00 ? 186 HOH A H1   1 
HETATM 1341 H  H2   . HOH C 3 .   ? 11.439  -17.381 -8.043  1.00 10.00 ? 186 HOH A H2   1 
HETATM 1342 O  O    . HOH C 3 .   ? 10.183  -5.896  6.829   1.00 62.83 ? 187 HOH A O    1 
HETATM 1343 H  H1   . HOH C 3 .   ? 10.483  -4.995  6.671   1.00 10.00 ? 187 HOH A H1   1 
HETATM 1344 H  H2   . HOH C 3 .   ? 10.711  -6.387  6.176   1.00 10.00 ? 187 HOH A H2   1 
HETATM 1345 O  O    . HOH C 3 .   ? -14.718 0.534   -3.633  1.00 27.44 ? 188 HOH A O    1 
HETATM 1346 H  H1   . HOH C 3 .   ? -15.338 1.085   -3.127  1.00 10.00 ? 188 HOH A H1   1 
HETATM 1347 H  H2   . HOH C 3 .   ? -13.998 1.162   -3.850  1.00 10.00 ? 188 HOH A H2   1 
HETATM 1348 O  O    . HOH C 3 .   ? 16.764  -7.186  -9.820  1.00 43.27 ? 189 HOH A O    1 
HETATM 1349 H  H1   . HOH C 3 .   ? 16.205  -7.749  -9.271  1.00 10.00 ? 189 HOH A H1   1 
HETATM 1350 H  H2   . HOH C 3 .   ? 17.343  -7.828  -10.244 1.00 10.00 ? 189 HOH A H2   1 
HETATM 1351 O  O    . HOH C 3 .   ? 16.097  6.573   -2.849  1.00 42.76 ? 190 HOH A O    1 
HETATM 1352 H  H1   . HOH C 3 .   ? 16.137  5.651   -2.565  1.00 10.00 ? 190 HOH A H1   1 
HETATM 1353 H  H2   . HOH C 3 .   ? 15.210  6.818   -2.580  1.00 10.00 ? 190 HOH A H2   1 
HETATM 1354 O  O    . HOH C 3 .   ? 16.722  -0.748  -14.078 1.00 38.67 ? 191 HOH A O    1 
HETATM 1355 H  H1   . HOH C 3 .   ? 17.595  -0.827  -13.673 1.00 10.00 ? 191 HOH A H1   1 
HETATM 1356 H  H2   . HOH C 3 .   ? 16.362  -1.627  -13.856 1.00 10.00 ? 191 HOH A H2   1 
HETATM 1357 O  O    . HOH C 3 .   ? 3.832   6.618   -10.105 1.00 42.42 ? 192 HOH A O    1 
HETATM 1358 H  H1   . HOH C 3 .   ? 3.481   5.956   -9.515  1.00 10.00 ? 192 HOH A H1   1 
HETATM 1359 H  H2   . HOH C 3 .   ? 3.686   6.155   -10.959 1.00 10.00 ? 192 HOH A H2   1 
HETATM 1360 O  O    . HOH C 3 .   ? -3.633  9.018   -9.163  1.00 57.10 ? 193 HOH A O    1 
HETATM 1361 H  H1   . HOH C 3 .   ? -4.038  8.147   -9.207  1.00 10.00 ? 193 HOH A H1   1 
HETATM 1362 H  H2   . HOH C 3 .   ? -3.240  9.141   -10.039 1.00 10.00 ? 193 HOH A H2   1 
HETATM 1363 O  O    . HOH C 3 .   ? -17.951 2.134   -3.110  1.00 50.29 ? 194 HOH A O    1 
HETATM 1364 H  H1   . HOH C 3 .   ? -18.659 2.062   -2.451  1.00 10.00 ? 194 HOH A H1   1 
HETATM 1365 H  H2   . HOH C 3 .   ? -18.301 1.588   -3.820  1.00 10.00 ? 194 HOH A H2   1 
HETATM 1366 O  O    . HOH C 3 .   ? 2.826   10.302  -4.422  1.00 36.30 ? 195 HOH A O    1 
HETATM 1367 H  H1   . HOH C 3 .   ? 1.897   10.133  -4.180  1.00 10.00 ? 195 HOH A H1   1 
HETATM 1368 H  H2   . HOH C 3 .   ? 2.985   9.627   -5.093  1.00 10.00 ? 195 HOH A H2   1 
HETATM 1369 O  O    . HOH C 3 .   ? 0.943   4.037   8.542   1.00 46.56 ? 196 HOH A O    1 
HETATM 1370 H  H1   . HOH C 3 .   ? 0.586   3.370   9.169   1.00 10.00 ? 196 HOH A H1   1 
HETATM 1371 H  H2   . HOH C 3 .   ? 0.203   4.625   8.382   1.00 10.00 ? 196 HOH A H2   1 
HETATM 1372 O  O    . HOH C 3 .   ? -7.851  10.387  11.604  1.00 32.58 ? 197 HOH A O    1 
HETATM 1373 H  H1   . HOH C 3 .   ? -7.877  9.705   10.926  1.00 10.00 ? 197 HOH A H1   1 
HETATM 1374 H  H2   . HOH C 3 .   ? -7.946  11.201  11.105  1.00 10.00 ? 197 HOH A H2   1 
HETATM 1375 O  O    . HOH C 3 .   ? -4.100  -11.635 -5.058  1.00 39.18 ? 198 HOH A O    1 
HETATM 1376 H  H1   . HOH C 3 .   ? -3.729  -10.893 -4.578  1.00 10.00 ? 198 HOH A H1   1 
HETATM 1377 H  H2   . HOH C 3 .   ? -4.967  -11.773 -4.670  1.00 10.00 ? 198 HOH A H2   1 
HETATM 1378 O  O    . HOH C 3 .   ? -8.498  -10.312 -1.558  1.00 33.47 ? 199 HOH A O    1 
HETATM 1379 H  H1   . HOH C 3 .   ? -8.921  -9.530  -1.907  1.00 10.00 ? 199 HOH A H1   1 
HETATM 1380 H  H2   . HOH C 3 .   ? -8.000  -9.920  -0.802  1.00 10.00 ? 199 HOH A H2   1 
HETATM 1381 O  O    . HOH C 3 .   ? -2.359  -11.521 -9.310  1.00 53.24 ? 200 HOH A O    1 
HETATM 1382 H  H1   . HOH C 3 .   ? -1.416  -11.659 -9.531  1.00 10.00 ? 200 HOH A H1   1 
HETATM 1383 H  H2   . HOH C 3 .   ? -2.354  -10.669 -8.873  1.00 10.00 ? 200 HOH A H2   1 
HETATM 1384 O  O    . HOH C 3 .   ? -2.844  -10.247 9.597   1.00 39.90 ? 201 HOH A O    1 
HETATM 1385 H  H1   . HOH C 3 .   ? -2.377  -9.420  9.785   1.00 10.00 ? 201 HOH A H1   1 
HETATM 1386 H  H2   . HOH C 3 .   ? -2.303  -10.597 8.868   1.00 10.00 ? 201 HOH A H2   1 
HETATM 1387 O  O    . HOH C 3 .   ? -22.163 8.456   11.482  1.00 60.90 ? 202 HOH A O    1 
HETATM 1388 H  H1   . HOH C 3 .   ? -22.170 8.412   12.447  1.00 10.00 ? 202 HOH A H1   1 
HETATM 1389 H  H2   . HOH C 3 .   ? -22.711 9.240   11.347  1.00 10.00 ? 202 HOH A H2   1 
HETATM 1390 O  O    . HOH C 3 .   ? 18.102  -7.151  -1.941  1.00 24.70 ? 203 HOH A O    1 
HETATM 1391 H  H1   . HOH C 3 .   ? 18.051  -6.315  -1.463  1.00 10.00 ? 203 HOH A H1   1 
HETATM 1392 H  H2   . HOH C 3 .   ? 19.045  -7.228  -2.122  1.00 10.00 ? 203 HOH A H2   1 
HETATM 1393 O  O    . HOH C 3 .   ? -10.728 -5.057  3.346   1.00 18.27 ? 204 HOH A O    1 
HETATM 1394 H  H1   . HOH C 3 .   ? -10.703 -4.409  2.634   1.00 10.00 ? 204 HOH A H1   1 
HETATM 1395 H  H2   . HOH C 3 .   ? -10.233 -4.594  4.034   1.00 10.00 ? 204 HOH A H2   1 
HETATM 1396 O  O    . HOH C 3 .   ? -13.046 -5.414  -2.655  1.00 18.82 ? 205 HOH A O    1 
HETATM 1397 H  H1   . HOH C 3 .   ? -12.355 -5.484  -1.988  1.00 10.00 ? 205 HOH A H1   1 
HETATM 1398 H  H2   . HOH C 3 .   ? -13.312 -6.337  -2.718  1.00 10.00 ? 205 HOH A H2   1 
HETATM 1399 O  O    . HOH C 3 .   ? -23.104 11.094  6.923   1.00 34.63 ? 206 HOH A O    1 
HETATM 1400 H  H1   . HOH C 3 .   ? -24.004 11.316  7.179   1.00 10.00 ? 206 HOH A H1   1 
HETATM 1401 H  H2   . HOH C 3 .   ? -23.155 10.115  6.871   1.00 10.00 ? 206 HOH A H2   1 
HETATM 1402 O  O    . HOH C 3 .   ? -22.307 -4.640  8.287   1.00 56.41 ? 207 HOH A O    1 
HETATM 1403 H  H1   . HOH C 3 .   ? -22.049 -4.664  7.352   1.00 10.00 ? 207 HOH A H1   1 
HETATM 1404 H  H2   . HOH C 3 .   ? -23.243 -4.907  8.231   1.00 10.00 ? 207 HOH A H2   1 
HETATM 1405 O  O    . HOH C 3 .   ? -12.998 -5.395  16.488  1.00 57.34 ? 208 HOH A O    1 
HETATM 1406 H  H1   . HOH C 3 .   ? -13.341 -5.975  15.789  1.00 10.00 ? 208 HOH A H1   1 
HETATM 1407 H  H2   . HOH C 3 .   ? -13.462 -4.576  16.297  1.00 10.00 ? 208 HOH A H2   1 
HETATM 1408 O  O    . HOH C 3 .   ? -5.364  -9.298  9.454   1.00 48.71 ? 209 HOH A O    1 
HETATM 1409 H  H1   . HOH C 3 .   ? -4.432  -9.615  9.445   1.00 10.00 ? 209 HOH A H1   1 
HETATM 1410 H  H2   . HOH C 3 .   ? -5.789  -9.978  9.975   1.00 10.00 ? 209 HOH A H2   1 
HETATM 1411 O  O    . HOH C 3 .   ? -2.641  -10.929 3.961   1.00 43.97 ? 210 HOH A O    1 
HETATM 1412 H  H1   . HOH C 3 .   ? -2.523  -11.876 3.843   1.00 10.00 ? 210 HOH A H1   1 
HETATM 1413 H  H2   . HOH C 3 .   ? -2.662  -10.623 3.046   1.00 10.00 ? 210 HOH A H2   1 
HETATM 1414 O  O    . HOH C 3 .   ? 0.184   -12.149 -9.881  1.00 37.25 ? 211 HOH A O    1 
HETATM 1415 H  H1   . HOH C 3 .   ? 0.669   -12.706 -9.256  1.00 10.00 ? 211 HOH A H1   1 
HETATM 1416 H  H2   . HOH C 3 .   ? 0.701   -12.253 -10.684 1.00 10.00 ? 211 HOH A H2   1 
HETATM 1417 O  O    . HOH C 3 .   ? 8.481   -4.216  -14.166 1.00 61.58 ? 212 HOH A O    1 
HETATM 1418 H  H1   . HOH C 3 .   ? 7.862   -3.740  -14.756 1.00 10.00 ? 212 HOH A H1   1 
HETATM 1419 H  H2   . HOH C 3 .   ? 8.170   -3.916  -13.299 1.00 10.00 ? 212 HOH A H2   1 
HETATM 1420 O  O    . HOH C 3 .   ? 1.493   -16.086 -14.334 1.00 69.87 ? 213 HOH A O    1 
HETATM 1421 H  H1   . HOH C 3 .   ? 1.970   -15.702 -15.078 1.00 10.00 ? 213 HOH A H1   1 
HETATM 1422 H  H2   . HOH C 3 .   ? 0.649   -15.630 -14.339 1.00 10.00 ? 213 HOH A H2   1 
HETATM 1423 O  O    . HOH C 3 .   ? 17.914  -9.187  0.030   1.00 41.38 ? 214 HOH A O    1 
HETATM 1424 H  H1   . HOH C 3 .   ? 17.971  -8.460  -0.620  1.00 10.00 ? 214 HOH A H1   1 
HETATM 1425 H  H2   . HOH C 3 .   ? 18.701  -9.040  0.565   1.00 10.00 ? 214 HOH A H2   1 
HETATM 1426 O  O    . HOH C 3 .   ? 13.274  -15.553 -3.391  1.00 44.47 ? 215 HOH A O    1 
HETATM 1427 H  H1   . HOH C 3 .   ? 13.338  -15.132 -2.528  1.00 10.00 ? 215 HOH A H1   1 
HETATM 1428 H  H2   . HOH C 3 .   ? 13.167  -16.483 -3.169  1.00 10.00 ? 215 HOH A H2   1 
HETATM 1429 O  O    . HOH C 3 .   ? 19.484  -0.721  1.514   1.00 48.87 ? 216 HOH A O    1 
HETATM 1430 H  H1   . HOH C 3 .   ? 19.148  -0.406  2.359   1.00 10.00 ? 216 HOH A H1   1 
HETATM 1431 H  H2   . HOH C 3 .   ? 18.669  -0.919  1.030   1.00 10.00 ? 216 HOH A H2   1 
HETATM 1432 O  O    . HOH C 3 .   ? 3.483   -12.442 6.281   1.00 38.32 ? 217 HOH A O    1 
HETATM 1433 H  H1   . HOH C 3 .   ? 4.335   -12.878 6.445   1.00 10.00 ? 217 HOH A H1   1 
HETATM 1434 H  H2   . HOH C 3 .   ? 3.076   -12.461 7.152   1.00 10.00 ? 217 HOH A H2   1 
HETATM 1435 O  O    . HOH C 3 .   ? -8.061  -6.401  -8.367  1.00 42.09 ? 218 HOH A O    1 
HETATM 1436 H  H1   . HOH C 3 .   ? -7.820  -7.084  -7.725  1.00 10.00 ? 218 HOH A H1   1 
HETATM 1437 H  H2   . HOH C 3 .   ? -8.090  -6.894  -9.195  1.00 10.00 ? 218 HOH A H2   1 
HETATM 1438 O  O    . HOH C 3 .   ? -19.360 -6.106  9.087   1.00 37.20 ? 219 HOH A O    1 
HETATM 1439 H  H1   . HOH C 3 .   ? -18.888 -6.298  8.271   1.00 10.00 ? 219 HOH A H1   1 
HETATM 1440 H  H2   . HOH C 3 .   ? -20.202 -5.738  8.788   1.00 10.00 ? 219 HOH A H2   1 
HETATM 1441 O  O    . HOH C 3 .   ? -0.288  -13.128 1.287   1.00 50.51 ? 220 HOH A O    1 
HETATM 1442 H  H1   . HOH C 3 .   ? -0.799  -12.307 1.134   1.00 10.00 ? 220 HOH A H1   1 
HETATM 1443 H  H2   . HOH C 3 .   ? 0.505   -12.816 1.726   1.00 10.00 ? 220 HOH A H2   1 
HETATM 1444 O  O    . HOH C 3 .   ? -2.313  3.930   15.984  1.00 53.23 ? 221 HOH A O    1 
HETATM 1445 H  H1   . HOH C 3 .   ? -2.375  3.303   15.256  1.00 10.00 ? 221 HOH A H1   1 
HETATM 1446 H  H2   . HOH C 3 .   ? -1.447  3.744   16.348  1.00 10.00 ? 221 HOH A H2   1 
HETATM 1447 O  O    . HOH C 3 .   ? -4.234  2.716   3.524   1.00 51.93 ? 222 HOH A O    1 
HETATM 1448 H  H1   . HOH C 3 .   ? -4.383  3.595   3.159   1.00 10.00 ? 222 HOH A H1   1 
HETATM 1449 H  H2   . HOH C 3 .   ? -3.306  2.542   3.353   1.00 10.00 ? 222 HOH A H2   1 
HETATM 1450 O  O    . HOH C 3 .   ? -9.715  -4.473  -7.390  1.00 62.44 ? 223 HOH A O    1 
HETATM 1451 H  H1   . HOH C 3 .   ? -10.578 -4.889  -7.461  1.00 10.00 ? 223 HOH A H1   1 
HETATM 1452 H  H2   . HOH C 3 .   ? -9.142  -5.167  -7.788  1.00 10.00 ? 223 HOH A H2   1 
HETATM 1453 O  O    . HOH C 3 .   ? 7.903   -6.988  7.637   1.00 56.45 ? 224 HOH A O    1 
HETATM 1454 H  H1   . HOH C 3 .   ? 8.285   -6.575  8.419   1.00 10.00 ? 224 HOH A H1   1 
HETATM 1455 H  H2   . HOH C 3 .   ? 8.642   -6.793  7.022   1.00 10.00 ? 224 HOH A H2   1 
HETATM 1456 O  O    . HOH C 3 .   ? -15.104 7.406   -2.955  1.00 53.89 ? 225 HOH A O    1 
HETATM 1457 H  H1   . HOH C 3 .   ? -15.170 7.742   -2.032  1.00 10.00 ? 225 HOH A H1   1 
HETATM 1458 H  H2   . HOH C 3 .   ? -14.993 8.227   -3.434  1.00 10.00 ? 225 HOH A H2   1 
HETATM 1459 O  O    . HOH C 3 .   ? -21.188 12.236  5.126   1.00 41.38 ? 226 HOH A O    1 
HETATM 1460 H  H1   . HOH C 3 .   ? -21.868 12.011  5.794   1.00 10.00 ? 226 HOH A H1   1 
HETATM 1461 H  H2   . HOH C 3 .   ? -21.090 11.403  4.666   1.00 10.00 ? 226 HOH A H2   1 
HETATM 1462 O  O    . HOH C 3 .   ? -24.633 0.662   5.117   1.00 36.29 ? 227 HOH A O    1 
HETATM 1463 H  H1   . HOH C 3 .   ? -24.256 -0.182  4.827   1.00 10.00 ? 227 HOH A H1   1 
HETATM 1464 H  H2   . HOH C 3 .   ? -25.139 0.865   4.319   1.00 10.00 ? 227 HOH A H2   1 
HETATM 1465 O  O    . HOH C 3 .   ? 0.055   2.113   10.261  1.00 43.97 ? 228 HOH A O    1 
HETATM 1466 H  H1   . HOH C 3 .   ? -0.808  2.123   10.739  1.00 10.00 ? 228 HOH A H1   1 
HETATM 1467 H  H2   . HOH C 3 .   ? 0.350   1.227   10.482  1.00 10.00 ? 228 HOH A H2   1 
HETATM 1468 O  O    . HOH C 3 .   ? 4.489   -12.871 12.535  1.00 51.86 ? 229 HOH A O    1 
HETATM 1469 H  H1   . HOH C 3 .   ? 5.160   -13.520 12.752  1.00 10.00 ? 229 HOH A H1   1 
HETATM 1470 H  H2   . HOH C 3 .   ? 3.767   -13.163 13.118  1.00 10.00 ? 229 HOH A H2   1 
HETATM 1471 O  O    . HOH C 3 .   ? -9.814  -1.309  -5.443  1.00 46.56 ? 230 HOH A O    1 
HETATM 1472 H  H1   . HOH C 3 .   ? -9.928  -0.330  -5.372  1.00 10.00 ? 230 HOH A H1   1 
HETATM 1473 H  H2   . HOH C 3 .   ? -9.572  -1.544  -4.537  1.00 10.00 ? 230 HOH A H2   1 
HETATM 1474 O  O    . HOH C 3 .   ? -7.817  1.614   -8.914  1.00 57.80 ? 231 HOH A O    1 
HETATM 1475 H  H1   . HOH C 3 .   ? -8.069  2.205   -8.171  1.00 10.00 ? 231 HOH A H1   1 
HETATM 1476 H  H2   . HOH C 3 .   ? -8.064  2.133   -9.683  1.00 10.00 ? 231 HOH A H2   1 
HETATM 1477 O  O    . HOH C 3 .   ? -5.236  -4.399  -8.619  1.00 52.00 ? 232 HOH A O    1 
HETATM 1478 H  H1   . HOH C 3 .   ? -5.941  -5.045  -8.748  1.00 10.00 ? 232 HOH A H1   1 
HETATM 1479 H  H2   . HOH C 3 .   ? -4.582  -4.684  -9.270  1.00 10.00 ? 232 HOH A H2   1 
HETATM 1480 O  O    . HOH C 3 .   ? -24.882 2.942   0.710   1.00 51.64 ? 233 HOH A O    1 
HETATM 1481 H  H1   . HOH C 3 .   ? -24.494 3.728   0.321   1.00 10.00 ? 233 HOH A H1   1 
HETATM 1482 H  H2   . HOH C 3 .   ? -25.384 3.311   1.449   1.00 10.00 ? 233 HOH A H2   1 
HETATM 1483 O  O    . HOH C 3 .   ? -2.938  11.997  7.224   1.00 49.46 ? 234 HOH A O    1 
HETATM 1484 H  H1   . HOH C 3 .   ? -3.541  11.719  6.502   1.00 10.00 ? 234 HOH A H1   1 
HETATM 1485 H  H2   . HOH C 3 .   ? -2.261  12.475  6.728   1.00 10.00 ? 234 HOH A H2   1 
HETATM 1486 O  O    . HOH C 3 .   ? -9.502  8.836   16.730  1.00 53.92 ? 235 HOH A O    1 
HETATM 1487 H  H1   . HOH C 3 .   ? -9.191  9.386   16.011  1.00 10.00 ? 235 HOH A H1   1 
HETATM 1488 H  H2   . HOH C 3 .   ? -10.048 8.191   16.272  1.00 10.00 ? 235 HOH A H2   1 
HETATM 1489 O  O    . HOH C 3 .   ? -16.727 13.113  3.424   1.00 41.59 ? 236 HOH A O    1 
HETATM 1490 H  H1   . HOH C 3 .   ? -17.545 13.658  3.441   1.00 10.00 ? 236 HOH A H1   1 
HETATM 1491 H  H2   . HOH C 3 .   ? -16.771 12.665  4.267   1.00 10.00 ? 236 HOH A H2   1 
HETATM 1492 O  O    . HOH C 3 .   ? 20.865  -5.922  0.941   1.00 63.60 ? 237 HOH A O    1 
HETATM 1493 H  H1   . HOH C 3 .   ? 21.456  -5.163  0.922   1.00 10.00 ? 237 HOH A H1   1 
HETATM 1494 H  H2   . HOH C 3 .   ? 21.108  -6.359  1.765   1.00 10.00 ? 237 HOH A H2   1 
HETATM 1495 O  O    . HOH C 3 .   ? -2.027  9.095   -5.644  1.00 46.00 ? 238 HOH A O    1 
HETATM 1496 H  H1   . HOH C 3 .   ? -2.532  8.599   -6.303  1.00 10.00 ? 238 HOH A H1   1 
HETATM 1497 H  H2   . HOH C 3 .   ? -2.318  9.994   -5.851  1.00 10.00 ? 238 HOH A H2   1 
HETATM 1498 O  O    . HOH C 3 .   ? -10.873 8.172   -7.391  1.00 50.09 ? 239 HOH A O    1 
HETATM 1499 H  H1   . HOH C 3 .   ? -11.095 8.739   -6.625  1.00 10.00 ? 239 HOH A H1   1 
HETATM 1500 H  H2   . HOH C 3 .   ? -11.143 8.714   -8.130  1.00 10.00 ? 239 HOH A H2   1 
HETATM 1501 O  O    . HOH C 3 .   ? -10.251 1.286   -5.349  1.00 39.56 ? 240 HOH A O    1 
HETATM 1502 H  H1   . HOH C 3 .   ? -11.149 1.609   -5.167  1.00 10.00 ? 240 HOH A H1   1 
HETATM 1503 H  H2   . HOH C 3 .   ? -9.836  1.999   -5.860  1.00 10.00 ? 240 HOH A H2   1 
HETATM 1504 O  O    . HOH C 3 .   ? -13.068 -6.517  3.731   1.00 48.45 ? 241 HOH A O    1 
HETATM 1505 H  H1   . HOH C 3 .   ? -12.199 -6.072  3.627   1.00 10.00 ? 241 HOH A H1   1 
HETATM 1506 H  H2   . HOH C 3 .   ? -12.985 -6.975  4.588   1.00 10.00 ? 241 HOH A H2   1 
HETATM 1507 O  O    . HOH C 3 .   ? -13.644 -7.482  6.158   1.00 36.06 ? 242 HOH A O    1 
HETATM 1508 H  H1   . HOH C 3 .   ? -14.581 -7.241  6.131   1.00 10.00 ? 242 HOH A H1   1 
HETATM 1509 H  H2   . HOH C 3 .   ? -13.280 -6.828  6.760   1.00 10.00 ? 242 HOH A H2   1 
HETATM 1510 O  O    . HOH C 3 .   ? -13.917 13.241  12.998  1.00 53.09 ? 243 HOH A O    1 
HETATM 1511 H  H1   . HOH C 3 .   ? -14.141 13.863  12.286  1.00 10.00 ? 243 HOH A H1   1 
HETATM 1512 H  H2   . HOH C 3 .   ? -14.681 13.290  13.575  1.00 10.00 ? 243 HOH A H2   1 
HETATM 1513 O  O    . HOH C 3 .   ? -12.938 1.801   -5.099  1.00 29.57 ? 244 HOH A O    1 
HETATM 1514 H  H1   . HOH C 3 .   ? -13.268 1.797   -6.011  1.00 10.00 ? 244 HOH A H1   1 
HETATM 1515 H  H2   . HOH C 3 .   ? -13.030 2.736   -4.858  1.00 10.00 ? 244 HOH A H2   1 
HETATM 1516 O  O    . HOH C 3 .   ? 2.650   -1.293  6.969   1.00 53.99 ? 245 HOH A O    1 
HETATM 1517 H  H1   . HOH C 3 .   ? 2.074   -1.391  7.738   1.00 10.00 ? 245 HOH A H1   1 
HETATM 1518 H  H2   . HOH C 3 .   ? 2.555   -0.365  6.742   1.00 10.00 ? 245 HOH A H2   1 
HETATM 1519 O  O    . HOH C 3 .   ? -11.000 13.673  7.943   1.00 56.59 ? 246 HOH A O    1 
HETATM 1520 H  H1   . HOH C 3 .   ? -10.880 13.643  6.999   1.00 10.00 ? 246 HOH A H1   1 
HETATM 1521 H  H2   . HOH C 3 .   ? -11.931 13.908  8.050   1.00 10.00 ? 246 HOH A H2   1 
# 
